data_7FUS
# 
_entry.id   7FUS 
# 
_audit_conform.dict_name       mmcif_pdbx.dic 
_audit_conform.dict_version    5.392 
_audit_conform.dict_location   http://mmcif.pdb.org/dictionaries/ascii/mmcif_pdbx.dic 
# 
loop_
_database_2.database_id 
_database_2.database_code 
_database_2.pdbx_database_accession 
_database_2.pdbx_DOI 
PDB   7FUS         pdb_00007fus 10.2210/pdb7fus/pdb 
WWPDB D_1001405373 ?            ?                   
# 
loop_
_pdbx_audit_revision_history.ordinal 
_pdbx_audit_revision_history.data_content_type 
_pdbx_audit_revision_history.major_revision 
_pdbx_audit_revision_history.minor_revision 
_pdbx_audit_revision_history.revision_date 
1 'Structure model' 1 0 2023-03-29 
2 'Structure model' 1 1 2024-05-22 
# 
_pdbx_audit_revision_details.ordinal             1 
_pdbx_audit_revision_details.revision_ordinal    1 
_pdbx_audit_revision_details.data_content_type   'Structure model' 
_pdbx_audit_revision_details.provider            repository 
_pdbx_audit_revision_details.type                'Initial release' 
_pdbx_audit_revision_details.description         ? 
_pdbx_audit_revision_details.details             ? 
# 
_pdbx_audit_revision_group.ordinal             1 
_pdbx_audit_revision_group.revision_ordinal    2 
_pdbx_audit_revision_group.data_content_type   'Structure model' 
_pdbx_audit_revision_group.group               'Data collection' 
# 
loop_
_pdbx_audit_revision_category.ordinal 
_pdbx_audit_revision_category.revision_ordinal 
_pdbx_audit_revision_category.data_content_type 
_pdbx_audit_revision_category.category 
1 2 'Structure model' chem_comp_atom 
2 2 'Structure model' chem_comp_bond 
# 
_pdbx_database_status.entry_id                        7FUS 
_pdbx_database_status.status_code                     REL 
_pdbx_database_status.status_code_sf                  REL 
_pdbx_database_status.status_code_mr                  ? 
_pdbx_database_status.status_code_cs                  ? 
_pdbx_database_status.recvd_initial_deposition_date   2023-03-09 
_pdbx_database_status.status_code_nmr_data            ? 
_pdbx_database_status.deposit_site                    RCSB 
_pdbx_database_status.process_site                    RCSB 
_pdbx_database_status.SG_entry                        ? 
_pdbx_database_status.pdb_format_compatible           Y 
_pdbx_database_status.methods_development_category    ? 
# 
_pdbx_contact_author.id                 1 
_pdbx_contact_author.email              frank.von-delft@diamond.ac.uk 
_pdbx_contact_author.name_first         Frank 
_pdbx_contact_author.name_last          'von Delft' 
_pdbx_contact_author.role               'principal investigator/group leader' 
_pdbx_contact_author.identifier_ORCID   0000-0003-0378-0017 
_pdbx_contact_author.name_mi            ? 
# 
loop_
_audit_author.name 
_audit_author.pdbx_ordinal 
'Grosjean, H.'   1 
'Tomlinson, C.'  2 
'Bradshaw, W.J.' 3 
'Koekemoer, L.'  4 
'Krojer, T.'     5 
'Fearon, D.'     6 
'Biggin, P.C.'   7 
'von Delft, F.'  8 
# 
_citation.id                        primary 
_citation.title                     'PanDDA analysis group deposition' 
_citation.journal_abbrev            'To Be Published' 
_citation.journal_volume            ? 
_citation.page_first                ? 
_citation.page_last                 ? 
_citation.year                      ? 
_citation.journal_id_ASTM           ? 
_citation.country                   ? 
_citation.journal_id_ISSN           ? 
_citation.journal_id_CSD            0353 
_citation.book_publisher            ? 
_citation.pdbx_database_id_PubMed   ? 
_citation.pdbx_database_id_DOI      ? 
# 
loop_
_citation_author.citation_id 
_citation_author.name 
_citation_author.identifier_ORCID 
_citation_author.ordinal 
primary 'Grosjean, H.'   ? 1 
primary 'Tomlinson, C.'  ? 2 
primary 'Bradshaw, W.J.' ? 3 
primary 'Koekemoer, L.'  ? 4 
primary 'Krojer, T.'     ? 5 
primary 'Fearon, D.'     ? 6 
primary 'Biggin, P.C.'   ? 7 
primary 'von Delft, F.'  ? 8 
# 
loop_
_entity.id 
_entity.type 
_entity.src_method 
_entity.pdbx_description 
_entity.formula_weight 
_entity.pdbx_number_of_molecules 
_entity.pdbx_ec 
_entity.pdbx_mutation 
_entity.pdbx_fragment 
_entity.details 
1 polymer     man 'PH-interacting protein'                                          17627.859 1   ? ? ? ? 
2 non-polymer syn 'N-(2-chlorophenyl)-4-(furan-2-carbonyl)piperazine-1-carboxamide' 333.770   1   ? ? ? ? 
3 water       nat water                                                             18.015    214 ? ? ? ? 
# 
_entity_name_com.entity_id   1 
_entity_name_com.name        
'PHIP,DDB1- and CUL4-associated factor 14,IRS-1 PH domain-binding protein,WD repeat-containing protein 11' 
# 
_entity_poly.entity_id                      1 
_entity_poly.type                           'polypeptide(L)' 
_entity_poly.nstd_linkage                   no 
_entity_poly.nstd_monomer                   no 
_entity_poly.pdbx_seq_one_letter_code       
;MHHHHHHSSGVDLGTENLYFQSMSYDIQAWKKQCEELLNLIFQCEDSEPFRQPVDLLEYPDYRDIIDTPMDFATVRETLE
AGNYESPMELCKDVRLIFSNSKAYTPSKRSRIYSMSLRLSAFFEEHISSVLSDYKSALRFHKRNTITKR
;
_entity_poly.pdbx_seq_one_letter_code_can   
;MHHHHHHSSGVDLGTENLYFQSMSYDIQAWKKQCEELLNLIFQCEDSEPFRQPVDLLEYPDYRDIIDTPMDFATVRETLE
AGNYESPMELCKDVRLIFSNSKAYTPSKRSRIYSMSLRLSAFFEEHISSVLSDYKSALRFHKRNTITKR
;
_entity_poly.pdbx_strand_id                 A 
_entity_poly.pdbx_target_identifier         ? 
# 
loop_
_pdbx_entity_nonpoly.entity_id 
_pdbx_entity_nonpoly.name 
_pdbx_entity_nonpoly.comp_id 
2 'N-(2-chlorophenyl)-4-(furan-2-carbonyl)piperazine-1-carboxamide' ZIM 
3 water                                                             HOH 
# 
loop_
_entity_poly_seq.entity_id 
_entity_poly_seq.num 
_entity_poly_seq.mon_id 
_entity_poly_seq.hetero 
1 1   MET n 
1 2   HIS n 
1 3   HIS n 
1 4   HIS n 
1 5   HIS n 
1 6   HIS n 
1 7   HIS n 
1 8   SER n 
1 9   SER n 
1 10  GLY n 
1 11  VAL n 
1 12  ASP n 
1 13  LEU n 
1 14  GLY n 
1 15  THR n 
1 16  GLU n 
1 17  ASN n 
1 18  LEU n 
1 19  TYR n 
1 20  PHE n 
1 21  GLN n 
1 22  SER n 
1 23  MET n 
1 24  SER n 
1 25  TYR n 
1 26  ASP n 
1 27  ILE n 
1 28  GLN n 
1 29  ALA n 
1 30  TRP n 
1 31  LYS n 
1 32  LYS n 
1 33  GLN n 
1 34  CYS n 
1 35  GLU n 
1 36  GLU n 
1 37  LEU n 
1 38  LEU n 
1 39  ASN n 
1 40  LEU n 
1 41  ILE n 
1 42  PHE n 
1 43  GLN n 
1 44  CYS n 
1 45  GLU n 
1 46  ASP n 
1 47  SER n 
1 48  GLU n 
1 49  PRO n 
1 50  PHE n 
1 51  ARG n 
1 52  GLN n 
1 53  PRO n 
1 54  VAL n 
1 55  ASP n 
1 56  LEU n 
1 57  LEU n 
1 58  GLU n 
1 59  TYR n 
1 60  PRO n 
1 61  ASP n 
1 62  TYR n 
1 63  ARG n 
1 64  ASP n 
1 65  ILE n 
1 66  ILE n 
1 67  ASP n 
1 68  THR n 
1 69  PRO n 
1 70  MET n 
1 71  ASP n 
1 72  PHE n 
1 73  ALA n 
1 74  THR n 
1 75  VAL n 
1 76  ARG n 
1 77  GLU n 
1 78  THR n 
1 79  LEU n 
1 80  GLU n 
1 81  ALA n 
1 82  GLY n 
1 83  ASN n 
1 84  TYR n 
1 85  GLU n 
1 86  SER n 
1 87  PRO n 
1 88  MET n 
1 89  GLU n 
1 90  LEU n 
1 91  CYS n 
1 92  LYS n 
1 93  ASP n 
1 94  VAL n 
1 95  ARG n 
1 96  LEU n 
1 97  ILE n 
1 98  PHE n 
1 99  SER n 
1 100 ASN n 
1 101 SER n 
1 102 LYS n 
1 103 ALA n 
1 104 TYR n 
1 105 THR n 
1 106 PRO n 
1 107 SER n 
1 108 LYS n 
1 109 ARG n 
1 110 SER n 
1 111 ARG n 
1 112 ILE n 
1 113 TYR n 
1 114 SER n 
1 115 MET n 
1 116 SER n 
1 117 LEU n 
1 118 ARG n 
1 119 LEU n 
1 120 SER n 
1 121 ALA n 
1 122 PHE n 
1 123 PHE n 
1 124 GLU n 
1 125 GLU n 
1 126 HIS n 
1 127 ILE n 
1 128 SER n 
1 129 SER n 
1 130 VAL n 
1 131 LEU n 
1 132 SER n 
1 133 ASP n 
1 134 TYR n 
1 135 LYS n 
1 136 SER n 
1 137 ALA n 
1 138 LEU n 
1 139 ARG n 
1 140 PHE n 
1 141 HIS n 
1 142 LYS n 
1 143 ARG n 
1 144 ASN n 
1 145 THR n 
1 146 ILE n 
1 147 THR n 
1 148 LYS n 
1 149 ARG n 
# 
_entity_src_gen.entity_id                          1 
_entity_src_gen.pdbx_src_id                        1 
_entity_src_gen.pdbx_alt_source_flag               sample 
_entity_src_gen.pdbx_seq_type                      'Biological sequence' 
_entity_src_gen.pdbx_beg_seq_num                   1 
_entity_src_gen.pdbx_end_seq_num                   149 
_entity_src_gen.gene_src_common_name               human 
_entity_src_gen.gene_src_genus                     ? 
_entity_src_gen.pdbx_gene_src_gene                 'PHIP, DCAF14, WDR11' 
_entity_src_gen.gene_src_species                   ? 
_entity_src_gen.gene_src_strain                    ? 
_entity_src_gen.gene_src_tissue                    ? 
_entity_src_gen.gene_src_tissue_fraction           ? 
_entity_src_gen.gene_src_details                   ? 
_entity_src_gen.pdbx_gene_src_fragment             ? 
_entity_src_gen.pdbx_gene_src_scientific_name      'Homo sapiens' 
_entity_src_gen.pdbx_gene_src_ncbi_taxonomy_id     9606 
_entity_src_gen.pdbx_gene_src_variant              ? 
_entity_src_gen.pdbx_gene_src_cell_line            ? 
_entity_src_gen.pdbx_gene_src_atcc                 ? 
_entity_src_gen.pdbx_gene_src_organ                ? 
_entity_src_gen.pdbx_gene_src_organelle            ? 
_entity_src_gen.pdbx_gene_src_cell                 ? 
_entity_src_gen.pdbx_gene_src_cellular_location    ? 
_entity_src_gen.host_org_common_name               ? 
_entity_src_gen.pdbx_host_org_scientific_name      'Escherichia coli' 
_entity_src_gen.pdbx_host_org_ncbi_taxonomy_id     562 
_entity_src_gen.host_org_genus                     ? 
_entity_src_gen.pdbx_host_org_gene                 ? 
_entity_src_gen.pdbx_host_org_organ                ? 
_entity_src_gen.host_org_species                   ? 
_entity_src_gen.pdbx_host_org_tissue               ? 
_entity_src_gen.pdbx_host_org_tissue_fraction      ? 
_entity_src_gen.pdbx_host_org_strain               ? 
_entity_src_gen.pdbx_host_org_variant              ? 
_entity_src_gen.pdbx_host_org_cell_line            ? 
_entity_src_gen.pdbx_host_org_atcc                 ? 
_entity_src_gen.pdbx_host_org_culture_collection   ? 
_entity_src_gen.pdbx_host_org_cell                 ? 
_entity_src_gen.pdbx_host_org_organelle            ? 
_entity_src_gen.pdbx_host_org_cellular_location    ? 
_entity_src_gen.pdbx_host_org_vector_type          ? 
_entity_src_gen.pdbx_host_org_vector               ? 
_entity_src_gen.host_org_details                   ? 
_entity_src_gen.expression_system_id               ? 
_entity_src_gen.plasmid_name                       ? 
_entity_src_gen.plasmid_details                    ? 
_entity_src_gen.pdbx_description                   ? 
# 
loop_
_chem_comp.id 
_chem_comp.type 
_chem_comp.mon_nstd_flag 
_chem_comp.name 
_chem_comp.pdbx_synonyms 
_chem_comp.formula 
_chem_comp.formula_weight 
ALA 'L-peptide linking' y ALANINE                                                           ? 'C3 H7 N O2'       89.093  
ARG 'L-peptide linking' y ARGININE                                                          ? 'C6 H15 N4 O2 1'   175.209 
ASN 'L-peptide linking' y ASPARAGINE                                                        ? 'C4 H8 N2 O3'      132.118 
ASP 'L-peptide linking' y 'ASPARTIC ACID'                                                   ? 'C4 H7 N O4'       133.103 
CYS 'L-peptide linking' y CYSTEINE                                                          ? 'C3 H7 N O2 S'     121.158 
GLN 'L-peptide linking' y GLUTAMINE                                                         ? 'C5 H10 N2 O3'     146.144 
GLU 'L-peptide linking' y 'GLUTAMIC ACID'                                                   ? 'C5 H9 N O4'       147.129 
GLY 'peptide linking'   y GLYCINE                                                           ? 'C2 H5 N O2'       75.067  
HIS 'L-peptide linking' y HISTIDINE                                                         ? 'C6 H10 N3 O2 1'   156.162 
HOH non-polymer         . WATER                                                             ? 'H2 O'             18.015  
ILE 'L-peptide linking' y ISOLEUCINE                                                        ? 'C6 H13 N O2'      131.173 
LEU 'L-peptide linking' y LEUCINE                                                           ? 'C6 H13 N O2'      131.173 
LYS 'L-peptide linking' y LYSINE                                                            ? 'C6 H15 N2 O2 1'   147.195 
MET 'L-peptide linking' y METHIONINE                                                        ? 'C5 H11 N O2 S'    149.211 
PHE 'L-peptide linking' y PHENYLALANINE                                                     ? 'C9 H11 N O2'      165.189 
PRO 'L-peptide linking' y PROLINE                                                           ? 'C5 H9 N O2'       115.130 
SER 'L-peptide linking' y SERINE                                                            ? 'C3 H7 N O3'       105.093 
THR 'L-peptide linking' y THREONINE                                                         ? 'C4 H9 N O3'       119.119 
TRP 'L-peptide linking' y TRYPTOPHAN                                                        ? 'C11 H12 N2 O2'    204.225 
TYR 'L-peptide linking' y TYROSINE                                                          ? 'C9 H11 N O3'      181.189 
VAL 'L-peptide linking' y VALINE                                                            ? 'C5 H11 N O2'      117.146 
ZIM non-polymer         . 'N-(2-chlorophenyl)-4-(furan-2-carbonyl)piperazine-1-carboxamide' ? 'C16 H16 Cl N3 O3' 333.770 
# 
loop_
_pdbx_poly_seq_scheme.asym_id 
_pdbx_poly_seq_scheme.entity_id 
_pdbx_poly_seq_scheme.seq_id 
_pdbx_poly_seq_scheme.mon_id 
_pdbx_poly_seq_scheme.ndb_seq_num 
_pdbx_poly_seq_scheme.pdb_seq_num 
_pdbx_poly_seq_scheme.auth_seq_num 
_pdbx_poly_seq_scheme.pdb_mon_id 
_pdbx_poly_seq_scheme.auth_mon_id 
_pdbx_poly_seq_scheme.pdb_strand_id 
_pdbx_poly_seq_scheme.pdb_ins_code 
_pdbx_poly_seq_scheme.hetero 
A 1 1   MET 1   1292 ?    ?   ?   A . n 
A 1 2   HIS 2   1293 ?    ?   ?   A . n 
A 1 3   HIS 3   1294 ?    ?   ?   A . n 
A 1 4   HIS 4   1295 ?    ?   ?   A . n 
A 1 5   HIS 5   1296 ?    ?   ?   A . n 
A 1 6   HIS 6   1297 ?    ?   ?   A . n 
A 1 7   HIS 7   1298 ?    ?   ?   A . n 
A 1 8   SER 8   1299 ?    ?   ?   A . n 
A 1 9   SER 9   1300 ?    ?   ?   A . n 
A 1 10  GLY 10  1301 ?    ?   ?   A . n 
A 1 11  VAL 11  1302 ?    ?   ?   A . n 
A 1 12  ASP 12  1303 ?    ?   ?   A . n 
A 1 13  LEU 13  1304 ?    ?   ?   A . n 
A 1 14  GLY 14  1305 ?    ?   ?   A . n 
A 1 15  THR 15  1306 ?    ?   ?   A . n 
A 1 16  GLU 16  1307 ?    ?   ?   A . n 
A 1 17  ASN 17  1308 ?    ?   ?   A . n 
A 1 18  LEU 18  1309 ?    ?   ?   A . n 
A 1 19  TYR 19  1310 ?    ?   ?   A . n 
A 1 20  PHE 20  1311 ?    ?   ?   A . n 
A 1 21  GLN 21  1312 ?    ?   ?   A . n 
A 1 22  SER 22  1313 ?    ?   ?   A . n 
A 1 23  MET 23  1314 ?    ?   ?   A . n 
A 1 24  SER 24  1315 1315 SER SER A . n 
A 1 25  TYR 25  1316 1316 TYR TYR A . n 
A 1 26  ASP 26  1317 1317 ASP ASP A . n 
A 1 27  ILE 27  1318 1318 ILE ILE A . n 
A 1 28  GLN 28  1319 1319 GLN GLN A . n 
A 1 29  ALA 29  1320 1320 ALA ALA A . n 
A 1 30  TRP 30  1321 1321 TRP TRP A . n 
A 1 31  LYS 31  1322 1322 LYS LYS A . n 
A 1 32  LYS 32  1323 1323 LYS LYS A . n 
A 1 33  GLN 33  1324 1324 GLN GLN A . n 
A 1 34  CYS 34  1325 1325 CYS CYS A . n 
A 1 35  GLU 35  1326 1326 GLU GLU A . n 
A 1 36  GLU 36  1327 1327 GLU GLU A . n 
A 1 37  LEU 37  1328 1328 LEU LEU A . n 
A 1 38  LEU 38  1329 1329 LEU LEU A . n 
A 1 39  ASN 39  1330 1330 ASN ASN A . n 
A 1 40  LEU 40  1331 1331 LEU LEU A . n 
A 1 41  ILE 41  1332 1332 ILE ILE A . n 
A 1 42  PHE 42  1333 1333 PHE PHE A . n 
A 1 43  GLN 43  1334 1334 GLN GLN A . n 
A 1 44  CYS 44  1335 1335 CYS CYS A . n 
A 1 45  GLU 45  1336 1336 GLU GLU A . n 
A 1 46  ASP 46  1337 1337 ASP ASP A . n 
A 1 47  SER 47  1338 1338 SER SER A . n 
A 1 48  GLU 48  1339 1339 GLU GLU A . n 
A 1 49  PRO 49  1340 1340 PRO PRO A . n 
A 1 50  PHE 50  1341 1341 PHE PHE A . n 
A 1 51  ARG 51  1342 1342 ARG ARG A . n 
A 1 52  GLN 52  1343 1343 GLN GLN A . n 
A 1 53  PRO 53  1344 1344 PRO PRO A . n 
A 1 54  VAL 54  1345 1345 VAL VAL A . n 
A 1 55  ASP 55  1346 1346 ASP ASP A . n 
A 1 56  LEU 56  1347 1347 LEU LEU A . n 
A 1 57  LEU 57  1348 1348 LEU LEU A . n 
A 1 58  GLU 58  1349 1349 GLU GLU A . n 
A 1 59  TYR 59  1350 1350 TYR TYR A . n 
A 1 60  PRO 60  1351 1351 PRO PRO A . n 
A 1 61  ASP 61  1352 1352 ASP ASP A . n 
A 1 62  TYR 62  1353 1353 TYR TYR A . n 
A 1 63  ARG 63  1354 1354 ARG ARG A . n 
A 1 64  ASP 64  1355 1355 ASP ASP A . n 
A 1 65  ILE 65  1356 1356 ILE ILE A . n 
A 1 66  ILE 66  1357 1357 ILE ILE A . n 
A 1 67  ASP 67  1358 1358 ASP ASP A . n 
A 1 68  THR 68  1359 1359 THR THR A . n 
A 1 69  PRO 69  1360 1360 PRO PRO A . n 
A 1 70  MET 70  1361 1361 MET MET A . n 
A 1 71  ASP 71  1362 1362 ASP ASP A . n 
A 1 72  PHE 72  1363 1363 PHE PHE A . n 
A 1 73  ALA 73  1364 1364 ALA ALA A . n 
A 1 74  THR 74  1365 1365 THR THR A . n 
A 1 75  VAL 75  1366 1366 VAL VAL A . n 
A 1 76  ARG 76  1367 1367 ARG ARG A . n 
A 1 77  GLU 77  1368 1368 GLU GLU A . n 
A 1 78  THR 78  1369 1369 THR THR A . n 
A 1 79  LEU 79  1370 1370 LEU LEU A . n 
A 1 80  GLU 80  1371 1371 GLU GLU A . n 
A 1 81  ALA 81  1372 1372 ALA ALA A . n 
A 1 82  GLY 82  1373 1373 GLY GLY A . n 
A 1 83  ASN 83  1374 1374 ASN ASN A . n 
A 1 84  TYR 84  1375 1375 TYR TYR A . n 
A 1 85  GLU 85  1376 1376 GLU GLU A . n 
A 1 86  SER 86  1377 1377 SER SER A . n 
A 1 87  PRO 87  1378 1378 PRO PRO A . n 
A 1 88  MET 88  1379 1379 MET MET A . n 
A 1 89  GLU 89  1380 1380 GLU GLU A . n 
A 1 90  LEU 90  1381 1381 LEU LEU A . n 
A 1 91  CYS 91  1382 1382 CYS CYS A . n 
A 1 92  LYS 92  1383 1383 LYS LYS A . n 
A 1 93  ASP 93  1384 1384 ASP ASP A . n 
A 1 94  VAL 94  1385 1385 VAL VAL A . n 
A 1 95  ARG 95  1386 1386 ARG ARG A . n 
A 1 96  LEU 96  1387 1387 LEU LEU A . n 
A 1 97  ILE 97  1388 1388 ILE ILE A . n 
A 1 98  PHE 98  1389 1389 PHE PHE A . n 
A 1 99  SER 99  1390 1390 SER SER A . n 
A 1 100 ASN 100 1391 1391 ASN ASN A . n 
A 1 101 SER 101 1392 1392 SER SER A . n 
A 1 102 LYS 102 1393 1393 LYS LYS A . n 
A 1 103 ALA 103 1394 1394 ALA ALA A . n 
A 1 104 TYR 104 1395 1395 TYR TYR A . n 
A 1 105 THR 105 1396 1396 THR THR A . n 
A 1 106 PRO 106 1397 1397 PRO PRO A . n 
A 1 107 SER 107 1398 1398 SER SER A . n 
A 1 108 LYS 108 1399 1399 LYS LYS A . n 
A 1 109 ARG 109 1400 1400 ARG ARG A . n 
A 1 110 SER 110 1401 1401 SER SER A . n 
A 1 111 ARG 111 1402 1402 ARG ARG A . n 
A 1 112 ILE 112 1403 1403 ILE ILE A . n 
A 1 113 TYR 113 1404 1404 TYR TYR A . n 
A 1 114 SER 114 1405 1405 SER SER A . n 
A 1 115 MET 115 1406 1406 MET MET A . n 
A 1 116 SER 116 1407 1407 SER SER A . n 
A 1 117 LEU 117 1408 1408 LEU LEU A . n 
A 1 118 ARG 118 1409 1409 ARG ARG A . n 
A 1 119 LEU 119 1410 1410 LEU LEU A . n 
A 1 120 SER 120 1411 1411 SER SER A . n 
A 1 121 ALA 121 1412 1412 ALA ALA A . n 
A 1 122 PHE 122 1413 1413 PHE PHE A . n 
A 1 123 PHE 123 1414 1414 PHE PHE A . n 
A 1 124 GLU 124 1415 1415 GLU GLU A . n 
A 1 125 GLU 125 1416 1416 GLU GLU A . n 
A 1 126 HIS 126 1417 1417 HIS HIS A . n 
A 1 127 ILE 127 1418 1418 ILE ILE A . n 
A 1 128 SER 128 1419 1419 SER SER A . n 
A 1 129 SER 129 1420 1420 SER SER A . n 
A 1 130 VAL 130 1421 1421 VAL VAL A . n 
A 1 131 LEU 131 1422 1422 LEU LEU A . n 
A 1 132 SER 132 1423 1423 SER SER A . n 
A 1 133 ASP 133 1424 1424 ASP ASP A . n 
A 1 134 TYR 134 1425 1425 TYR TYR A . n 
A 1 135 LYS 135 1426 1426 LYS LYS A . n 
A 1 136 SER 136 1427 1427 SER SER A . n 
A 1 137 ALA 137 1428 1428 ALA ALA A . n 
A 1 138 LEU 138 1429 1429 LEU LEU A . n 
A 1 139 ARG 139 1430 1430 ARG ARG A . n 
A 1 140 PHE 140 1431 1431 PHE PHE A . n 
A 1 141 HIS 141 1432 1432 HIS HIS A . n 
A 1 142 LYS 142 1433 1433 LYS LYS A . n 
A 1 143 ARG 143 1434 1434 ARG ARG A . n 
A 1 144 ASN 144 1435 1435 ASN ASN A . n 
A 1 145 THR 145 1436 ?    ?   ?   A . n 
A 1 146 ILE 146 1437 ?    ?   ?   A . n 
A 1 147 THR 147 1438 ?    ?   ?   A . n 
A 1 148 LYS 148 1439 ?    ?   ?   A . n 
A 1 149 ARG 149 1440 ?    ?   ?   A . n 
# 
loop_
_pdbx_nonpoly_scheme.asym_id 
_pdbx_nonpoly_scheme.entity_id 
_pdbx_nonpoly_scheme.mon_id 
_pdbx_nonpoly_scheme.ndb_seq_num 
_pdbx_nonpoly_scheme.pdb_seq_num 
_pdbx_nonpoly_scheme.auth_seq_num 
_pdbx_nonpoly_scheme.pdb_mon_id 
_pdbx_nonpoly_scheme.auth_mon_id 
_pdbx_nonpoly_scheme.pdb_strand_id 
_pdbx_nonpoly_scheme.pdb_ins_code 
B 2 ZIM 1   1901 1901 ZIM LIG A . 
C 3 HOH 1   2001 32   HOH HOH A . 
C 3 HOH 2   2002 1757 HOH HOH A . 
C 3 HOH 3   2003 3    HOH HOH A . 
C 3 HOH 4   2004 1662 HOH HOH A . 
C 3 HOH 5   2005 1613 HOH HOH A . 
C 3 HOH 6   2006 1771 HOH HOH A . 
C 3 HOH 7   2007 21   HOH HOH A . 
C 3 HOH 8   2008 16   HOH HOH A . 
C 3 HOH 9   2009 1638 HOH HOH A . 
C 3 HOH 10  2010 1605 HOH HOH A . 
C 3 HOH 11  2011 23   HOH HOH A . 
C 3 HOH 12  2012 1642 HOH HOH A . 
C 3 HOH 13  2013 1739 HOH HOH A . 
C 3 HOH 14  2014 1607 HOH HOH A . 
C 3 HOH 15  2015 2    HOH HOH A . 
C 3 HOH 16  2016 1712 HOH HOH A . 
C 3 HOH 17  2017 1676 HOH HOH A . 
C 3 HOH 18  2018 1608 HOH HOH A . 
C 3 HOH 19  2019 1602 HOH HOH A . 
C 3 HOH 20  2020 1609 HOH HOH A . 
C 3 HOH 21  2021 1750 HOH HOH A . 
C 3 HOH 22  2022 26   HOH HOH A . 
C 3 HOH 23  2023 22   HOH HOH A . 
C 3 HOH 24  2024 1615 HOH HOH A . 
C 3 HOH 25  2025 1622 HOH HOH A . 
C 3 HOH 26  2026 1603 HOH HOH A . 
C 3 HOH 27  2027 1629 HOH HOH A . 
C 3 HOH 28  2028 1624 HOH HOH A . 
C 3 HOH 29  2029 1610 HOH HOH A . 
C 3 HOH 30  2030 19   HOH HOH A . 
C 3 HOH 31  2031 1732 HOH HOH A . 
C 3 HOH 32  2032 1633 HOH HOH A . 
C 3 HOH 33  2033 1626 HOH HOH A . 
C 3 HOH 34  2034 1630 HOH HOH A . 
C 3 HOH 35  2035 1620 HOH HOH A . 
C 3 HOH 36  2036 1612 HOH HOH A . 
C 3 HOH 37  2037 1616 HOH HOH A . 
C 3 HOH 38  2038 1628 HOH HOH A . 
C 3 HOH 39  2039 1664 HOH HOH A . 
C 3 HOH 40  2040 6    HOH HOH A . 
C 3 HOH 41  2041 1669 HOH HOH A . 
C 3 HOH 42  2042 1658 HOH HOH A . 
C 3 HOH 43  2043 1767 HOH HOH A . 
C 3 HOH 44  2044 1632 HOH HOH A . 
C 3 HOH 45  2045 1733 HOH HOH A . 
C 3 HOH 46  2046 36   HOH HOH A . 
C 3 HOH 47  2047 1625 HOH HOH A . 
C 3 HOH 48  2048 1634 HOH HOH A . 
C 3 HOH 49  2049 1617 HOH HOH A . 
C 3 HOH 50  2050 1645 HOH HOH A . 
C 3 HOH 51  2051 1692 HOH HOH A . 
C 3 HOH 52  2052 1677 HOH HOH A . 
C 3 HOH 53  2053 13   HOH HOH A . 
C 3 HOH 54  2054 1668 HOH HOH A . 
C 3 HOH 55  2055 1673 HOH HOH A . 
C 3 HOH 56  2056 1604 HOH HOH A . 
C 3 HOH 57  2057 1663 HOH HOH A . 
C 3 HOH 58  2058 1693 HOH HOH A . 
C 3 HOH 59  2059 1655 HOH HOH A . 
C 3 HOH 60  2060 1674 HOH HOH A . 
C 3 HOH 61  2061 1643 HOH HOH A . 
C 3 HOH 62  2062 1646 HOH HOH A . 
C 3 HOH 63  2063 1644 HOH HOH A . 
C 3 HOH 64  2064 1650 HOH HOH A . 
C 3 HOH 65  2065 1666 HOH HOH A . 
C 3 HOH 66  2066 1672 HOH HOH A . 
C 3 HOH 67  2067 1619 HOH HOH A . 
C 3 HOH 68  2068 1623 HOH HOH A . 
C 3 HOH 69  2069 1671 HOH HOH A . 
C 3 HOH 70  2070 1684 HOH HOH A . 
C 3 HOH 71  2071 1687 HOH HOH A . 
C 3 HOH 72  2072 1660 HOH HOH A . 
C 3 HOH 73  2073 1679 HOH HOH A . 
C 3 HOH 74  2074 1652 HOH HOH A . 
C 3 HOH 75  2075 1682 HOH HOH A . 
C 3 HOH 76  2076 14   HOH HOH A . 
C 3 HOH 77  2077 1678 HOH HOH A . 
C 3 HOH 78  2078 1683 HOH HOH A . 
C 3 HOH 79  2079 1688 HOH HOH A . 
C 3 HOH 80  2080 1689 HOH HOH A . 
C 3 HOH 81  2081 1702 HOH HOH A . 
C 3 HOH 82  2082 1740 HOH HOH A . 
C 3 HOH 83  2083 1738 HOH HOH A . 
C 3 HOH 84  2084 1680 HOH HOH A . 
C 3 HOH 85  2085 33   HOH HOH A . 
C 3 HOH 86  2086 1700 HOH HOH A . 
C 3 HOH 87  2087 1725 HOH HOH A . 
C 3 HOH 88  2088 1723 HOH HOH A . 
C 3 HOH 89  2089 1651 HOH HOH A . 
C 3 HOH 90  2090 29   HOH HOH A . 
C 3 HOH 91  2091 1699 HOH HOH A . 
C 3 HOH 92  2092 1741 HOH HOH A . 
C 3 HOH 93  2093 1701 HOH HOH A . 
C 3 HOH 94  2094 1681 HOH HOH A . 
C 3 HOH 95  2095 37   HOH HOH A . 
C 3 HOH 96  2096 1661 HOH HOH A . 
C 3 HOH 97  2097 1675 HOH HOH A . 
C 3 HOH 98  2098 1686 HOH HOH A . 
C 3 HOH 99  2099 1690 HOH HOH A . 
C 3 HOH 100 2100 1734 HOH HOH A . 
C 3 HOH 101 2101 1637 HOH HOH A . 
C 3 HOH 102 2102 1696 HOH HOH A . 
C 3 HOH 103 2103 1694 HOH HOH A . 
C 3 HOH 104 2104 1714 HOH HOH A . 
C 3 HOH 105 2105 1647 HOH HOH A . 
C 3 HOH 106 2106 1665 HOH HOH A . 
C 3 HOH 107 2107 1711 HOH HOH A . 
C 3 HOH 108 2108 1706 HOH HOH A . 
C 3 HOH 109 2109 4    HOH HOH A . 
C 3 HOH 110 2110 1721 HOH HOH A . 
C 3 HOH 111 2111 1720 HOH HOH A . 
C 3 HOH 112 2112 1685 HOH HOH A . 
C 3 HOH 113 2113 1621 HOH HOH A . 
C 3 HOH 114 2114 15   HOH HOH A . 
C 3 HOH 115 2115 1719 HOH HOH A . 
C 3 HOH 116 2116 1627 HOH HOH A . 
C 3 HOH 117 2117 1709 HOH HOH A . 
C 3 HOH 118 2118 1697 HOH HOH A . 
C 3 HOH 119 2119 1713 HOH HOH A . 
C 3 HOH 120 2120 42   HOH HOH A . 
C 3 HOH 121 2121 1708 HOH HOH A . 
C 3 HOH 122 2122 1640 HOH HOH A . 
C 3 HOH 123 2123 1729 HOH HOH A . 
C 3 HOH 124 2124 1710 HOH HOH A . 
C 3 HOH 125 2125 1801 HOH HOH A . 
C 3 HOH 126 2126 11   HOH HOH A . 
C 3 HOH 127 2127 1728 HOH HOH A . 
C 3 HOH 128 2128 1648 HOH HOH A . 
C 3 HOH 129 2129 1657 HOH HOH A . 
C 3 HOH 130 2130 1715 HOH HOH A . 
C 3 HOH 131 2131 12   HOH HOH A . 
C 3 HOH 132 2132 1730 HOH HOH A . 
C 3 HOH 133 2133 1667 HOH HOH A . 
C 3 HOH 134 2134 18   HOH HOH A . 
C 3 HOH 135 2135 1737 HOH HOH A . 
C 3 HOH 136 2136 1724 HOH HOH A . 
C 3 HOH 137 2137 1736 HOH HOH A . 
C 3 HOH 138 2138 1716 HOH HOH A . 
C 3 HOH 139 2139 1722 HOH HOH A . 
C 3 HOH 140 2140 1744 HOH HOH A . 
C 3 HOH 141 2141 1703 HOH HOH A . 
C 3 HOH 142 2142 1611 HOH HOH A . 
C 3 HOH 143 2143 35   HOH HOH A . 
C 3 HOH 144 2144 1773 HOH HOH A . 
C 3 HOH 145 2145 1726 HOH HOH A . 
C 3 HOH 146 2146 20   HOH HOH A . 
C 3 HOH 147 2147 1727 HOH HOH A . 
C 3 HOH 148 2148 39   HOH HOH A . 
C 3 HOH 149 2149 30   HOH HOH A . 
C 3 HOH 150 2150 27   HOH HOH A . 
C 3 HOH 151 2151 1656 HOH HOH A . 
C 3 HOH 152 2152 1748 HOH HOH A . 
C 3 HOH 153 2153 1747 HOH HOH A . 
C 3 HOH 154 2154 1704 HOH HOH A . 
C 3 HOH 155 2155 1742 HOH HOH A . 
C 3 HOH 156 2156 1752 HOH HOH A . 
C 3 HOH 157 2157 1756 HOH HOH A . 
C 3 HOH 158 2158 1751 HOH HOH A . 
C 3 HOH 159 2159 1772 HOH HOH A . 
C 3 HOH 160 2160 1753 HOH HOH A . 
C 3 HOH 161 2161 43   HOH HOH A . 
C 3 HOH 162 2162 1795 HOH HOH A . 
C 3 HOH 163 2163 1754 HOH HOH A . 
C 3 HOH 164 2164 1755 HOH HOH A . 
C 3 HOH 165 2165 1743 HOH HOH A . 
C 3 HOH 166 2166 1763 HOH HOH A . 
C 3 HOH 167 2167 1769 HOH HOH A . 
C 3 HOH 168 2168 1    HOH HOH A . 
C 3 HOH 169 2169 1759 HOH HOH A . 
C 3 HOH 170 2170 1766 HOH HOH A . 
C 3 HOH 171 2171 1731 HOH HOH A . 
C 3 HOH 172 2172 17   HOH HOH A . 
C 3 HOH 173 2173 1762 HOH HOH A . 
C 3 HOH 174 2174 1768 HOH HOH A . 
C 3 HOH 175 2175 1758 HOH HOH A . 
C 3 HOH 176 2176 1765 HOH HOH A . 
C 3 HOH 177 2177 1770 HOH HOH A . 
C 3 HOH 178 2178 1779 HOH HOH A . 
C 3 HOH 179 2179 1777 HOH HOH A . 
C 3 HOH 180 2180 1764 HOH HOH A . 
C 3 HOH 181 2181 1784 HOH HOH A . 
C 3 HOH 182 2182 1783 HOH HOH A . 
C 3 HOH 183 2183 1796 HOH HOH A . 
C 3 HOH 184 2184 38   HOH HOH A . 
C 3 HOH 185 2185 24   HOH HOH A . 
C 3 HOH 186 2186 41   HOH HOH A . 
C 3 HOH 187 2187 1786 HOH HOH A . 
C 3 HOH 188 2188 25   HOH HOH A . 
C 3 HOH 189 2189 1778 HOH HOH A . 
C 3 HOH 190 2190 40   HOH HOH A . 
C 3 HOH 191 2191 1781 HOH HOH A . 
C 3 HOH 192 2192 1760 HOH HOH A . 
C 3 HOH 193 2193 1775 HOH HOH A . 
C 3 HOH 194 2194 1785 HOH HOH A . 
C 3 HOH 195 2195 1782 HOH HOH A . 
C 3 HOH 196 2196 1774 HOH HOH A . 
C 3 HOH 197 2197 1789 HOH HOH A . 
C 3 HOH 198 2198 1787 HOH HOH A . 
C 3 HOH 199 2199 31   HOH HOH A . 
C 3 HOH 200 2200 1780 HOH HOH A . 
C 3 HOH 201 2201 1791 HOH HOH A . 
C 3 HOH 202 2202 1761 HOH HOH A . 
C 3 HOH 203 2203 1788 HOH HOH A . 
C 3 HOH 204 2204 28   HOH HOH A . 
C 3 HOH 205 2205 1790 HOH HOH A . 
C 3 HOH 206 2206 1794 HOH HOH A . 
C 3 HOH 207 2207 5    HOH HOH A . 
C 3 HOH 208 2208 1792 HOH HOH A . 
C 3 HOH 209 2209 9    HOH HOH A . 
C 3 HOH 210 2210 1793 HOH HOH A . 
C 3 HOH 211 2211 1798 HOH HOH A . 
C 3 HOH 212 2212 1797 HOH HOH A . 
C 3 HOH 213 2213 1799 HOH HOH A . 
C 3 HOH 214 2214 1800 HOH HOH A . 
# 
loop_
_pdbx_unobs_or_zero_occ_atoms.id 
_pdbx_unobs_or_zero_occ_atoms.PDB_model_num 
_pdbx_unobs_or_zero_occ_atoms.polymer_flag 
_pdbx_unobs_or_zero_occ_atoms.occupancy_flag 
_pdbx_unobs_or_zero_occ_atoms.auth_asym_id 
_pdbx_unobs_or_zero_occ_atoms.auth_comp_id 
_pdbx_unobs_or_zero_occ_atoms.auth_seq_id 
_pdbx_unobs_or_zero_occ_atoms.PDB_ins_code 
_pdbx_unobs_or_zero_occ_atoms.auth_atom_id 
_pdbx_unobs_or_zero_occ_atoms.label_alt_id 
_pdbx_unobs_or_zero_occ_atoms.label_asym_id 
_pdbx_unobs_or_zero_occ_atoms.label_comp_id 
_pdbx_unobs_or_zero_occ_atoms.label_seq_id 
_pdbx_unobs_or_zero_occ_atoms.label_atom_id 
1 1 Y 1 A GLN 1334 ? CD  ? A GLN 43 CD  
2 1 Y 1 A GLN 1334 ? OE1 ? A GLN 43 OE1 
3 1 Y 1 A GLN 1334 ? NE2 ? A GLN 43 NE2 
# 
loop_
_software.pdbx_ordinal 
_software.name 
_software.version 
_software.date 
_software.type 
_software.contact_author 
_software.contact_author_email 
_software.classification 
_software.location 
_software.language 
_software.citation_id 
1 REFMAC      5.8.0403 ?               ?       ?            ?                        refinement        ? ?   ? 
2 Aimless     0.7.7    23/04/21        program 'Phil Evans' ?                        'data scaling'    
http://www.mrc-lmb.cam.ac.uk/harry/pre/aimless.html ?   ? 
3 PDB_EXTRACT 3.23     'SEP. 23, 2016' package PDB          deposit@deposit.rcsb.org 'data extraction' 
http://sw-tools.pdb.org/apps/PDB_EXTRACT/           C++ ? 
4 XDS         .        ?               program ?            ?                        'data reduction'  ? ?   ? 
5 REFMAC      .        ?               program ?            ?                        phasing           ? ?   ? 
# 
_cell.entry_id           7FUS 
_cell.length_a           81.985 
_cell.length_b           27.444 
_cell.length_c           56.432 
_cell.angle_alpha        90.000 
_cell.angle_beta         99.880 
_cell.angle_gamma        90.000 
_cell.Z_PDB              4 
_cell.pdbx_unique_axis   ? 
# 
_symmetry.entry_id                         7FUS 
_symmetry.space_group_name_H-M             'C 1 2 1' 
_symmetry.pdbx_full_space_group_name_H-M   ? 
_symmetry.cell_setting                     ? 
_symmetry.Int_Tables_number                5 
# 
_exptl.crystals_number   1 
_exptl.entry_id          7FUS 
_exptl.method            'X-RAY DIFFRACTION' 
# 
_exptl_crystal.id                    1 
_exptl_crystal.pdbx_mosaicity        0.000 
_exptl_crystal.pdbx_mosaicity_esd    ? 
_exptl_crystal.density_Matthews      1.77 
_exptl_crystal.density_diffrn        ? 
_exptl_crystal.density_meas          ? 
_exptl_crystal.density_meas_temp     ? 
_exptl_crystal.density_percent_sol   30.67 
_exptl_crystal.size_max              ? 
_exptl_crystal.size_mid              ? 
_exptl_crystal.size_min              ? 
_exptl_crystal.size_rad              ? 
_exptl_crystal.description           ? 
# 
_exptl_crystal_grow.crystal_id      1 
_exptl_crystal_grow.method          'VAPOR DIFFUSION, SITTING DROP' 
_exptl_crystal_grow.pH              5.6 
_exptl_crystal_grow.temp            277 
_exptl_crystal_grow.pdbx_details    '20% PEG 8000, 0.04M potassium phosphate' 
_exptl_crystal_grow.temp_details    ? 
_exptl_crystal_grow.pdbx_pH_range   ? 
# 
_diffrn.id                     1 
_diffrn.ambient_temp           100 
_diffrn.crystal_id             1 
_diffrn.ambient_temp_details   ? 
# 
_diffrn_detector.detector               PIXEL 
_diffrn_detector.type                   'DECTRIS PILATUS 6M' 
_diffrn_detector.pdbx_collection_date   2022-09-23 
_diffrn_detector.diffrn_id              1 
_diffrn_detector.details                ? 
# 
_diffrn_radiation.diffrn_id                        1 
_diffrn_radiation.wavelength_id                    1 
_diffrn_radiation.pdbx_diffrn_protocol             'SINGLE WAVELENGTH' 
_diffrn_radiation.pdbx_monochromatic_or_laue_m_l   ? 
_diffrn_radiation.monochromator                    ? 
_diffrn_radiation.pdbx_scattering_type             x-ray 
# 
_diffrn_radiation_wavelength.id           1 
_diffrn_radiation_wavelength.wavelength   0.92124 
_diffrn_radiation_wavelength.wt           1.0 
# 
_diffrn_source.diffrn_id                   1 
_diffrn_source.source                      SYNCHROTRON 
_diffrn_source.type                        'DIAMOND BEAMLINE I04-1' 
_diffrn_source.pdbx_wavelength_list        0.92124 
_diffrn_source.pdbx_synchrotron_site       Diamond 
_diffrn_source.pdbx_synchrotron_beamline   I04-1 
_diffrn_source.pdbx_wavelength             ? 
# 
_reflns.entry_id                     7FUS 
_reflns.pdbx_diffrn_id               1 
_reflns.pdbx_ordinal                 1 
_reflns.observed_criterion_sigma_I   ? 
_reflns.observed_criterion_sigma_F   ? 
_reflns.d_resolution_low             55.600 
_reflns.d_resolution_high            1.150 
_reflns.number_obs                   33659 
_reflns.number_all                   ? 
_reflns.percent_possible_obs         75.700 
_reflns.pdbx_Rmerge_I_obs            0.068 
_reflns.pdbx_Rsym_value              ? 
_reflns.pdbx_netI_over_sigmaI        16.900 
_reflns.B_iso_Wilson_estimate        ? 
_reflns.pdbx_redundancy              5.200 
_reflns.pdbx_Rrim_I_all              0.074 
_reflns.pdbx_Rpim_I_all              0.029 
_reflns.pdbx_CC_half                 0.995 
_reflns.pdbx_netI_over_av_sigmaI     ? 
_reflns.pdbx_number_measured_all     174273 
_reflns.pdbx_scaling_rejects         0 
_reflns.pdbx_chi_squared             ? 
_reflns.Rmerge_F_all                 ? 
_reflns.Rmerge_F_obs                 ? 
_reflns.observed_criterion_F_max     ? 
_reflns.observed_criterion_F_min     ? 
_reflns.observed_criterion_I_max     ? 
_reflns.observed_criterion_I_min     ? 
_reflns.pdbx_d_res_high_opt          ? 
_reflns.pdbx_d_res_low_opt           ? 
_reflns.details                      ? 
# 
loop_
_reflns_shell.pdbx_diffrn_id 
_reflns_shell.pdbx_ordinal 
_reflns_shell.d_res_high 
_reflns_shell.d_res_low 
_reflns_shell.number_measured_obs 
_reflns_shell.number_measured_all 
_reflns_shell.number_unique_obs 
_reflns_shell.pdbx_rejects 
_reflns_shell.Rmerge_I_obs 
_reflns_shell.meanI_over_sigI_obs 
_reflns_shell.pdbx_Rsym_value 
_reflns_shell.pdbx_chi_squared 
_reflns_shell.pdbx_redundancy 
_reflns_shell.percent_possible_obs 
_reflns_shell.pdbx_netI_over_sigmaI_obs 
_reflns_shell.number_possible 
_reflns_shell.number_unique_all 
_reflns_shell.Rmerge_F_all 
_reflns_shell.Rmerge_F_obs 
_reflns_shell.Rmerge_I_all 
_reflns_shell.meanI_over_sigI_all 
_reflns_shell.percent_possible_all 
_reflns_shell.pdbx_Rrim_I_all 
_reflns_shell.pdbx_Rpim_I_all 
_reflns_shell.pdbx_CC_half 
1 1 1.150 1.170  ? 131  ? ? ?     ? ? ? 1.000 ? 0.900  ? 130 ? ? ? ? 6.000  ?     ?     ?     
1 2 6.300 55.600 ? 1790 ? ? 0.097 ? ? ? 5.900 ? 39.300 ? 304 ? ? ? ? 99.800 0.107 0.045 0.972 
# 
_refine.entry_id                                 7FUS 
_refine.pdbx_refine_id                           'X-RAY DIFFRACTION' 
_refine.ls_d_res_high                            1.1500 
_refine.ls_d_res_low                             55.5900 
_refine.pdbx_ls_sigma_F                          0.000 
_refine.pdbx_data_cutoff_high_absF               ? 
_refine.pdbx_data_cutoff_low_absF                ? 
_refine.ls_percent_reflns_obs                    75.6700 
_refine.ls_number_reflns_obs                     31983 
_refine.ls_number_reflns_all                     ? 
_refine.pdbx_ls_cross_valid_method               THROUGHOUT 
_refine.ls_matrix_type                           ? 
_refine.pdbx_R_Free_selection_details            RANDOM 
_refine.details                                  
'HYDROGENS HAVE BEEN ADDED IN THE RIDING POSITIONS U VALUES      : REFINED INDIVIDUALLY' 
_refine.ls_R_factor_all                          ? 
_refine.ls_R_factor_obs                          0.2121 
_refine.ls_R_factor_R_work                       0.2113 
_refine.ls_wR_factor_R_work                      ? 
_refine.ls_R_factor_R_free                       0.2278 
_refine.ls_wR_factor_R_free                      ? 
_refine.ls_percent_reflns_R_free                 5.0000 
_refine.ls_number_reflns_R_free                  1676 
_refine.ls_number_reflns_R_work                  ? 
_refine.ls_R_factor_R_free_error                 ? 
_refine.B_iso_mean                               14.4460 
_refine.solvent_model_param_bsol                 ? 
_refine.solvent_model_param_ksol                 ? 
_refine.pdbx_isotropic_thermal_model             ? 
_refine.aniso_B[1][1]                            -0.0900 
_refine.aniso_B[2][2]                            1.1200 
_refine.aniso_B[3][3]                            -1.0200 
_refine.aniso_B[1][2]                            -0.0000 
_refine.aniso_B[1][3]                            0.1700 
_refine.aniso_B[2][3]                            0.0000 
_refine.correlation_coeff_Fo_to_Fc               0.9530 
_refine.correlation_coeff_Fo_to_Fc_free          0.9400 
_refine.overall_SU_R_Cruickshank_DPI             ? 
_refine.pdbx_overall_SU_R_free_Cruickshank_DPI   ? 
_refine.pdbx_overall_SU_R_Blow_DPI               ? 
_refine.pdbx_overall_SU_R_free_Blow_DPI          ? 
_refine.overall_SU_R_free                        ? 
_refine.pdbx_overall_ESU_R                       0.0590 
_refine.pdbx_overall_ESU_R_Free                  0.0580 
_refine.overall_SU_ML                            ? 
_refine.overall_SU_B                             ? 
_refine.solvent_model_details                    MASK 
_refine.pdbx_solvent_vdw_probe_radii             1.2000 
_refine.pdbx_solvent_ion_probe_radii             0.8000 
_refine.pdbx_solvent_shrinkage_radii             0.8000 
_refine.ls_number_parameters                     ? 
_refine.ls_number_restraints                     ? 
_refine.pdbx_starting_model                      7av9 
_refine.pdbx_method_to_determine_struct          'FOURIER SYNTHESIS' 
_refine.pdbx_stereochemistry_target_values       'MAXIMUM LIKELIHOOD' 
_refine.pdbx_stereochem_target_val_spec_case     ? 
_refine.overall_FOM_work_R_set                   ? 
_refine.B_iso_max                                60.300 
_refine.B_iso_min                                9.340 
_refine.pdbx_overall_phase_error                 ? 
_refine.occupancy_max                            ? 
_refine.occupancy_min                            ? 
_refine.pdbx_diffrn_id                           1 
_refine.pdbx_TLS_residual_ADP_flag               ? 
_refine.pdbx_ls_sigma_I                          ? 
_refine.pdbx_data_cutoff_high_rms_absF           ? 
_refine.ls_R_factor_R_free_error_details         ? 
# 
_refine_hist.cycle_id                         final 
_refine_hist.pdbx_refine_id                   'X-RAY DIFFRACTION' 
_refine_hist.d_res_high                       1.1500 
_refine_hist.d_res_low                        55.5900 
_refine_hist.pdbx_number_atoms_ligand         23 
_refine_hist.number_atoms_solvent             214 
_refine_hist.number_atoms_total               1240 
_refine_hist.pdbx_number_residues_total       121 
_refine_hist.pdbx_B_iso_mean_ligand           20.29 
_refine_hist.pdbx_B_iso_mean_solvent          28.01 
_refine_hist.pdbx_number_atoms_protein        1003 
_refine_hist.pdbx_number_atoms_nucleic_acid   0 
# 
loop_
_refine_ls_restr.pdbx_refine_id 
_refine_ls_restr.type 
_refine_ls_restr.number 
_refine_ls_restr.dev_ideal 
_refine_ls_restr.dev_ideal_target 
_refine_ls_restr.weight 
_refine_ls_restr.pdbx_restraint_function 
'X-RAY DIFFRACTION' r_bond_refined_d       1093 0.016  0.012  ? ? 
'X-RAY DIFFRACTION' r_bond_other_d         986  0.002  0.016  ? ? 
'X-RAY DIFFRACTION' r_angle_refined_deg    1484 1.712  1.654  ? ? 
'X-RAY DIFFRACTION' r_angle_other_deg      2290 0.906  1.572  ? ? 
'X-RAY DIFFRACTION' r_dihedral_angle_1_deg 132  5.192  5.000  ? ? 
'X-RAY DIFFRACTION' r_dihedral_angle_2_deg 14   22.071 6.786  ? ? 
'X-RAY DIFFRACTION' r_dihedral_angle_3_deg 191  14.909 10.000 ? ? 
'X-RAY DIFFRACTION' r_chiral_restr         153  0.081  0.200  ? ? 
'X-RAY DIFFRACTION' r_gen_planes_refined   1311 0.009  0.020  ? ? 
'X-RAY DIFFRACTION' r_gen_planes_other     267  0.016  0.020  ? ? 
'X-RAY DIFFRACTION' r_mcbond_it            513  1.283  1.441  ? ? 
'X-RAY DIFFRACTION' r_mcbond_other         513  1.276  1.440  ? ? 
'X-RAY DIFFRACTION' r_mcangle_it           650  1.914  2.602  ? ? 
# 
_refine_ls_shell.d_res_high                       1.1500 
_refine_ls_shell.d_res_low                        1.1800 
_refine_ls_shell.pdbx_total_number_of_bins_used   20 
_refine_ls_shell.percent_reflns_obs               7.4300 
_refine_ls_shell.number_reflns_R_work             234 
_refine_ls_shell.R_factor_all                     ? 
_refine_ls_shell.R_factor_R_work                  0.3860 
_refine_ls_shell.R_factor_R_free                  0.2430 
_refine_ls_shell.percent_reflns_R_free            ? 
_refine_ls_shell.number_reflns_R_free             8 
_refine_ls_shell.R_factor_R_free_error            ? 
_refine_ls_shell.number_reflns_all                242 
_refine_ls_shell.number_reflns_obs                ? 
_refine_ls_shell.pdbx_refine_id                   'X-RAY DIFFRACTION' 
# 
_struct.entry_id                  7FUS 
_struct.title                     'PanDDA analysis group deposition -- PHIP in complex with Z44602363' 
_struct.pdbx_model_details        ? 
_struct.pdbx_CASP_flag            ? 
_struct.pdbx_model_type_details   ? 
# 
_struct_keywords.entry_id        7FUS 
_struct_keywords.text            
'False negatives, ligand features, rescreening, catalogue, fragment follow-ups, automated chemistry, SIGNALING PROTEIN' 
_struct_keywords.pdbx_keywords   'SIGNALING PROTEIN' 
# 
loop_
_struct_asym.id 
_struct_asym.pdbx_blank_PDB_chainid_flag 
_struct_asym.pdbx_modified 
_struct_asym.entity_id 
_struct_asym.details 
A N N 1 ? 
B N N 2 ? 
C N N 3 ? 
# 
_struct_ref.id                         1 
_struct_ref.db_name                    UNP 
_struct_ref.db_code                    PHIP_HUMAN 
_struct_ref.pdbx_db_accession          Q8WWQ0 
_struct_ref.pdbx_db_isoform            ? 
_struct_ref.entity_id                  1 
_struct_ref.pdbx_seq_one_letter_code   
;SYDIQAWKKQCEELLNLIFQCEDSEPFRQPVDLLEYPDYRDIIDTPMDFATVRETLEAGNYESPMELCKDVRLIFSNSKA
YTPSKRSRIYSMSLRLSAFFEEHISSVLSDYKSALRFHKRNTITKR
;
_struct_ref.pdbx_align_begin           1315 
# 
_struct_ref_seq.align_id                      1 
_struct_ref_seq.ref_id                        1 
_struct_ref_seq.pdbx_PDB_id_code              7FUS 
_struct_ref_seq.pdbx_strand_id                A 
_struct_ref_seq.seq_align_beg                 24 
_struct_ref_seq.pdbx_seq_align_beg_ins_code   ? 
_struct_ref_seq.seq_align_end                 149 
_struct_ref_seq.pdbx_seq_align_end_ins_code   ? 
_struct_ref_seq.pdbx_db_accession             Q8WWQ0 
_struct_ref_seq.db_align_beg                  1315 
_struct_ref_seq.pdbx_db_align_beg_ins_code    ? 
_struct_ref_seq.db_align_end                  1440 
_struct_ref_seq.pdbx_db_align_end_ins_code    ? 
_struct_ref_seq.pdbx_auth_seq_align_beg       1315 
_struct_ref_seq.pdbx_auth_seq_align_end       1440 
# 
loop_
_struct_ref_seq_dif.align_id 
_struct_ref_seq_dif.pdbx_pdb_id_code 
_struct_ref_seq_dif.mon_id 
_struct_ref_seq_dif.pdbx_pdb_strand_id 
_struct_ref_seq_dif.seq_num 
_struct_ref_seq_dif.pdbx_pdb_ins_code 
_struct_ref_seq_dif.pdbx_seq_db_name 
_struct_ref_seq_dif.pdbx_seq_db_accession_code 
_struct_ref_seq_dif.db_mon_id 
_struct_ref_seq_dif.pdbx_seq_db_seq_num 
_struct_ref_seq_dif.details 
_struct_ref_seq_dif.pdbx_auth_seq_num 
_struct_ref_seq_dif.pdbx_ordinal 
1 7FUS MET A 1  ? UNP Q8WWQ0 ? ? 'initiating methionine' 1292 1  
1 7FUS HIS A 2  ? UNP Q8WWQ0 ? ? 'expression tag'        1293 2  
1 7FUS HIS A 3  ? UNP Q8WWQ0 ? ? 'expression tag'        1294 3  
1 7FUS HIS A 4  ? UNP Q8WWQ0 ? ? 'expression tag'        1295 4  
1 7FUS HIS A 5  ? UNP Q8WWQ0 ? ? 'expression tag'        1296 5  
1 7FUS HIS A 6  ? UNP Q8WWQ0 ? ? 'expression tag'        1297 6  
1 7FUS HIS A 7  ? UNP Q8WWQ0 ? ? 'expression tag'        1298 7  
1 7FUS SER A 8  ? UNP Q8WWQ0 ? ? 'expression tag'        1299 8  
1 7FUS SER A 9  ? UNP Q8WWQ0 ? ? 'expression tag'        1300 9  
1 7FUS GLY A 10 ? UNP Q8WWQ0 ? ? 'expression tag'        1301 10 
1 7FUS VAL A 11 ? UNP Q8WWQ0 ? ? 'expression tag'        1302 11 
1 7FUS ASP A 12 ? UNP Q8WWQ0 ? ? 'expression tag'        1303 12 
1 7FUS LEU A 13 ? UNP Q8WWQ0 ? ? 'expression tag'        1304 13 
1 7FUS GLY A 14 ? UNP Q8WWQ0 ? ? 'expression tag'        1305 14 
1 7FUS THR A 15 ? UNP Q8WWQ0 ? ? 'expression tag'        1306 15 
1 7FUS GLU A 16 ? UNP Q8WWQ0 ? ? 'expression tag'        1307 16 
1 7FUS ASN A 17 ? UNP Q8WWQ0 ? ? 'expression tag'        1308 17 
1 7FUS LEU A 18 ? UNP Q8WWQ0 ? ? 'expression tag'        1309 18 
1 7FUS TYR A 19 ? UNP Q8WWQ0 ? ? 'expression tag'        1310 19 
1 7FUS PHE A 20 ? UNP Q8WWQ0 ? ? 'expression tag'        1311 20 
1 7FUS GLN A 21 ? UNP Q8WWQ0 ? ? 'expression tag'        1312 21 
1 7FUS SER A 22 ? UNP Q8WWQ0 ? ? 'expression tag'        1313 22 
1 7FUS MET A 23 ? UNP Q8WWQ0 ? ? 'expression tag'        1314 23 
# 
_pdbx_struct_assembly.id                   1 
_pdbx_struct_assembly.details              author_and_software_defined_assembly 
_pdbx_struct_assembly.method_details       PISA 
_pdbx_struct_assembly.oligomeric_details   monomeric 
_pdbx_struct_assembly.oligomeric_count     1 
# 
_pdbx_struct_assembly_gen.assembly_id       1 
_pdbx_struct_assembly_gen.oper_expression   1 
_pdbx_struct_assembly_gen.asym_id_list      A,B,C 
# 
_pdbx_struct_oper_list.id                   1 
_pdbx_struct_oper_list.type                 'identity operation' 
_pdbx_struct_oper_list.name                 1_555 
_pdbx_struct_oper_list.symmetry_operation   x,y,z 
_pdbx_struct_oper_list.matrix[1][1]         1.0000000000 
_pdbx_struct_oper_list.matrix[1][2]         0.0000000000 
_pdbx_struct_oper_list.matrix[1][3]         0.0000000000 
_pdbx_struct_oper_list.vector[1]            0.0000000000 
_pdbx_struct_oper_list.matrix[2][1]         0.0000000000 
_pdbx_struct_oper_list.matrix[2][2]         1.0000000000 
_pdbx_struct_oper_list.matrix[2][3]         0.0000000000 
_pdbx_struct_oper_list.vector[2]            0.0000000000 
_pdbx_struct_oper_list.matrix[3][1]         0.0000000000 
_pdbx_struct_oper_list.matrix[3][2]         0.0000000000 
_pdbx_struct_oper_list.matrix[3][3]         1.0000000000 
_pdbx_struct_oper_list.vector[3]            0.0000000000 
# 
loop_
_struct_conf.conf_type_id 
_struct_conf.id 
_struct_conf.pdbx_PDB_helix_id 
_struct_conf.beg_label_comp_id 
_struct_conf.beg_label_asym_id 
_struct_conf.beg_label_seq_id 
_struct_conf.pdbx_beg_PDB_ins_code 
_struct_conf.end_label_comp_id 
_struct_conf.end_label_asym_id 
_struct_conf.end_label_seq_id 
_struct_conf.pdbx_end_PDB_ins_code 
_struct_conf.beg_auth_comp_id 
_struct_conf.beg_auth_asym_id 
_struct_conf.beg_auth_seq_id 
_struct_conf.end_auth_comp_id 
_struct_conf.end_auth_asym_id 
_struct_conf.end_auth_seq_id 
_struct_conf.pdbx_PDB_helix_class 
_struct_conf.details 
_struct_conf.pdbx_PDB_helix_length 
HELX_P HELX_P1 AA1 ALA A 29  ? CYS A 44  ? ALA A 1320 CYS A 1335 1 ? 16 
HELX_P HELX_P2 AA2 GLU A 45  ? ARG A 51  ? GLU A 1336 ARG A 1342 5 ? 7  
HELX_P HELX_P3 AA3 ASP A 61  ? ILE A 66  ? ASP A 1352 ILE A 1357 1 ? 6  
HELX_P HELX_P4 AA4 ASP A 71  ? ALA A 81  ? ASP A 1362 ALA A 1372 1 ? 11 
HELX_P HELX_P5 AA5 SER A 86  ? THR A 105 ? SER A 1377 THR A 1396 1 ? 20 
HELX_P HELX_P6 AA6 SER A 110 ? LYS A 142 ? SER A 1401 LYS A 1433 1 ? 33 
# 
_struct_conf_type.id          HELX_P 
_struct_conf_type.criteria    ? 
_struct_conf_type.reference   ? 
# 
loop_
_pdbx_validate_close_contact.id 
_pdbx_validate_close_contact.PDB_model_num 
_pdbx_validate_close_contact.auth_atom_id_1 
_pdbx_validate_close_contact.auth_asym_id_1 
_pdbx_validate_close_contact.auth_comp_id_1 
_pdbx_validate_close_contact.auth_seq_id_1 
_pdbx_validate_close_contact.PDB_ins_code_1 
_pdbx_validate_close_contact.label_alt_id_1 
_pdbx_validate_close_contact.auth_atom_id_2 
_pdbx_validate_close_contact.auth_asym_id_2 
_pdbx_validate_close_contact.auth_comp_id_2 
_pdbx_validate_close_contact.auth_seq_id_2 
_pdbx_validate_close_contact.PDB_ins_code_2 
_pdbx_validate_close_contact.label_alt_id_2 
_pdbx_validate_close_contact.dist 
1 1 O A HOH 2083 ? ? O A HOH 2086 ? ? 2.06 
2 1 O A HOH 2033 ? ? O A HOH 2151 ? ? 2.08 
3 1 O A HOH 2157 ? ? O A HOH 2198 ? ? 2.13 
# 
_pdbx_validate_symm_contact.id                1 
_pdbx_validate_symm_contact.PDB_model_num     1 
_pdbx_validate_symm_contact.auth_atom_id_1    O 
_pdbx_validate_symm_contact.auth_asym_id_1    A 
_pdbx_validate_symm_contact.auth_comp_id_1    HOH 
_pdbx_validate_symm_contact.auth_seq_id_1     2170 
_pdbx_validate_symm_contact.PDB_ins_code_1    ? 
_pdbx_validate_symm_contact.label_alt_id_1    ? 
_pdbx_validate_symm_contact.site_symmetry_1   1_555 
_pdbx_validate_symm_contact.auth_atom_id_2    O 
_pdbx_validate_symm_contact.auth_asym_id_2    A 
_pdbx_validate_symm_contact.auth_comp_id_2    HOH 
_pdbx_validate_symm_contact.auth_seq_id_2     2196 
_pdbx_validate_symm_contact.PDB_ins_code_2    ? 
_pdbx_validate_symm_contact.label_alt_id_2    ? 
_pdbx_validate_symm_contact.site_symmetry_2   4_445 
_pdbx_validate_symm_contact.dist              2.13 
# 
_pdbx_struct_special_symmetry.id              1 
_pdbx_struct_special_symmetry.PDB_model_num   1 
_pdbx_struct_special_symmetry.auth_asym_id    A 
_pdbx_struct_special_symmetry.auth_comp_id    HOH 
_pdbx_struct_special_symmetry.auth_seq_id     2205 
_pdbx_struct_special_symmetry.PDB_ins_code    ? 
_pdbx_struct_special_symmetry.label_asym_id   C 
_pdbx_struct_special_symmetry.label_comp_id   HOH 
_pdbx_struct_special_symmetry.label_seq_id    . 
# 
_phasing.method   MR 
# 
_pdbx_entry_details.entry_id                 7FUS 
_pdbx_entry_details.compound_details         ? 
_pdbx_entry_details.source_details           ? 
_pdbx_entry_details.nonpolymer_details       ? 
_pdbx_entry_details.sequence_details         ? 
_pdbx_entry_details.has_ligand_of_interest   Y 
# 
loop_
_pdbx_unobs_or_zero_occ_residues.id 
_pdbx_unobs_or_zero_occ_residues.PDB_model_num 
_pdbx_unobs_or_zero_occ_residues.polymer_flag 
_pdbx_unobs_or_zero_occ_residues.occupancy_flag 
_pdbx_unobs_or_zero_occ_residues.auth_asym_id 
_pdbx_unobs_or_zero_occ_residues.auth_comp_id 
_pdbx_unobs_or_zero_occ_residues.auth_seq_id 
_pdbx_unobs_or_zero_occ_residues.PDB_ins_code 
_pdbx_unobs_or_zero_occ_residues.label_asym_id 
_pdbx_unobs_or_zero_occ_residues.label_comp_id 
_pdbx_unobs_or_zero_occ_residues.label_seq_id 
1  1 Y 1 A MET 1292 ? A MET 1   
2  1 Y 1 A HIS 1293 ? A HIS 2   
3  1 Y 1 A HIS 1294 ? A HIS 3   
4  1 Y 1 A HIS 1295 ? A HIS 4   
5  1 Y 1 A HIS 1296 ? A HIS 5   
6  1 Y 1 A HIS 1297 ? A HIS 6   
7  1 Y 1 A HIS 1298 ? A HIS 7   
8  1 Y 1 A SER 1299 ? A SER 8   
9  1 Y 1 A SER 1300 ? A SER 9   
10 1 Y 1 A GLY 1301 ? A GLY 10  
11 1 Y 1 A VAL 1302 ? A VAL 11  
12 1 Y 1 A ASP 1303 ? A ASP 12  
13 1 Y 1 A LEU 1304 ? A LEU 13  
14 1 Y 1 A GLY 1305 ? A GLY 14  
15 1 Y 1 A THR 1306 ? A THR 15  
16 1 Y 1 A GLU 1307 ? A GLU 16  
17 1 Y 1 A ASN 1308 ? A ASN 17  
18 1 Y 1 A LEU 1309 ? A LEU 18  
19 1 Y 1 A TYR 1310 ? A TYR 19  
20 1 Y 1 A PHE 1311 ? A PHE 20  
21 1 Y 1 A GLN 1312 ? A GLN 21  
22 1 Y 1 A SER 1313 ? A SER 22  
23 1 Y 1 A MET 1314 ? A MET 23  
24 1 Y 1 A THR 1436 ? A THR 145 
25 1 Y 1 A ILE 1437 ? A ILE 146 
26 1 Y 1 A THR 1438 ? A THR 147 
27 1 Y 1 A LYS 1439 ? A LYS 148 
28 1 Y 1 A ARG 1440 ? A ARG 149 
# 
loop_
_chem_comp_atom.comp_id 
_chem_comp_atom.atom_id 
_chem_comp_atom.type_symbol 
_chem_comp_atom.pdbx_aromatic_flag 
_chem_comp_atom.pdbx_stereo_config 
_chem_comp_atom.pdbx_ordinal 
ALA N    N  N N 1   
ALA CA   C  N S 2   
ALA C    C  N N 3   
ALA O    O  N N 4   
ALA CB   C  N N 5   
ALA OXT  O  N N 6   
ALA H    H  N N 7   
ALA H2   H  N N 8   
ALA HA   H  N N 9   
ALA HB1  H  N N 10  
ALA HB2  H  N N 11  
ALA HB3  H  N N 12  
ALA HXT  H  N N 13  
ARG N    N  N N 14  
ARG CA   C  N S 15  
ARG C    C  N N 16  
ARG O    O  N N 17  
ARG CB   C  N N 18  
ARG CG   C  N N 19  
ARG CD   C  N N 20  
ARG NE   N  N N 21  
ARG CZ   C  N N 22  
ARG NH1  N  N N 23  
ARG NH2  N  N N 24  
ARG OXT  O  N N 25  
ARG H    H  N N 26  
ARG H2   H  N N 27  
ARG HA   H  N N 28  
ARG HB2  H  N N 29  
ARG HB3  H  N N 30  
ARG HG2  H  N N 31  
ARG HG3  H  N N 32  
ARG HD2  H  N N 33  
ARG HD3  H  N N 34  
ARG HE   H  N N 35  
ARG HH11 H  N N 36  
ARG HH12 H  N N 37  
ARG HH21 H  N N 38  
ARG HH22 H  N N 39  
ARG HXT  H  N N 40  
ASN N    N  N N 41  
ASN CA   C  N S 42  
ASN C    C  N N 43  
ASN O    O  N N 44  
ASN CB   C  N N 45  
ASN CG   C  N N 46  
ASN OD1  O  N N 47  
ASN ND2  N  N N 48  
ASN OXT  O  N N 49  
ASN H    H  N N 50  
ASN H2   H  N N 51  
ASN HA   H  N N 52  
ASN HB2  H  N N 53  
ASN HB3  H  N N 54  
ASN HD21 H  N N 55  
ASN HD22 H  N N 56  
ASN HXT  H  N N 57  
ASP N    N  N N 58  
ASP CA   C  N S 59  
ASP C    C  N N 60  
ASP O    O  N N 61  
ASP CB   C  N N 62  
ASP CG   C  N N 63  
ASP OD1  O  N N 64  
ASP OD2  O  N N 65  
ASP OXT  O  N N 66  
ASP H    H  N N 67  
ASP H2   H  N N 68  
ASP HA   H  N N 69  
ASP HB2  H  N N 70  
ASP HB3  H  N N 71  
ASP HD2  H  N N 72  
ASP HXT  H  N N 73  
CYS N    N  N N 74  
CYS CA   C  N R 75  
CYS C    C  N N 76  
CYS O    O  N N 77  
CYS CB   C  N N 78  
CYS SG   S  N N 79  
CYS OXT  O  N N 80  
CYS H    H  N N 81  
CYS H2   H  N N 82  
CYS HA   H  N N 83  
CYS HB2  H  N N 84  
CYS HB3  H  N N 85  
CYS HG   H  N N 86  
CYS HXT  H  N N 87  
GLN N    N  N N 88  
GLN CA   C  N S 89  
GLN C    C  N N 90  
GLN O    O  N N 91  
GLN CB   C  N N 92  
GLN CG   C  N N 93  
GLN CD   C  N N 94  
GLN OE1  O  N N 95  
GLN NE2  N  N N 96  
GLN OXT  O  N N 97  
GLN H    H  N N 98  
GLN H2   H  N N 99  
GLN HA   H  N N 100 
GLN HB2  H  N N 101 
GLN HB3  H  N N 102 
GLN HG2  H  N N 103 
GLN HG3  H  N N 104 
GLN HE21 H  N N 105 
GLN HE22 H  N N 106 
GLN HXT  H  N N 107 
GLU N    N  N N 108 
GLU CA   C  N S 109 
GLU C    C  N N 110 
GLU O    O  N N 111 
GLU CB   C  N N 112 
GLU CG   C  N N 113 
GLU CD   C  N N 114 
GLU OE1  O  N N 115 
GLU OE2  O  N N 116 
GLU OXT  O  N N 117 
GLU H    H  N N 118 
GLU H2   H  N N 119 
GLU HA   H  N N 120 
GLU HB2  H  N N 121 
GLU HB3  H  N N 122 
GLU HG2  H  N N 123 
GLU HG3  H  N N 124 
GLU HE2  H  N N 125 
GLU HXT  H  N N 126 
GLY N    N  N N 127 
GLY CA   C  N N 128 
GLY C    C  N N 129 
GLY O    O  N N 130 
GLY OXT  O  N N 131 
GLY H    H  N N 132 
GLY H2   H  N N 133 
GLY HA2  H  N N 134 
GLY HA3  H  N N 135 
GLY HXT  H  N N 136 
HIS N    N  N N 137 
HIS CA   C  N S 138 
HIS C    C  N N 139 
HIS O    O  N N 140 
HIS CB   C  N N 141 
HIS CG   C  Y N 142 
HIS ND1  N  Y N 143 
HIS CD2  C  Y N 144 
HIS CE1  C  Y N 145 
HIS NE2  N  Y N 146 
HIS OXT  O  N N 147 
HIS H    H  N N 148 
HIS H2   H  N N 149 
HIS HA   H  N N 150 
HIS HB2  H  N N 151 
HIS HB3  H  N N 152 
HIS HD1  H  N N 153 
HIS HD2  H  N N 154 
HIS HE1  H  N N 155 
HIS HE2  H  N N 156 
HIS HXT  H  N N 157 
HOH O    O  N N 158 
HOH H1   H  N N 159 
HOH H2   H  N N 160 
ILE N    N  N N 161 
ILE CA   C  N S 162 
ILE C    C  N N 163 
ILE O    O  N N 164 
ILE CB   C  N S 165 
ILE CG1  C  N N 166 
ILE CG2  C  N N 167 
ILE CD1  C  N N 168 
ILE OXT  O  N N 169 
ILE H    H  N N 170 
ILE H2   H  N N 171 
ILE HA   H  N N 172 
ILE HB   H  N N 173 
ILE HG12 H  N N 174 
ILE HG13 H  N N 175 
ILE HG21 H  N N 176 
ILE HG22 H  N N 177 
ILE HG23 H  N N 178 
ILE HD11 H  N N 179 
ILE HD12 H  N N 180 
ILE HD13 H  N N 181 
ILE HXT  H  N N 182 
LEU N    N  N N 183 
LEU CA   C  N S 184 
LEU C    C  N N 185 
LEU O    O  N N 186 
LEU CB   C  N N 187 
LEU CG   C  N N 188 
LEU CD1  C  N N 189 
LEU CD2  C  N N 190 
LEU OXT  O  N N 191 
LEU H    H  N N 192 
LEU H2   H  N N 193 
LEU HA   H  N N 194 
LEU HB2  H  N N 195 
LEU HB3  H  N N 196 
LEU HG   H  N N 197 
LEU HD11 H  N N 198 
LEU HD12 H  N N 199 
LEU HD13 H  N N 200 
LEU HD21 H  N N 201 
LEU HD22 H  N N 202 
LEU HD23 H  N N 203 
LEU HXT  H  N N 204 
LYS N    N  N N 205 
LYS CA   C  N S 206 
LYS C    C  N N 207 
LYS O    O  N N 208 
LYS CB   C  N N 209 
LYS CG   C  N N 210 
LYS CD   C  N N 211 
LYS CE   C  N N 212 
LYS NZ   N  N N 213 
LYS OXT  O  N N 214 
LYS H    H  N N 215 
LYS H2   H  N N 216 
LYS HA   H  N N 217 
LYS HB2  H  N N 218 
LYS HB3  H  N N 219 
LYS HG2  H  N N 220 
LYS HG3  H  N N 221 
LYS HD2  H  N N 222 
LYS HD3  H  N N 223 
LYS HE2  H  N N 224 
LYS HE3  H  N N 225 
LYS HZ1  H  N N 226 
LYS HZ2  H  N N 227 
LYS HZ3  H  N N 228 
LYS HXT  H  N N 229 
MET N    N  N N 230 
MET CA   C  N S 231 
MET C    C  N N 232 
MET O    O  N N 233 
MET CB   C  N N 234 
MET CG   C  N N 235 
MET SD   S  N N 236 
MET CE   C  N N 237 
MET OXT  O  N N 238 
MET H    H  N N 239 
MET H2   H  N N 240 
MET HA   H  N N 241 
MET HB2  H  N N 242 
MET HB3  H  N N 243 
MET HG2  H  N N 244 
MET HG3  H  N N 245 
MET HE1  H  N N 246 
MET HE2  H  N N 247 
MET HE3  H  N N 248 
MET HXT  H  N N 249 
PHE N    N  N N 250 
PHE CA   C  N S 251 
PHE C    C  N N 252 
PHE O    O  N N 253 
PHE CB   C  N N 254 
PHE CG   C  Y N 255 
PHE CD1  C  Y N 256 
PHE CD2  C  Y N 257 
PHE CE1  C  Y N 258 
PHE CE2  C  Y N 259 
PHE CZ   C  Y N 260 
PHE OXT  O  N N 261 
PHE H    H  N N 262 
PHE H2   H  N N 263 
PHE HA   H  N N 264 
PHE HB2  H  N N 265 
PHE HB3  H  N N 266 
PHE HD1  H  N N 267 
PHE HD2  H  N N 268 
PHE HE1  H  N N 269 
PHE HE2  H  N N 270 
PHE HZ   H  N N 271 
PHE HXT  H  N N 272 
PRO N    N  N N 273 
PRO CA   C  N S 274 
PRO C    C  N N 275 
PRO O    O  N N 276 
PRO CB   C  N N 277 
PRO CG   C  N N 278 
PRO CD   C  N N 279 
PRO OXT  O  N N 280 
PRO H    H  N N 281 
PRO HA   H  N N 282 
PRO HB2  H  N N 283 
PRO HB3  H  N N 284 
PRO HG2  H  N N 285 
PRO HG3  H  N N 286 
PRO HD2  H  N N 287 
PRO HD3  H  N N 288 
PRO HXT  H  N N 289 
SER N    N  N N 290 
SER CA   C  N S 291 
SER C    C  N N 292 
SER O    O  N N 293 
SER CB   C  N N 294 
SER OG   O  N N 295 
SER OXT  O  N N 296 
SER H    H  N N 297 
SER H2   H  N N 298 
SER HA   H  N N 299 
SER HB2  H  N N 300 
SER HB3  H  N N 301 
SER HG   H  N N 302 
SER HXT  H  N N 303 
THR N    N  N N 304 
THR CA   C  N S 305 
THR C    C  N N 306 
THR O    O  N N 307 
THR CB   C  N R 308 
THR OG1  O  N N 309 
THR CG2  C  N N 310 
THR OXT  O  N N 311 
THR H    H  N N 312 
THR H2   H  N N 313 
THR HA   H  N N 314 
THR HB   H  N N 315 
THR HG1  H  N N 316 
THR HG21 H  N N 317 
THR HG22 H  N N 318 
THR HG23 H  N N 319 
THR HXT  H  N N 320 
TRP N    N  N N 321 
TRP CA   C  N S 322 
TRP C    C  N N 323 
TRP O    O  N N 324 
TRP CB   C  N N 325 
TRP CG   C  Y N 326 
TRP CD1  C  Y N 327 
TRP CD2  C  Y N 328 
TRP NE1  N  Y N 329 
TRP CE2  C  Y N 330 
TRP CE3  C  Y N 331 
TRP CZ2  C  Y N 332 
TRP CZ3  C  Y N 333 
TRP CH2  C  Y N 334 
TRP OXT  O  N N 335 
TRP H    H  N N 336 
TRP H2   H  N N 337 
TRP HA   H  N N 338 
TRP HB2  H  N N 339 
TRP HB3  H  N N 340 
TRP HD1  H  N N 341 
TRP HE1  H  N N 342 
TRP HE3  H  N N 343 
TRP HZ2  H  N N 344 
TRP HZ3  H  N N 345 
TRP HH2  H  N N 346 
TRP HXT  H  N N 347 
TYR N    N  N N 348 
TYR CA   C  N S 349 
TYR C    C  N N 350 
TYR O    O  N N 351 
TYR CB   C  N N 352 
TYR CG   C  Y N 353 
TYR CD1  C  Y N 354 
TYR CD2  C  Y N 355 
TYR CE1  C  Y N 356 
TYR CE2  C  Y N 357 
TYR CZ   C  Y N 358 
TYR OH   O  N N 359 
TYR OXT  O  N N 360 
TYR H    H  N N 361 
TYR H2   H  N N 362 
TYR HA   H  N N 363 
TYR HB2  H  N N 364 
TYR HB3  H  N N 365 
TYR HD1  H  N N 366 
TYR HD2  H  N N 367 
TYR HE1  H  N N 368 
TYR HE2  H  N N 369 
TYR HH   H  N N 370 
TYR HXT  H  N N 371 
VAL N    N  N N 372 
VAL CA   C  N S 373 
VAL C    C  N N 374 
VAL O    O  N N 375 
VAL CB   C  N N 376 
VAL CG1  C  N N 377 
VAL CG2  C  N N 378 
VAL OXT  O  N N 379 
VAL H    H  N N 380 
VAL H2   H  N N 381 
VAL HA   H  N N 382 
VAL HB   H  N N 383 
VAL HG11 H  N N 384 
VAL HG12 H  N N 385 
VAL HG13 H  N N 386 
VAL HG21 H  N N 387 
VAL HG22 H  N N 388 
VAL HG23 H  N N 389 
VAL HXT  H  N N 390 
ZIM N1   N  N N 391 
ZIM N3   N  N N 392 
ZIM C4   C  Y N 393 
ZIM C5   C  Y N 394 
ZIM C6   C  Y N 395 
ZIM C7   C  N N 396 
ZIM C8   C  N N 397 
ZIM C10  C  N N 398 
ZIM C13  C  Y N 399 
ZIM C15  C  Y N 400 
ZIM CL1  CL N N 401 
ZIM C1   C  Y N 402 
ZIM C2   C  Y N 403 
ZIM C3   C  Y N 404 
ZIM O1   O  N N 405 
ZIM N2   N  N N 406 
ZIM C9   C  N N 407 
ZIM C11  C  N N 408 
ZIM C12  C  N N 409 
ZIM O2   O  N N 410 
ZIM C14  C  Y N 411 
ZIM C16  C  Y N 412 
ZIM O3   O  Y N 413 
ZIM H5   H  N N 414 
ZIM H3   H  N N 415 
ZIM H4   H  N N 416 
ZIM H6   H  N N 417 
ZIM H7   H  N N 418 
ZIM H10  H  N N 419 
ZIM H11  H  N N 420 
ZIM H15  H  N N 421 
ZIM H1   H  N N 422 
ZIM H2   H  N N 423 
ZIM H9   H  N N 424 
ZIM H8   H  N N 425 
ZIM H13  H  N N 426 
ZIM H12  H  N N 427 
ZIM H14  H  N N 428 
ZIM H16  H  N N 429 
# 
loop_
_chem_comp_bond.comp_id 
_chem_comp_bond.atom_id_1 
_chem_comp_bond.atom_id_2 
_chem_comp_bond.value_order 
_chem_comp_bond.pdbx_aromatic_flag 
_chem_comp_bond.pdbx_stereo_config 
_chem_comp_bond.pdbx_ordinal 
ALA N   CA   sing N N 1   
ALA N   H    sing N N 2   
ALA N   H2   sing N N 3   
ALA CA  C    sing N N 4   
ALA CA  CB   sing N N 5   
ALA CA  HA   sing N N 6   
ALA C   O    doub N N 7   
ALA C   OXT  sing N N 8   
ALA CB  HB1  sing N N 9   
ALA CB  HB2  sing N N 10  
ALA CB  HB3  sing N N 11  
ALA OXT HXT  sing N N 12  
ARG N   CA   sing N N 13  
ARG N   H    sing N N 14  
ARG N   H2   sing N N 15  
ARG CA  C    sing N N 16  
ARG CA  CB   sing N N 17  
ARG CA  HA   sing N N 18  
ARG C   O    doub N N 19  
ARG C   OXT  sing N N 20  
ARG CB  CG   sing N N 21  
ARG CB  HB2  sing N N 22  
ARG CB  HB3  sing N N 23  
ARG CG  CD   sing N N 24  
ARG CG  HG2  sing N N 25  
ARG CG  HG3  sing N N 26  
ARG CD  NE   sing N N 27  
ARG CD  HD2  sing N N 28  
ARG CD  HD3  sing N N 29  
ARG NE  CZ   sing N N 30  
ARG NE  HE   sing N N 31  
ARG CZ  NH1  sing N N 32  
ARG CZ  NH2  doub N N 33  
ARG NH1 HH11 sing N N 34  
ARG NH1 HH12 sing N N 35  
ARG NH2 HH21 sing N N 36  
ARG NH2 HH22 sing N N 37  
ARG OXT HXT  sing N N 38  
ASN N   CA   sing N N 39  
ASN N   H    sing N N 40  
ASN N   H2   sing N N 41  
ASN CA  C    sing N N 42  
ASN CA  CB   sing N N 43  
ASN CA  HA   sing N N 44  
ASN C   O    doub N N 45  
ASN C   OXT  sing N N 46  
ASN CB  CG   sing N N 47  
ASN CB  HB2  sing N N 48  
ASN CB  HB3  sing N N 49  
ASN CG  OD1  doub N N 50  
ASN CG  ND2  sing N N 51  
ASN ND2 HD21 sing N N 52  
ASN ND2 HD22 sing N N 53  
ASN OXT HXT  sing N N 54  
ASP N   CA   sing N N 55  
ASP N   H    sing N N 56  
ASP N   H2   sing N N 57  
ASP CA  C    sing N N 58  
ASP CA  CB   sing N N 59  
ASP CA  HA   sing N N 60  
ASP C   O    doub N N 61  
ASP C   OXT  sing N N 62  
ASP CB  CG   sing N N 63  
ASP CB  HB2  sing N N 64  
ASP CB  HB3  sing N N 65  
ASP CG  OD1  doub N N 66  
ASP CG  OD2  sing N N 67  
ASP OD2 HD2  sing N N 68  
ASP OXT HXT  sing N N 69  
CYS N   CA   sing N N 70  
CYS N   H    sing N N 71  
CYS N   H2   sing N N 72  
CYS CA  C    sing N N 73  
CYS CA  CB   sing N N 74  
CYS CA  HA   sing N N 75  
CYS C   O    doub N N 76  
CYS C   OXT  sing N N 77  
CYS CB  SG   sing N N 78  
CYS CB  HB2  sing N N 79  
CYS CB  HB3  sing N N 80  
CYS SG  HG   sing N N 81  
CYS OXT HXT  sing N N 82  
GLN N   CA   sing N N 83  
GLN N   H    sing N N 84  
GLN N   H2   sing N N 85  
GLN CA  C    sing N N 86  
GLN CA  CB   sing N N 87  
GLN CA  HA   sing N N 88  
GLN C   O    doub N N 89  
GLN C   OXT  sing N N 90  
GLN CB  CG   sing N N 91  
GLN CB  HB2  sing N N 92  
GLN CB  HB3  sing N N 93  
GLN CG  CD   sing N N 94  
GLN CG  HG2  sing N N 95  
GLN CG  HG3  sing N N 96  
GLN CD  OE1  doub N N 97  
GLN CD  NE2  sing N N 98  
GLN NE2 HE21 sing N N 99  
GLN NE2 HE22 sing N N 100 
GLN OXT HXT  sing N N 101 
GLU N   CA   sing N N 102 
GLU N   H    sing N N 103 
GLU N   H2   sing N N 104 
GLU CA  C    sing N N 105 
GLU CA  CB   sing N N 106 
GLU CA  HA   sing N N 107 
GLU C   O    doub N N 108 
GLU C   OXT  sing N N 109 
GLU CB  CG   sing N N 110 
GLU CB  HB2  sing N N 111 
GLU CB  HB3  sing N N 112 
GLU CG  CD   sing N N 113 
GLU CG  HG2  sing N N 114 
GLU CG  HG3  sing N N 115 
GLU CD  OE1  doub N N 116 
GLU CD  OE2  sing N N 117 
GLU OE2 HE2  sing N N 118 
GLU OXT HXT  sing N N 119 
GLY N   CA   sing N N 120 
GLY N   H    sing N N 121 
GLY N   H2   sing N N 122 
GLY CA  C    sing N N 123 
GLY CA  HA2  sing N N 124 
GLY CA  HA3  sing N N 125 
GLY C   O    doub N N 126 
GLY C   OXT  sing N N 127 
GLY OXT HXT  sing N N 128 
HIS N   CA   sing N N 129 
HIS N   H    sing N N 130 
HIS N   H2   sing N N 131 
HIS CA  C    sing N N 132 
HIS CA  CB   sing N N 133 
HIS CA  HA   sing N N 134 
HIS C   O    doub N N 135 
HIS C   OXT  sing N N 136 
HIS CB  CG   sing N N 137 
HIS CB  HB2  sing N N 138 
HIS CB  HB3  sing N N 139 
HIS CG  ND1  sing Y N 140 
HIS CG  CD2  doub Y N 141 
HIS ND1 CE1  doub Y N 142 
HIS ND1 HD1  sing N N 143 
HIS CD2 NE2  sing Y N 144 
HIS CD2 HD2  sing N N 145 
HIS CE1 NE2  sing Y N 146 
HIS CE1 HE1  sing N N 147 
HIS NE2 HE2  sing N N 148 
HIS OXT HXT  sing N N 149 
HOH O   H1   sing N N 150 
HOH O   H2   sing N N 151 
ILE N   CA   sing N N 152 
ILE N   H    sing N N 153 
ILE N   H2   sing N N 154 
ILE CA  C    sing N N 155 
ILE CA  CB   sing N N 156 
ILE CA  HA   sing N N 157 
ILE C   O    doub N N 158 
ILE C   OXT  sing N N 159 
ILE CB  CG1  sing N N 160 
ILE CB  CG2  sing N N 161 
ILE CB  HB   sing N N 162 
ILE CG1 CD1  sing N N 163 
ILE CG1 HG12 sing N N 164 
ILE CG1 HG13 sing N N 165 
ILE CG2 HG21 sing N N 166 
ILE CG2 HG22 sing N N 167 
ILE CG2 HG23 sing N N 168 
ILE CD1 HD11 sing N N 169 
ILE CD1 HD12 sing N N 170 
ILE CD1 HD13 sing N N 171 
ILE OXT HXT  sing N N 172 
LEU N   CA   sing N N 173 
LEU N   H    sing N N 174 
LEU N   H2   sing N N 175 
LEU CA  C    sing N N 176 
LEU CA  CB   sing N N 177 
LEU CA  HA   sing N N 178 
LEU C   O    doub N N 179 
LEU C   OXT  sing N N 180 
LEU CB  CG   sing N N 181 
LEU CB  HB2  sing N N 182 
LEU CB  HB3  sing N N 183 
LEU CG  CD1  sing N N 184 
LEU CG  CD2  sing N N 185 
LEU CG  HG   sing N N 186 
LEU CD1 HD11 sing N N 187 
LEU CD1 HD12 sing N N 188 
LEU CD1 HD13 sing N N 189 
LEU CD2 HD21 sing N N 190 
LEU CD2 HD22 sing N N 191 
LEU CD2 HD23 sing N N 192 
LEU OXT HXT  sing N N 193 
LYS N   CA   sing N N 194 
LYS N   H    sing N N 195 
LYS N   H2   sing N N 196 
LYS CA  C    sing N N 197 
LYS CA  CB   sing N N 198 
LYS CA  HA   sing N N 199 
LYS C   O    doub N N 200 
LYS C   OXT  sing N N 201 
LYS CB  CG   sing N N 202 
LYS CB  HB2  sing N N 203 
LYS CB  HB3  sing N N 204 
LYS CG  CD   sing N N 205 
LYS CG  HG2  sing N N 206 
LYS CG  HG3  sing N N 207 
LYS CD  CE   sing N N 208 
LYS CD  HD2  sing N N 209 
LYS CD  HD3  sing N N 210 
LYS CE  NZ   sing N N 211 
LYS CE  HE2  sing N N 212 
LYS CE  HE3  sing N N 213 
LYS NZ  HZ1  sing N N 214 
LYS NZ  HZ2  sing N N 215 
LYS NZ  HZ3  sing N N 216 
LYS OXT HXT  sing N N 217 
MET N   CA   sing N N 218 
MET N   H    sing N N 219 
MET N   H2   sing N N 220 
MET CA  C    sing N N 221 
MET CA  CB   sing N N 222 
MET CA  HA   sing N N 223 
MET C   O    doub N N 224 
MET C   OXT  sing N N 225 
MET CB  CG   sing N N 226 
MET CB  HB2  sing N N 227 
MET CB  HB3  sing N N 228 
MET CG  SD   sing N N 229 
MET CG  HG2  sing N N 230 
MET CG  HG3  sing N N 231 
MET SD  CE   sing N N 232 
MET CE  HE1  sing N N 233 
MET CE  HE2  sing N N 234 
MET CE  HE3  sing N N 235 
MET OXT HXT  sing N N 236 
PHE N   CA   sing N N 237 
PHE N   H    sing N N 238 
PHE N   H2   sing N N 239 
PHE CA  C    sing N N 240 
PHE CA  CB   sing N N 241 
PHE CA  HA   sing N N 242 
PHE C   O    doub N N 243 
PHE C   OXT  sing N N 244 
PHE CB  CG   sing N N 245 
PHE CB  HB2  sing N N 246 
PHE CB  HB3  sing N N 247 
PHE CG  CD1  doub Y N 248 
PHE CG  CD2  sing Y N 249 
PHE CD1 CE1  sing Y N 250 
PHE CD1 HD1  sing N N 251 
PHE CD2 CE2  doub Y N 252 
PHE CD2 HD2  sing N N 253 
PHE CE1 CZ   doub Y N 254 
PHE CE1 HE1  sing N N 255 
PHE CE2 CZ   sing Y N 256 
PHE CE2 HE2  sing N N 257 
PHE CZ  HZ   sing N N 258 
PHE OXT HXT  sing N N 259 
PRO N   CA   sing N N 260 
PRO N   CD   sing N N 261 
PRO N   H    sing N N 262 
PRO CA  C    sing N N 263 
PRO CA  CB   sing N N 264 
PRO CA  HA   sing N N 265 
PRO C   O    doub N N 266 
PRO C   OXT  sing N N 267 
PRO CB  CG   sing N N 268 
PRO CB  HB2  sing N N 269 
PRO CB  HB3  sing N N 270 
PRO CG  CD   sing N N 271 
PRO CG  HG2  sing N N 272 
PRO CG  HG3  sing N N 273 
PRO CD  HD2  sing N N 274 
PRO CD  HD3  sing N N 275 
PRO OXT HXT  sing N N 276 
SER N   CA   sing N N 277 
SER N   H    sing N N 278 
SER N   H2   sing N N 279 
SER CA  C    sing N N 280 
SER CA  CB   sing N N 281 
SER CA  HA   sing N N 282 
SER C   O    doub N N 283 
SER C   OXT  sing N N 284 
SER CB  OG   sing N N 285 
SER CB  HB2  sing N N 286 
SER CB  HB3  sing N N 287 
SER OG  HG   sing N N 288 
SER OXT HXT  sing N N 289 
THR N   CA   sing N N 290 
THR N   H    sing N N 291 
THR N   H2   sing N N 292 
THR CA  C    sing N N 293 
THR CA  CB   sing N N 294 
THR CA  HA   sing N N 295 
THR C   O    doub N N 296 
THR C   OXT  sing N N 297 
THR CB  OG1  sing N N 298 
THR CB  CG2  sing N N 299 
THR CB  HB   sing N N 300 
THR OG1 HG1  sing N N 301 
THR CG2 HG21 sing N N 302 
THR CG2 HG22 sing N N 303 
THR CG2 HG23 sing N N 304 
THR OXT HXT  sing N N 305 
TRP N   CA   sing N N 306 
TRP N   H    sing N N 307 
TRP N   H2   sing N N 308 
TRP CA  C    sing N N 309 
TRP CA  CB   sing N N 310 
TRP CA  HA   sing N N 311 
TRP C   O    doub N N 312 
TRP C   OXT  sing N N 313 
TRP CB  CG   sing N N 314 
TRP CB  HB2  sing N N 315 
TRP CB  HB3  sing N N 316 
TRP CG  CD1  doub Y N 317 
TRP CG  CD2  sing Y N 318 
TRP CD1 NE1  sing Y N 319 
TRP CD1 HD1  sing N N 320 
TRP CD2 CE2  doub Y N 321 
TRP CD2 CE3  sing Y N 322 
TRP NE1 CE2  sing Y N 323 
TRP NE1 HE1  sing N N 324 
TRP CE2 CZ2  sing Y N 325 
TRP CE3 CZ3  doub Y N 326 
TRP CE3 HE3  sing N N 327 
TRP CZ2 CH2  doub Y N 328 
TRP CZ2 HZ2  sing N N 329 
TRP CZ3 CH2  sing Y N 330 
TRP CZ3 HZ3  sing N N 331 
TRP CH2 HH2  sing N N 332 
TRP OXT HXT  sing N N 333 
TYR N   CA   sing N N 334 
TYR N   H    sing N N 335 
TYR N   H2   sing N N 336 
TYR CA  C    sing N N 337 
TYR CA  CB   sing N N 338 
TYR CA  HA   sing N N 339 
TYR C   O    doub N N 340 
TYR C   OXT  sing N N 341 
TYR CB  CG   sing N N 342 
TYR CB  HB2  sing N N 343 
TYR CB  HB3  sing N N 344 
TYR CG  CD1  doub Y N 345 
TYR CG  CD2  sing Y N 346 
TYR CD1 CE1  sing Y N 347 
TYR CD1 HD1  sing N N 348 
TYR CD2 CE2  doub Y N 349 
TYR CD2 HD2  sing N N 350 
TYR CE1 CZ   doub Y N 351 
TYR CE1 HE1  sing N N 352 
TYR CE2 CZ   sing Y N 353 
TYR CE2 HE2  sing N N 354 
TYR CZ  OH   sing N N 355 
TYR OH  HH   sing N N 356 
TYR OXT HXT  sing N N 357 
VAL N   CA   sing N N 358 
VAL N   H    sing N N 359 
VAL N   H2   sing N N 360 
VAL CA  C    sing N N 361 
VAL CA  CB   sing N N 362 
VAL CA  HA   sing N N 363 
VAL C   O    doub N N 364 
VAL C   OXT  sing N N 365 
VAL CB  CG1  sing N N 366 
VAL CB  CG2  sing N N 367 
VAL CB  HB   sing N N 368 
VAL CG1 HG11 sing N N 369 
VAL CG1 HG12 sing N N 370 
VAL CG1 HG13 sing N N 371 
VAL CG2 HG21 sing N N 372 
VAL CG2 HG22 sing N N 373 
VAL CG2 HG23 sing N N 374 
VAL OXT HXT  sing N N 375 
ZIM C1  C2   doub Y N 376 
ZIM C2  C3   sing Y N 377 
ZIM C3  C4   doub Y N 378 
ZIM C4  C5   sing Y N 379 
ZIM C5  C6   doub Y N 380 
ZIM C6  N1   sing N N 381 
ZIM N1  C7   sing N N 382 
ZIM C7  O1   doub N N 383 
ZIM C7  N2   sing N N 384 
ZIM N2  C8   sing N N 385 
ZIM C8  C9   sing N N 386 
ZIM C9  N3   sing N N 387 
ZIM N3  C10  sing N N 388 
ZIM C10 C11  sing N N 389 
ZIM N3  C12  sing N N 390 
ZIM C12 O2   doub N N 391 
ZIM C12 C13  sing N N 392 
ZIM C13 C14  doub Y N 393 
ZIM C14 C15  sing Y N 394 
ZIM C15 C16  doub Y N 395 
ZIM C16 O3   sing Y N 396 
ZIM C1  C6   sing Y N 397 
ZIM N2  C11  sing N N 398 
ZIM C13 O3   sing Y N 399 
ZIM N1  H5   sing N N 400 
ZIM C4  H3   sing N N 401 
ZIM C5  H4   sing N N 402 
ZIM C8  H6   sing N N 403 
ZIM C8  H7   sing N N 404 
ZIM C10 H10  sing N N 405 
ZIM C10 H11  sing N N 406 
ZIM C15 H15  sing N N 407 
ZIM C2  H1   sing N N 408 
ZIM C3  H2   sing N N 409 
ZIM C9  H9   sing N N 410 
ZIM C9  H8   sing N N 411 
ZIM C11 H13  sing N N 412 
ZIM C11 H12  sing N N 413 
ZIM C14 H14  sing N N 414 
ZIM C16 H16  sing N N 415 
ZIM C1  CL1  sing N N 416 
# 
_pdbx_audit_support.ordinal                1 
_pdbx_audit_support.funding_organization   'Wellcome Trust' 
_pdbx_audit_support.grant_number           None 
_pdbx_audit_support.country                'United Kingdom' 
# 
_pdbx_deposit_group.group_id            G_1002265 
_pdbx_deposit_group.group_description   
;XDomainX of XOrganismX PHIP screened against predicted false negatives and catalogue compounds by X-ray Crystallography at the XChem facility of Diamond Light Source beamline I04-1
;
_pdbx_deposit_group.group_title         'PanDDA analysis group deposition' 
_pdbx_deposit_group.group_type          'changed state' 
# 
_pdbx_entity_instance_feature.ordinal        1 
_pdbx_entity_instance_feature.comp_id        ZIM 
_pdbx_entity_instance_feature.asym_id        ? 
_pdbx_entity_instance_feature.seq_num        ? 
_pdbx_entity_instance_feature.auth_comp_id   ZIM 
_pdbx_entity_instance_feature.auth_asym_id   ? 
_pdbx_entity_instance_feature.auth_seq_num   ? 
_pdbx_entity_instance_feature.feature_type   'SUBJECT OF INVESTIGATION' 
_pdbx_entity_instance_feature.details        ? 
# 
_atom_sites.entry_id                    7FUS 
_atom_sites.fract_transf_matrix[1][1]   -0.00855207 
_atom_sites.fract_transf_matrix[1][2]   0.00090828 
_atom_sites.fract_transf_matrix[1][3]   0.00890615 
_atom_sites.fract_transf_matrix[2][1]   -0.02320979 
_atom_sites.fract_transf_matrix[2][2]   0.01490780 
_atom_sites.fract_transf_matrix[2][3]   -0.02380737 
_atom_sites.fract_transf_matrix[3][1]   -0.00819708 
_atom_sites.fract_transf_matrix[3][2]   -0.01589033 
_atom_sites.fract_transf_matrix[3][3]   -0.00195895 
_atom_sites.fract_transf_vector[1]      -0.146968 
_atom_sites.fract_transf_vector[2]      0.450204 
_atom_sites.fract_transf_vector[3]      0.217566 
# 
loop_
_atom_type.symbol 
C  
CL 
N  
O  
S  
# 
loop_
_atom_site.group_PDB 
_atom_site.id 
_atom_site.type_symbol 
_atom_site.label_atom_id 
_atom_site.label_alt_id 
_atom_site.label_comp_id 
_atom_site.label_asym_id 
_atom_site.label_entity_id 
_atom_site.label_seq_id 
_atom_site.pdbx_PDB_ins_code 
_atom_site.Cartn_x 
_atom_site.Cartn_y 
_atom_site.Cartn_z 
_atom_site.occupancy 
_atom_site.B_iso_or_equiv 
_atom_site.pdbx_formal_charge 
_atom_site.auth_seq_id 
_atom_site.auth_comp_id 
_atom_site.auth_asym_id 
_atom_site.auth_atom_id 
_atom_site.pdbx_PDB_model_num 
ATOM   1    N  N   . SER A 1 24  ? 7.895   21.257  3.592   1.00 21.43 ? 1315 SER A N   1 
ATOM   2    C  CA  . SER A 1 24  ? 6.785   21.512  4.578   1.00 20.20 ? 1315 SER A CA  1 
ATOM   3    C  C   . SER A 1 24  ? 7.056   20.806  5.914   1.00 19.48 ? 1315 SER A C   1 
ATOM   4    O  O   . SER A 1 24  ? 7.420   19.612  5.854   1.00 22.13 ? 1315 SER A O   1 
ATOM   5    C  CB  . SER A 1 24  ? 5.476   21.054  4.014   1.00 20.03 ? 1315 SER A CB  1 
ATOM   6    O  OG  . SER A 1 24  ? 4.451   21.198  4.988   1.00 18.44 ? 1315 SER A OG  1 
ATOM   7    N  N   . TYR A 1 25  ? 6.824   21.467  7.070   1.00 17.76 ? 1316 TYR A N   1 
ATOM   8    C  CA  . TYR A 1 25  ? 6.877   20.827  8.418   1.00 14.37 ? 1316 TYR A CA  1 
ATOM   9    C  C   . TYR A 1 25  ? 5.453   20.493  8.912   1.00 13.37 ? 1316 TYR A C   1 
ATOM   10   O  O   . TYR A 1 25  ? 5.259   20.310  10.121  1.00 12.74 ? 1316 TYR A O   1 
ATOM   11   C  CB  . TYR A 1 25  ? 7.652   21.676  9.423   1.00 14.54 ? 1316 TYR A CB  1 
ATOM   12   C  CG  . TYR A 1 25  ? 9.070   21.996  9.009   1.00 13.66 ? 1316 TYR A CG  1 
ATOM   13   C  CD1 . TYR A 1 25  ? 9.992   21.009  8.695   1.00 13.55 ? 1316 TYR A CD1 1 
ATOM   14   C  CD2 . TYR A 1 25  ? 9.500   23.309  9.013   1.00 13.58 ? 1316 TYR A CD2 1 
ATOM   15   C  CE1 . TYR A 1 25  ? 11.287  21.327  8.312   1.00 13.54 ? 1316 TYR A CE1 1 
ATOM   16   C  CE2 . TYR A 1 25  ? 10.795  23.644  8.649   1.00 13.72 ? 1316 TYR A CE2 1 
ATOM   17   C  CZ  . TYR A 1 25  ? 11.692  22.648  8.308   1.00 13.15 ? 1316 TYR A CZ  1 
ATOM   18   O  OH  . TYR A 1 25  ? 12.994  22.940  7.960   1.00 14.14 ? 1316 TYR A OH  1 
ATOM   19   N  N   . ASP A 1 26  ? 4.503   20.314  7.992   1.00 12.85 ? 1317 ASP A N   1 
ATOM   20   C  CA  . ASP A 1 26  ? 3.109   19.918  8.369   1.00 12.56 ? 1317 ASP A CA  1 
ATOM   21   C  C   . ASP A 1 26  ? 3.082   18.426  8.743   1.00 11.91 ? 1317 ASP A C   1 
ATOM   22   O  O   . ASP A 1 26  ? 3.231   17.555  7.849   1.00 12.77 ? 1317 ASP A O   1 
ATOM   23   C  CB  . ASP A 1 26  ? 2.175   20.271  7.230   1.00 13.23 ? 1317 ASP A CB  1 
ATOM   24   C  CG  . ASP A 1 26  ? 0.702   19.973  7.480   1.00 13.27 ? 1317 ASP A CG  1 
ATOM   25   O  OD1 . ASP A 1 26  ? 0.382   19.215  8.432   1.00 14.09 ? 1317 ASP A OD1 1 
ATOM   26   O  OD2 . ASP A 1 26  ? -0.132  20.560  6.737   1.00 18.29 ? 1317 ASP A OD2 1 
ATOM   27   N  N   . ILE A 1 27  ? 2.874   18.131  10.032  1.00 11.55 ? 1318 ILE A N   1 
ATOM   28   C  CA  . ILE A 1 27  ? 2.839   16.751  10.606  1.00 11.92 ? 1318 ILE A CA  1 
ATOM   29   C  C   . ILE A 1 27  ? 1.630   15.987  10.042  1.00 11.91 ? 1318 ILE A C   1 
ATOM   30   O  O   . ILE A 1 27  ? 1.706   14.754  10.017  1.00 12.23 ? 1318 ILE A O   1 
ATOM   31   C  CB  . ILE A 1 27  ? 2.818   16.797  12.149  1.00 12.13 ? 1318 ILE A CB  1 
ATOM   32   C  CG1 . ILE A 1 27  ? 4.072   17.481  12.717  1.00 12.80 ? 1318 ILE A CG1 1 
ATOM   33   C  CG2 . ILE A 1 27  ? 2.599   15.406  12.744  1.00 12.76 ? 1318 ILE A CG2 1 
ATOM   34   C  CD1 . ILE A 1 27  ? 3.986   17.889  14.171  1.00 12.48 ? 1318 ILE A CD1 1 
ATOM   35   N  N   . GLN A 1 28  ? 0.560   16.678  9.608   1.00 11.08 ? 1319 GLN A N   1 
ATOM   36   C  CA  . GLN A 1 28  ? -0.694  15.993  9.145   1.00 11.27 ? 1319 GLN A CA  1 
ATOM   37   C  C   . GLN A 1 28  ? -0.761  15.822  7.639   1.00 11.66 ? 1319 GLN A C   1 
ATOM   38   O  O   . GLN A 1 28  ? -1.685  15.119  7.152   1.00 11.69 ? 1319 GLN A O   1 
ATOM   39   C  CB  . GLN A 1 28  ? -1.952  16.726  9.622   1.00 11.36 ? 1319 GLN A CB  1 
ATOM   40   C  CG  . GLN A 1 28  ? -2.207  16.532  11.128  1.00 12.82 ? 1319 GLN A CG  1 
ATOM   41   C  CD  . GLN A 1 28  ? -1.596  17.586  12.034  1.00 10.85 ? 1319 GLN A CD  1 
ATOM   42   O  OE1 . GLN A 1 28  ? -1.722  18.799  11.814  1.00 12.72 ? 1319 GLN A OE1 1 
ATOM   43   N  NE2 . GLN A 1 28  ? -0.991  17.151  13.106  1.00 12.45 ? 1319 GLN A NE2 1 
ATOM   44   N  N   . ALA A 1 29  ? 0.211   16.378  6.868   1.00 11.50 ? 1320 ALA A N   1 
ATOM   45   C  CA  . ALA A 1 29  ? 0.061   16.451  5.398   1.00 11.51 ? 1320 ALA A CA  1 
ATOM   46   C  C   . ALA A 1 29  ? 0.030   15.051  4.727   1.00 10.34 ? 1320 ALA A C   1 
ATOM   47   O  O   . ALA A 1 29  ? -0.531  14.918  3.613   1.00 11.49 ? 1320 ALA A O   1 
ATOM   48   C  CB  . ALA A 1 29  ? 1.107   17.351  4.782   1.00 12.51 ? 1320 ALA A CB  1 
ATOM   49   N  N   . TRP A 1 30  ? 0.678   14.069  5.353   1.00 10.94 ? 1321 TRP A N   1 
ATOM   50   C  CA  . TRP A 1 30  ? 0.787   12.709  4.782   1.00 10.77 ? 1321 TRP A CA  1 
ATOM   51   C  C   . TRP A 1 30  ? -0.602  12.133  4.463   1.00 10.88 ? 1321 TRP A C   1 
ATOM   52   O  O   . TRP A 1 30  ? -0.707  11.356  3.531   1.00 11.18 ? 1321 TRP A O   1 
ATOM   53   C  CB  . TRP A 1 30  ? 1.545   11.786  5.746   1.00 11.22 ? 1321 TRP A CB  1 
ATOM   54   C  CG  . TRP A 1 30  ? 0.810   11.558  7.032   1.00 11.40 ? 1321 TRP A CG  1 
ATOM   55   C  CD1 . TRP A 1 30  ? 0.852   12.350  8.124   1.00 12.00 ? 1321 TRP A CD1 1 
ATOM   56   C  CD2 . TRP A 1 30  ? -0.132  10.503  7.329   1.00 10.97 ? 1321 TRP A CD2 1 
ATOM   57   N  NE1 . TRP A 1 30  ? 0.040   11.853  9.121   1.00 12.36 ? 1321 TRP A NE1 1 
ATOM   58   C  CE2 . TRP A 1 30  ? -0.567  10.724  8.657   1.00 11.76 ? 1321 TRP A CE2 1 
ATOM   59   C  CE3 . TRP A 1 30  ? -0.559  9.354   6.671   1.00 11.34 ? 1321 TRP A CE3 1 
ATOM   60   C  CZ2 . TRP A 1 30  ? -1.477  9.876   9.301   1.00 12.46 ? 1321 TRP A CZ2 1 
ATOM   61   C  CZ3 . TRP A 1 30  ? -1.476  8.525   7.282   1.00 12.45 ? 1321 TRP A CZ3 1 
ATOM   62   C  CH2 . TRP A 1 30  ? -1.934  8.800   8.567   1.00 13.27 ? 1321 TRP A CH2 1 
ATOM   63   N  N   . LYS A 1 31  ? -1.646  12.511  5.210   1.00 10.90 ? 1322 LYS A N   1 
ATOM   64   C  CA  . LYS A 1 31  ? -2.940  11.807  5.069   1.00 11.20 ? 1322 LYS A CA  1 
ATOM   65   C  C   . LYS A 1 31  ? -3.547  12.080  3.687   1.00 11.73 ? 1322 LYS A C   1 
ATOM   66   O  O   . LYS A 1 31  ? -3.883  11.143  2.947   1.00 12.30 ? 1322 LYS A O   1 
ATOM   67   C  CB  . LYS A 1 31  ? -3.847  12.103  6.267   1.00 11.53 ? 1322 LYS A CB  1 
ATOM   68   C  CG  . LYS A 1 31  ? -5.189  11.380  6.175   1.00 12.62 ? 1322 LYS A CG  1 
ATOM   69   C  CD  . LYS A 1 31  ? -6.007  11.538  7.412   1.00 13.39 ? 1322 LYS A CD  1 
ATOM   70   C  CE  . LYS A 1 31  ? -7.318  10.778  7.370   1.00 13.62 ? 1322 LYS A CE  1 
ATOM   71   N  NZ  . LYS A 1 31  ? -7.984  10.998  8.676   1.00 14.72 ? 1322 LYS A NZ  1 
ATOM   72   N  N   . LYS A 1 32  ? -3.663  13.360  3.340   1.00 12.57 ? 1323 LYS A N   1 
ATOM   73   C  CA  . LYS A 1 32  ? -4.170  13.785  2.019   1.00 13.24 ? 1323 LYS A CA  1 
ATOM   74   C  C   . LYS A 1 32  ? -3.243  13.275  0.909   1.00 12.55 ? 1323 LYS A C   1 
ATOM   75   O  O   . LYS A 1 32  ? -3.745  12.855  -0.129  1.00 12.34 ? 1323 LYS A O   1 
ATOM   76   C  CB  . LYS A 1 32  ? -4.295  15.308  2.014   1.00 15.29 ? 1323 LYS A CB  1 
ATOM   77   C  CG  . LYS A 1 32  ? -4.935  15.897  0.773   1.00 17.69 ? 1323 LYS A CG  1 
ATOM   78   C  CD  . LYS A 1 32  ? -5.555  17.271  0.995   1.00 19.86 ? 1323 LYS A CD  1 
ATOM   79   C  CE  . LYS A 1 32  ? -6.343  17.784  -0.197  1.00 22.04 ? 1323 LYS A CE  1 
ATOM   80   N  NZ  . LYS A 1 32  ? -7.750  17.310  -0.202  1.00 23.83 ? 1323 LYS A NZ  1 
ATOM   81   N  N   . GLN A 1 33  ? -1.929  13.289  1.138   1.00 12.00 ? 1324 GLN A N   1 
ATOM   82   C  CA  . GLN A 1 33  ? -0.949  12.795  0.137   1.00 12.15 ? 1324 GLN A CA  1 
ATOM   83   C  C   . GLN A 1 33  ? -1.225  11.300  -0.114  1.00 12.28 ? 1324 GLN A C   1 
ATOM   84   O  O   . GLN A 1 33  ? -1.222  10.864  -1.272  1.00 12.05 ? 1324 GLN A O   1 
ATOM   85   C  CB  . GLN A 1 33  ? 0.477   13.020  0.598   1.00 13.58 ? 1324 GLN A CB  1 
ATOM   86   C  CG  . GLN A 1 33  ? 0.853   14.503  0.575   1.00 13.28 ? 1324 GLN A CG  1 
ATOM   87   C  CD  . GLN A 1 33  ? 2.081   14.817  1.356   1.00 15.17 ? 1324 GLN A CD  1 
ATOM   88   O  OE1 . GLN A 1 33  ? 2.681   13.991  2.019   1.00 15.98 ? 1324 GLN A OE1 1 
ATOM   89   N  NE2 . GLN A 1 33  ? 2.407   16.105  1.388   1.00 16.53 ? 1324 GLN A NE2 1 
ATOM   90   N  N   . CYS A 1 34  ? -1.469  10.525  0.940   1.00 11.57 ? 1325 CYS A N   1 
ATOM   91   C  CA  . CYS A 1 34  ? -1.811  9.099   0.758   1.00 11.54 ? 1325 CYS A CA  1 
ATOM   92   C  C   . CYS A 1 34  ? -3.183  8.901   0.109   1.00 12.02 ? 1325 CYS A C   1 
ATOM   93   O  O   . CYS A 1 34  ? -3.343  7.974   -0.737  1.00 11.90 ? 1325 CYS A O   1 
ATOM   94   C  CB  . CYS A 1 34  ? -1.727  8.399   2.094   1.00 11.06 ? 1325 CYS A CB  1 
ATOM   95   S  SG  . CYS A 1 34  ? -0.051  8.132   2.750   1.00 12.31 ? 1325 CYS A SG  1 
ATOM   96   N  N   . GLU A 1 35  ? -4.178  9.710   0.416   1.00 12.01 ? 1326 GLU A N   1 
ATOM   97   C  CA  . GLU A 1 35  ? -5.481  9.636   -0.288  1.00 13.60 ? 1326 GLU A CA  1 
ATOM   98   C  C   . GLU A 1 35  ? -5.303  9.838   -1.795  1.00 13.47 ? 1326 GLU A C   1 
ATOM   99   O  O   . GLU A 1 35  ? -5.885  9.081   -2.590  1.00 14.65 ? 1326 GLU A O   1 
ATOM   100  C  CB  . GLU A 1 35  ? -6.435  10.695  0.240   1.00 14.85 ? 1326 GLU A CB  1 
ATOM   101  C  CG  . GLU A 1 35  ? -6.906  10.517  1.659   1.00 17.63 ? 1326 GLU A CG  1 
ATOM   102  C  CD  . GLU A 1 35  ? -7.681  11.696  2.267   1.00 21.51 ? 1326 GLU A CD  1 
ATOM   103  O  OE1 . GLU A 1 35  ? -7.866  12.736  1.578   1.00 26.86 ? 1326 GLU A OE1 1 
ATOM   104  O  OE2 . GLU A 1 35  ? -8.018  11.608  3.488   1.00 22.62 ? 1326 GLU A OE2 1 
ATOM   105  N  N   . GLU A 1 36  ? -4.501  10.833  -2.178  1.00 14.11 ? 1327 GLU A N   1 
ATOM   106  C  CA  . GLU A 1 36  ? -4.213  11.166  -3.593  1.00 15.06 ? 1327 GLU A CA  1 
ATOM   107  C  C   . GLU A 1 36  ? -3.518  9.966   -4.244  1.00 14.04 ? 1327 GLU A C   1 
ATOM   108  O  O   . GLU A 1 36  ? -3.897  9.611   -5.381  1.00 15.39 ? 1327 GLU A O   1 
ATOM   109  C  CB  . GLU A 1 36  ? -3.370  12.446  -3.686  1.00 17.12 ? 1327 GLU A CB  1 
ATOM   110  C  CG  . GLU A 1 36  ? -4.085  13.672  -3.143  1.00 20.28 ? 1327 GLU A CG  1 
ATOM   111  C  CD  . GLU A 1 36  ? -3.304  14.983  -3.142  1.00 24.40 ? 1327 GLU A CD  1 
ATOM   112  O  OE1 . GLU A 1 36  ? -2.345  15.110  -3.944  1.00 25.42 ? 1327 GLU A OE1 1 
ATOM   113  O  OE2 . GLU A 1 36  ? -3.651  15.881  -2.314  1.00 27.26 ? 1327 GLU A OE2 1 
ATOM   114  N  N   . LEU A 1 37  ? -2.501  9.399   -3.585  1.00 13.49 ? 1328 LEU A N   1 
ATOM   115  C  CA  . LEU A 1 37  ? -1.741  8.266   -4.169  1.00 12.71 ? 1328 LEU A CA  1 
ATOM   116  C  C   . LEU A 1 37  ? -2.667  7.048   -4.309  1.00 12.22 ? 1328 LEU A C   1 
ATOM   117  O  O   . LEU A 1 37  ? -2.623  6.340   -5.355  1.00 12.84 ? 1328 LEU A O   1 
ATOM   118  C  CB  . LEU A 1 37  ? -0.503  7.966   -3.338  1.00 13.52 ? 1328 LEU A CB  1 
ATOM   119  C  CG  . LEU A 1 37  ? 0.324   6.760   -3.752  1.00 12.39 ? 1328 LEU A CG  1 
ATOM   120  C  CD1 . LEU A 1 37  ? 0.733   6.844   -5.213  1.00 13.90 ? 1328 LEU A CD1 1 
ATOM   121  C  CD2 . LEU A 1 37  ? 1.524   6.653   -2.879  1.00 13.98 ? 1328 LEU A CD2 1 
ATOM   122  N  N   . LEU A 1 38  ? -3.526  6.765   -3.336  1.00 12.38 ? 1329 LEU A N   1 
ATOM   123  C  CA  . LEU A 1 38  ? -4.521  5.675   -3.496  1.00 12.63 ? 1329 LEU A CA  1 
ATOM   124  C  C   . LEU A 1 38  ? -5.463  5.970   -4.667  1.00 14.00 ? 1329 LEU A C   1 
ATOM   125  O  O   . LEU A 1 38  ? -5.795  5.023   -5.429  1.00 15.57 ? 1329 LEU A O   1 
ATOM   126  C  CB  . LEU A 1 38  ? -5.295  5.475   -2.195  1.00 13.75 ? 1329 LEU A CB  1 
ATOM   127  C  CG  . LEU A 1 38  ? -4.501  4.893   -1.034  1.00 13.45 ? 1329 LEU A CG  1 
ATOM   128  C  CD1 . LEU A 1 38  ? -5.282  5.086   0.275   1.00 15.56 ? 1329 LEU A CD1 1 
ATOM   129  C  CD2 . LEU A 1 38  ? -4.145  3.425   -1.268  1.00 15.54 ? 1329 LEU A CD2 1 
ATOM   130  N  N   . ASN A 1 39  ? -5.860  7.200   -4.879  1.00 15.10 ? 1330 ASN A N   1 
ATOM   131  C  CA  . ASN A 1 39  ? -6.654  7.546   -6.097  1.00 17.58 ? 1330 ASN A CA  1 
ATOM   132  C  C   . ASN A 1 39  ? -5.878  7.164   -7.368  1.00 15.60 ? 1330 ASN A C   1 
ATOM   133  O  O   . ASN A 1 39  ? -6.471  6.508   -8.324  1.00 17.86 ? 1330 ASN A O   1 
ATOM   134  C  CB  . ASN A 1 39  ? -7.106  9.009   -6.069  1.00 19.32 ? 1330 ASN A CB  1 
ATOM   135  C  CG  . ASN A 1 39  ? -8.186  9.309   -5.041  1.00 23.42 ? 1330 ASN A CG  1 
ATOM   136  O  OD1 . ASN A 1 39  ? -8.876  8.406   -4.569  1.00 27.98 ? 1330 ASN A OD1 1 
ATOM   137  N  ND2 . ASN A 1 39  ? -8.342  10.575  -4.677  1.00 25.66 ? 1330 ASN A ND2 1 
ATOM   138  N  N   . LEU A 1 40  ? -4.608  7.498   -7.468  1.00 15.26 ? 1331 LEU A N   1 
ATOM   139  C  CA  . LEU A 1 40  ? -3.798  7.160   -8.668  1.00 15.93 ? 1331 LEU A CA  1 
ATOM   140  C  C   . LEU A 1 40  ? -3.731  5.631   -8.802  1.00 15.53 ? 1331 LEU A C   1 
ATOM   141  O  O   . LEU A 1 40  ? -3.887  5.094   -9.929  1.00 17.23 ? 1331 LEU A O   1 
ATOM   142  C  CB  . LEU A 1 40  ? -2.400  7.750   -8.538  1.00 15.91 ? 1331 LEU A CB  1 
ATOM   143  C  CG  . LEU A 1 40  ? -2.282  9.275   -8.636  1.00 16.13 ? 1331 LEU A CG  1 
ATOM   144  C  CD1 . LEU A 1 40  ? -0.853  9.721   -8.414  1.00 20.17 ? 1331 LEU A CD1 1 
ATOM   145  C  CD2 . LEU A 1 40  ? -2.824  9.804   -9.973  1.00 20.32 ? 1331 LEU A CD2 1 
ATOM   146  N  N   . ILE A 1 41  ? -3.566  4.905   -7.698  1.00 13.58 ? 1332 ILE A N   1 
ATOM   147  C  CA  . ILE A 1 41  ? -3.444  3.428   -7.749  1.00 13.18 ? 1332 ILE A CA  1 
ATOM   148  C  C   . ILE A 1 41  ? -4.766  2.822   -8.236  1.00 14.35 ? 1332 ILE A C   1 
ATOM   149  O  O   . ILE A 1 41  ? -4.752  1.945   -9.139  1.00 14.15 ? 1332 ILE A O   1 
ATOM   150  C  CB  . ILE A 1 41  ? -3.030  2.896   -6.361  1.00 13.32 ? 1332 ILE A CB  1 
ATOM   151  C  CG1 . ILE A 1 41  ? -1.564  3.247   -6.113  1.00 14.21 ? 1332 ILE A CG1 1 
ATOM   152  C  CG2 . ILE A 1 41  ? -3.308  1.391   -6.234  1.00 12.52 ? 1332 ILE A CG2 1 
ATOM   153  C  CD1 . ILE A 1 41  ? -1.086  2.994   -4.723  1.00 15.70 ? 1332 ILE A CD1 1 
ATOM   154  N  N   . PHE A 1 42  ? -5.913  3.333   -7.798  1.00 15.59 ? 1333 PHE A N   1 
ATOM   155  C  CA  . PHE A 1 42  ? -7.255  2.898   -8.308  1.00 18.38 ? 1333 PHE A CA  1 
ATOM   156  C  C   . PHE A 1 42  ? -7.432  3.247   -9.802  1.00 20.19 ? 1333 PHE A C   1 
ATOM   157  O  O   . PHE A 1 42  ? -8.143  2.444   -10.488 1.00 27.38 ? 1333 PHE A O   1 
ATOM   158  C  CB  . PHE A 1 42  ? -8.355  3.428   -7.383  1.00 18.32 ? 1333 PHE A CB  1 
ATOM   159  C  CG  . PHE A 1 42  ? -8.620  2.554   -6.176  1.00 17.82 ? 1333 PHE A CG  1 
ATOM   160  C  CD1 . PHE A 1 42  ? -9.579  1.551   -6.206  1.00 19.69 ? 1333 PHE A CD1 1 
ATOM   161  C  CD2 . PHE A 1 42  ? -7.945  2.758   -4.978  1.00 20.87 ? 1333 PHE A CD2 1 
ATOM   162  C  CE1 . PHE A 1 42  ? -9.824  0.760   -5.085  1.00 22.57 ? 1333 PHE A CE1 1 
ATOM   163  C  CE2 . PHE A 1 42  ? -8.200  1.968   -3.863  1.00 20.55 ? 1333 PHE A CE2 1 
ATOM   164  C  CZ  . PHE A 1 42  ? -9.121  0.952   -3.924  1.00 21.41 ? 1333 PHE A CZ  1 
ATOM   165  N  N   . GLN A 1 43  ? -6.742  4.234   -10.386 1.00 19.32 ? 1334 GLN A N   1 
ATOM   166  C  CA  . GLN A 1 43  ? -6.823  4.512   -11.875 1.00 20.63 ? 1334 GLN A CA  1 
ATOM   167  C  C   . GLN A 1 43  ? -5.920  3.591   -12.704 1.00 21.74 ? 1334 GLN A C   1 
ATOM   168  O  O   . GLN A 1 43  ? -6.108  3.475   -13.932 1.00 23.92 ? 1334 GLN A O   1 
ATOM   169  C  CB  . GLN A 1 43  ? -6.421  5.964   -12.140 1.00 21.12 ? 1334 GLN A CB  1 
ATOM   170  C  CG  . GLN A 1 43  ? -7.351  6.953   -11.471 1.00 23.21 ? 1334 GLN A CG  1 
ATOM   171  N  N   A CYS A 1 44  ? -4.951  2.953   -12.052 0.32 18.96 ? 1335 CYS A N   1 
ATOM   172  N  N   B CYS A 1 44  ? -4.937  2.953   -12.062 0.32 19.55 ? 1335 CYS A N   1 
ATOM   173  C  CA  A CYS A 1 44  ? -3.987  2.019   -12.677 0.32 17.30 ? 1335 CYS A CA  1 
ATOM   174  C  CA  B CYS A 1 44  ? -3.957  2.039   -12.703 0.32 18.17 ? 1335 CYS A CA  1 
ATOM   175  C  C   A CYS A 1 44  ? -4.729  0.715   -13.001 0.32 17.39 ? 1335 CYS A C   1 
ATOM   176  C  C   B CYS A 1 44  ? -4.660  0.705   -12.998 0.32 17.82 ? 1335 CYS A C   1 
ATOM   177  O  O   A CYS A 1 44  ? -5.352  0.124   -12.090 0.32 16.36 ? 1335 CYS A O   1 
ATOM   178  O  O   B CYS A 1 44  ? -5.156  0.063   -12.058 0.32 16.54 ? 1335 CYS A O   1 
ATOM   179  C  CB  A CYS A 1 44  ? -2.790  1.739   -11.767 0.32 16.15 ? 1335 CYS A CB  1 
ATOM   180  C  CB  B CYS A 1 44  ? -2.729  1.769   -11.828 0.32 17.80 ? 1335 CYS A CB  1 
ATOM   181  S  SG  A CYS A 1 44  ? -1.708  3.182   -11.624 0.32 18.78 ? 1335 CYS A SG  1 
ATOM   182  S  SG  B CYS A 1 44  ? -1.322  1.098   -12.758 0.32 22.30 ? 1335 CYS A SG  1 
ATOM   183  N  N   . GLU A 1 45  ? -4.682  0.260   -14.257 1.00 17.37 ? 1336 GLU A N   1 
ATOM   184  C  CA  . GLU A 1 45  ? -5.230  -1.090  -14.577 1.00 15.59 ? 1336 GLU A CA  1 
ATOM   185  C  C   . GLU A 1 45  ? -4.504  -2.199  -13.783 1.00 14.17 ? 1336 GLU A C   1 
ATOM   186  O  O   . GLU A 1 45  ? -5.148  -3.208  -13.437 1.00 14.42 ? 1336 GLU A O   1 
ATOM   187  C  CB  . GLU A 1 45  ? -5.072  -1.379  -16.067 1.00 15.92 ? 1336 GLU A CB  1 
ATOM   188  C  CG  . GLU A 1 45  ? -6.021  -0.527  -16.894 1.00 19.52 ? 1336 GLU A CG  1 
ATOM   189  C  CD  . GLU A 1 45  ? -5.963  -0.687  -18.392 1.00 22.60 ? 1336 GLU A CD  1 
ATOM   190  O  OE1 . GLU A 1 45  ? -5.132  -1.494  -18.876 1.00 22.74 ? 1336 GLU A OE1 1 
ATOM   191  O  OE2 . GLU A 1 45  ? -6.751  0.027   -19.069 1.00 22.72 ? 1336 GLU A OE2 1 
ATOM   192  N  N   . ASP A 1 46  ? -3.233  -1.976  -13.468 1.00 13.85 ? 1337 ASP A N   1 
ATOM   193  C  CA  . ASP A 1 46  ? -2.446  -2.962  -12.681 1.00 13.76 ? 1337 ASP A CA  1 
ATOM   194  C  C   . ASP A 1 46  ? -2.992  -3.136  -11.253 1.00 12.84 ? 1337 ASP A C   1 
ATOM   195  O  O   . ASP A 1 46  ? -2.653  -4.152  -10.644 1.00 14.09 ? 1337 ASP A O   1 
ATOM   196  C  CB  . ASP A 1 46  ? -0.988  -2.585  -12.628 1.00 14.22 ? 1337 ASP A CB  1 
ATOM   197  C  CG  . ASP A 1 46  ? -0.233  -2.828  -13.939 1.00 14.96 ? 1337 ASP A CG  1 
ATOM   198  O  OD1 . ASP A 1 46  ? -0.740  -3.640  -14.774 1.00 17.98 ? 1337 ASP A OD1 1 
ATOM   199  O  OD2 . ASP A 1 46  ? 0.858   -2.284  -14.092 1.00 15.81 ? 1337 ASP A OD2 1 
ATOM   200  N  N   . SER A 1 47  ? -3.843  -2.260  -10.738 1.00 12.23 ? 1338 SER A N   1 
ATOM   201  C  CA  . SER A 1 47  ? -4.395  -2.502  -9.397  1.00 12.45 ? 1338 SER A CA  1 
ATOM   202  C  C   . SER A 1 47  ? -5.625  -3.411  -9.349  1.00 13.07 ? 1338 SER A C   1 
ATOM   203  O  O   . SER A 1 47  ? -6.032  -3.784  -8.275  1.00 12.60 ? 1338 SER A O   1 
ATOM   204  C  CB  . SER A 1 47  ? -4.678  -1.245  -8.685  1.00 12.39 ? 1338 SER A CB  1 
ATOM   205  O  OG  . SER A 1 47  ? -5.816  -0.534  -9.224  1.00 13.81 ? 1338 SER A OG  1 
ATOM   206  N  N   . GLU A 1 48  ? -6.167  -3.796  -10.515 1.00 13.73 ? 1339 GLU A N   1 
ATOM   207  C  CA  . GLU A 1 48  ? -7.462  -4.533  -10.615 1.00 15.13 ? 1339 GLU A CA  1 
ATOM   208  C  C   . GLU A 1 48  ? -7.534  -5.672  -9.595  1.00 13.02 ? 1339 GLU A C   1 
ATOM   209  O  O   . GLU A 1 48  ? -8.475  -5.745  -8.791  1.00 14.66 ? 1339 GLU A O   1 
ATOM   210  C  CB  . GLU A 1 48  ? -7.707  -5.058  -12.040 1.00 17.78 ? 1339 GLU A CB  1 
ATOM   211  C  CG  . GLU A 1 48  ? -9.001  -5.860  -12.167 1.00 20.64 ? 1339 GLU A CG  1 
ATOM   212  C  CD  . GLU A 1 48  ? -9.100  -6.821  -13.345 1.00 25.13 ? 1339 GLU A CD  1 
ATOM   213  O  OE1 . GLU A 1 48  ? -8.159  -7.621  -13.524 1.00 30.44 ? 1339 GLU A OE1 1 
ATOM   214  O  OE2 . GLU A 1 48  ? -10.123 -6.790  -14.061 1.00 30.62 ? 1339 GLU A OE2 1 
ATOM   215  N  N   . PRO A 1 49  ? -6.566  -6.623  -9.596  1.00 12.19 ? 1340 PRO A N   1 
ATOM   216  C  CA  . PRO A 1 49  ? -6.671  -7.798  -8.727  1.00 11.18 ? 1340 PRO A CA  1 
ATOM   217  C  C   . PRO A 1 49  ? -6.565  -7.519  -7.223  1.00 11.04 ? 1340 PRO A C   1 
ATOM   218  O  O   . PRO A 1 49  ? -6.818  -8.420  -6.441  1.00 11.04 ? 1340 PRO A O   1 
ATOM   219  C  CB  . PRO A 1 49  ? -5.475  -8.666  -9.173  1.00 11.30 ? 1340 PRO A CB  1 
ATOM   220  C  CG  . PRO A 1 49  ? -5.126  -8.167  -10.557 1.00 12.13 ? 1340 PRO A CG  1 
ATOM   221  C  CD  . PRO A 1 49  ? -5.374  -6.682  -10.460 1.00 11.87 ? 1340 PRO A CD  1 
ATOM   222  N  N   . PHE A 1 50  ? -6.179  -6.294  -6.869  1.00 11.07 ? 1341 PHE A N   1 
ATOM   223  C  CA  . PHE A 1 50  ? -5.755  -5.938  -5.493  1.00 10.72 ? 1341 PHE A CA  1 
ATOM   224  C  C   . PHE A 1 50  ? -6.725  -4.957  -4.850  1.00 11.70 ? 1341 PHE A C   1 
ATOM   225  O  O   . PHE A 1 50  ? -6.450  -4.545  -3.723  1.00 11.89 ? 1341 PHE A O   1 
ATOM   226  C  CB  . PHE A 1 50  ? -4.325  -5.400  -5.536  1.00 10.24 ? 1341 PHE A CB  1 
ATOM   227  C  CG  . PHE A 1 50  ? -3.378  -6.343  -6.232  1.00 10.26 ? 1341 PHE A CG  1 
ATOM   228  C  CD1 . PHE A 1 50  ? -3.141  -7.597  -5.695  1.00 10.62 ? 1341 PHE A CD1 1 
ATOM   229  C  CD2 . PHE A 1 50  ? -2.801  -6.022  -7.458  1.00 10.37 ? 1341 PHE A CD2 1 
ATOM   230  C  CE1 . PHE A 1 50  ? -2.323  -8.502  -6.346  1.00 10.77 ? 1341 PHE A CE1 1 
ATOM   231  C  CE2 . PHE A 1 50  ? -1.977  -6.928  -8.105  1.00 10.42 ? 1341 PHE A CE2 1 
ATOM   232  C  CZ  . PHE A 1 50  ? -1.734  -8.158  -7.542  1.00 10.83 ? 1341 PHE A CZ  1 
ATOM   233  N  N   . ARG A 1 51  ? -7.826  -4.591  -5.503  1.00 12.93 ? 1342 ARG A N   1 
ATOM   234  C  CA  . ARG A 1 51  ? -8.752  -3.559  -4.972  1.00 14.16 ? 1342 ARG A CA  1 
ATOM   235  C  C   . ARG A 1 51  ? -9.613  -4.154  -3.866  1.00 15.12 ? 1342 ARG A C   1 
ATOM   236  O  O   . ARG A 1 51  ? -9.926  -3.412  -2.908  1.00 16.78 ? 1342 ARG A O   1 
ATOM   237  C  CB  . ARG A 1 51  ? -9.619  -2.977  -6.091  1.00 14.87 ? 1342 ARG A CB  1 
ATOM   238  C  CG  . ARG A 1 51  ? -8.813  -2.093  -7.027  1.00 14.60 ? 1342 ARG A CG  1 
ATOM   239  C  CD  . ARG A 1 51  ? -9.604  -1.654  -8.240  1.00 15.22 ? 1342 ARG A CD  1 
ATOM   240  N  NE  . ARG A 1 51  ? -8.724  -1.153  -9.276  1.00 16.20 ? 1342 ARG A NE  1 
ATOM   241  C  CZ  . ARG A 1 51  ? -9.052  -1.016  -10.557 1.00 17.63 ? 1342 ARG A CZ  1 
ATOM   242  N  NH1 . ARG A 1 51  ? -10.270 -1.310  -10.989 1.00 19.07 ? 1342 ARG A NH1 1 
ATOM   243  N  NH2 . ARG A 1 51  ? -8.153  -0.561  -11.404 1.00 17.29 ? 1342 ARG A NH2 1 
ATOM   244  N  N   . GLN A 1 52  ? -10.004 -5.420  -3.992  1.00 16.60 ? 1343 GLN A N   1 
ATOM   245  C  CA  . GLN A 1 52  ? -11.008 -6.078  -3.126  1.00 19.96 ? 1343 GLN A CA  1 
ATOM   246  C  C   . GLN A 1 52  ? -10.448 -7.427  -2.693  1.00 21.37 ? 1343 GLN A C   1 
ATOM   247  O  O   . GLN A 1 52  ? -9.482  -7.921  -3.285  1.00 20.45 ? 1343 GLN A O   1 
ATOM   248  C  CB  . GLN A 1 52  ? -12.348 -6.194  -3.868  1.00 21.34 ? 1343 GLN A CB  1 
ATOM   249  C  CG  . GLN A 1 52  ? -12.775 -4.928  -4.619  1.00 24.88 ? 1343 GLN A CG  1 
ATOM   250  C  CD  . GLN A 1 52  ? -13.089 -3.719  -3.760  1.00 27.38 ? 1343 GLN A CD  1 
ATOM   251  O  OE1 . GLN A 1 52  ? -13.351 -3.815  -2.556  1.00 31.44 ? 1343 GLN A OE1 1 
ATOM   252  N  NE2 . GLN A 1 52  ? -13.072 -2.546  -4.380  1.00 28.13 ? 1343 GLN A NE2 1 
ATOM   253  N  N   . PRO A 1 53  ? -11.012 -8.056  -1.635  1.00 25.00 ? 1344 PRO A N   1 
ATOM   254  C  CA  . PRO A 1 53  ? -10.482 -9.324  -1.138  1.00 26.57 ? 1344 PRO A CA  1 
ATOM   255  C  C   . PRO A 1 53  ? -10.463 -10.426 -2.203  1.00 29.77 ? 1344 PRO A C   1 
ATOM   256  O  O   . PRO A 1 53  ? -11.319 -10.449 -3.072  1.00 27.85 ? 1344 PRO A O   1 
ATOM   257  C  CB  . PRO A 1 53  ? -11.451 -9.694  -0.006  1.00 27.35 ? 1344 PRO A CB  1 
ATOM   258  C  CG  . PRO A 1 53  ? -11.984 -8.360  0.446   1.00 26.73 ? 1344 PRO A CG  1 
ATOM   259  C  CD  . PRO A 1 53  ? -12.156 -7.579  -0.841  1.00 25.84 ? 1344 PRO A CD  1 
ATOM   260  N  N   . VAL A 1 54  ? -9.483  -11.320 -2.107  1.00 30.10 ? 1345 VAL A N   1 
ATOM   261  C  CA  . VAL A 1 54  ? -9.505  -12.598 -2.864  1.00 32.60 ? 1345 VAL A CA  1 
ATOM   262  C  C   . VAL A 1 54  ? -10.783 -13.335 -2.457  1.00 34.95 ? 1345 VAL A C   1 
ATOM   263  O  O   . VAL A 1 54  ? -11.101 -13.333 -1.246  1.00 37.58 ? 1345 VAL A O   1 
ATOM   264  C  CB  . VAL A 1 54  ? -8.242  -13.438 -2.616  1.00 31.46 ? 1345 VAL A CB  1 
ATOM   265  C  CG1 . VAL A 1 54  ? -8.363  -14.819 -3.236  1.00 30.44 ? 1345 VAL A CG1 1 
ATOM   266  C  CG2 . VAL A 1 54  ? -7.003  -12.719 -3.120  1.00 30.63 ? 1345 VAL A CG2 1 
ATOM   267  N  N   . ASP A 1 55  ? -11.505 -13.868 -3.446  1.00 37.25 ? 1346 ASP A N   1 
ATOM   268  C  CA  . ASP A 1 55  ? -12.689 -14.748 -3.271  1.00 38.57 ? 1346 ASP A CA  1 
ATOM   269  C  C   . ASP A 1 55  ? -12.178 -16.184 -3.106  1.00 38.44 ? 1346 ASP A C   1 
ATOM   270  O  O   . ASP A 1 55  ? -11.403 -16.640 -3.969  1.00 36.98 ? 1346 ASP A O   1 
ATOM   271  C  CB  . ASP A 1 55  ? -13.659 -14.604 -4.446  1.00 40.16 ? 1346 ASP A CB  1 
ATOM   272  C  CG  . ASP A 1 55  ? -14.975 -15.344 -4.272  1.00 43.22 ? 1346 ASP A CG  1 
ATOM   273  O  OD1 . ASP A 1 55  ? -15.866 -14.808 -3.581  1.00 44.40 ? 1346 ASP A OD1 1 
ATOM   274  O  OD2 . ASP A 1 55  ? -15.101 -16.453 -4.838  1.00 45.97 ? 1346 ASP A OD2 1 
ATOM   275  N  N   . LEU A 1 56  ? -12.608 -16.871 -2.045  1.00 39.53 ? 1347 LEU A N   1 
ATOM   276  C  CA  . LEU A 1 56  ? -12.063 -18.190 -1.633  1.00 39.57 ? 1347 LEU A CA  1 
ATOM   277  C  C   . LEU A 1 56  ? -12.805 -19.340 -2.337  1.00 40.67 ? 1347 LEU A C   1 
ATOM   278  O  O   . LEU A 1 56  ? -12.528 -20.501 -1.983  1.00 47.42 ? 1347 LEU A O   1 
ATOM   279  C  CB  . LEU A 1 56  ? -12.153 -18.294 -0.106  1.00 36.76 ? 1347 LEU A CB  1 
ATOM   280  C  CG  . LEU A 1 56  ? -11.428 -17.183 0.659   1.00 36.91 ? 1347 LEU A CG  1 
ATOM   281  C  CD1 . LEU A 1 56  ? -11.729 -17.244 2.147   1.00 36.25 ? 1347 LEU A CD1 1 
ATOM   282  C  CD2 . LEU A 1 56  ? -9.927  -17.244 0.423   1.00 38.52 ? 1347 LEU A CD2 1 
ATOM   283  N  N   . LEU A 1 57  ? -13.692 -19.050 -3.300  1.00 39.27 ? 1348 LEU A N   1 
ATOM   284  C  CA  . LEU A 1 57  ? -14.347 -20.077 -4.157  1.00 37.87 ? 1348 LEU A CA  1 
ATOM   285  C  C   . LEU A 1 57  ? -13.577 -20.222 -5.478  1.00 36.63 ? 1348 LEU A C   1 
ATOM   286  O  O   . LEU A 1 57  ? -13.607 -21.321 -6.065  1.00 35.88 ? 1348 LEU A O   1 
ATOM   287  C  CB  . LEU A 1 57  ? -15.809 -19.688 -4.408  1.00 38.44 ? 1348 LEU A CB  1 
ATOM   288  C  CG  . LEU A 1 57  ? -16.626 -19.381 -3.154  1.00 39.63 ? 1348 LEU A CG  1 
ATOM   289  C  CD1 . LEU A 1 57  ? -18.075 -19.082 -3.510  1.00 40.69 ? 1348 LEU A CD1 1 
ATOM   290  C  CD2 . LEU A 1 57  ? -16.546 -20.529 -2.160  1.00 39.88 ? 1348 LEU A CD2 1 
ATOM   291  N  N   . GLU A 1 58  ? -12.904 -19.156 -5.915  1.00 33.24 ? 1349 GLU A N   1 
ATOM   292  C  CA  . GLU A 1 58  ? -12.086 -19.133 -7.157  1.00 32.42 ? 1349 GLU A CA  1 
ATOM   293  C  C   . GLU A 1 58  ? -10.647 -19.557 -6.831  1.00 27.84 ? 1349 GLU A C   1 
ATOM   294  O  O   . GLU A 1 58  ? -9.965  -20.080 -7.738  1.00 29.28 ? 1349 GLU A O   1 
ATOM   295  C  CB  . GLU A 1 58  ? -12.163 -17.735 -7.772  1.00 32.63 ? 1349 GLU A CB  1 
ATOM   296  C  CG  . GLU A 1 58  ? -13.585 -17.304 -8.115  1.00 35.31 ? 1349 GLU A CG  1 
ATOM   297  C  CD  . GLU A 1 58  ? -13.825 -15.806 -8.221  1.00 38.39 ? 1349 GLU A CD  1 
ATOM   298  O  OE1 . GLU A 1 58  ? -13.170 -15.048 -7.476  1.00 40.34 ? 1349 GLU A OE1 1 
ATOM   299  O  OE2 . GLU A 1 58  ? -14.681 -15.399 -9.045  1.00 41.23 ? 1349 GLU A OE2 1 
ATOM   300  N  N   . TYR A 1 59  ? -10.214 -19.340 -5.584  1.00 27.27 ? 1350 TYR A N   1 
ATOM   301  C  CA  . TYR A 1 59  ? -8.844  -19.614 -5.066  1.00 24.10 ? 1350 TYR A CA  1 
ATOM   302  C  C   . TYR A 1 59  ? -8.968  -20.344 -3.725  1.00 22.80 ? 1350 TYR A C   1 
ATOM   303  O  O   . TYR A 1 59  ? -8.720  -19.775 -2.666  1.00 22.30 ? 1350 TYR A O   1 
ATOM   304  C  CB  . TYR A 1 59  ? -8.066  -18.294 -4.982  1.00 23.32 ? 1350 TYR A CB  1 
ATOM   305  C  CG  . TYR A 1 59  ? -7.764  -17.653 -6.315  1.00 22.49 ? 1350 TYR A CG  1 
ATOM   306  C  CD1 . TYR A 1 59  ? -6.661  -18.041 -7.055  1.00 22.52 ? 1350 TYR A CD1 1 
ATOM   307  C  CD2 . TYR A 1 59  ? -8.601  -16.692 -6.863  1.00 22.75 ? 1350 TYR A CD2 1 
ATOM   308  C  CE1 . TYR A 1 59  ? -6.379  -17.479 -8.289  1.00 23.76 ? 1350 TYR A CE1 1 
ATOM   309  C  CE2 . TYR A 1 59  ? -8.341  -16.125 -8.102  1.00 21.81 ? 1350 TYR A CE2 1 
ATOM   310  C  CZ  . TYR A 1 59  ? -7.220  -16.518 -8.814  1.00 22.90 ? 1350 TYR A CZ  1 
ATOM   311  O  OH  . TYR A 1 59  ? -6.906  -15.957 -10.020 1.00 23.83 ? 1350 TYR A OH  1 
ATOM   312  N  N   . PRO A 1 60  ? -9.366  -21.640 -3.718  1.00 21.61 ? 1351 PRO A N   1 
ATOM   313  C  CA  . PRO A 1 60  ? -9.808  -22.292 -2.479  1.00 20.05 ? 1351 PRO A CA  1 
ATOM   314  C  C   . PRO A 1 60  ? -8.705  -22.530 -1.430  1.00 19.66 ? 1351 PRO A C   1 
ATOM   315  O  O   . PRO A 1 60  ? -9.023  -22.719 -0.259  1.00 19.87 ? 1351 PRO A O   1 
ATOM   316  C  CB  . PRO A 1 60  ? -10.414 -23.627 -2.957  1.00 21.70 ? 1351 PRO A CB  1 
ATOM   317  C  CG  . PRO A 1 60  ? -9.800  -23.881 -4.315  1.00 22.37 ? 1351 PRO A CG  1 
ATOM   318  C  CD  . PRO A 1 60  ? -9.472  -22.519 -4.893  1.00 22.78 ? 1351 PRO A CD  1 
ATOM   319  N  N   . ASP A 1 61  ? -7.437  -22.493 -1.847  1.00 17.92 ? 1352 ASP A N   1 
ATOM   320  C  CA  . ASP A 1 61  ? -6.286  -22.706 -0.929  1.00 17.91 ? 1352 ASP A CA  1 
ATOM   321  C  C   . ASP A 1 61  ? -5.679  -21.385 -0.410  1.00 16.86 ? 1352 ASP A C   1 
ATOM   322  O  O   . ASP A 1 61  ? -4.621  -21.447 0.255   1.00 16.46 ? 1352 ASP A O   1 
ATOM   323  C  CB  . ASP A 1 61  ? -5.194  -23.504 -1.633  1.00 18.59 ? 1352 ASP A CB  1 
ATOM   324  C  CG  . ASP A 1 61  ? -4.622  -22.773 -2.826  1.00 19.05 ? 1352 ASP A CG  1 
ATOM   325  O  OD1 . ASP A 1 61  ? -5.382  -21.971 -3.438  1.00 20.78 ? 1352 ASP A OD1 1 
ATOM   326  O  OD2 . ASP A 1 61  ? -3.450  -23.044 -3.168  1.00 24.12 ? 1352 ASP A OD2 1 
ATOM   327  N  N   . TYR A 1 62  ? -6.338  -20.233 -0.563  1.00 16.24 ? 1353 TYR A N   1 
ATOM   328  C  CA  . TYR A 1 62  ? -5.667  -18.929 -0.272  1.00 16.33 ? 1353 TYR A CA  1 
ATOM   329  C  C   . TYR A 1 62  ? -5.195  -18.837 1.197   1.00 16.79 ? 1353 TYR A C   1 
ATOM   330  O  O   . TYR A 1 62  ? -4.004  -18.523 1.429   1.00 15.21 ? 1353 TYR A O   1 
ATOM   331  C  CB  . TYR A 1 62  ? -6.558  -17.774 -0.723  1.00 16.23 ? 1353 TYR A CB  1 
ATOM   332  C  CG  . TYR A 1 62  ? -5.838  -16.447 -0.779  1.00 15.19 ? 1353 TYR A CG  1 
ATOM   333  C  CD1 . TYR A 1 62  ? -4.825  -16.249 -1.699  1.00 15.02 ? 1353 TYR A CD1 1 
ATOM   334  C  CD2 . TYR A 1 62  ? -6.127  -15.428 0.115   1.00 14.25 ? 1353 TYR A CD2 1 
ATOM   335  C  CE1 . TYR A 1 62  ? -4.136  -15.049 -1.763  1.00 13.72 ? 1353 TYR A CE1 1 
ATOM   336  C  CE2 . TYR A 1 62  ? -5.471  -14.205 0.042   1.00 13.25 ? 1353 TYR A CE2 1 
ATOM   337  C  CZ  . TYR A 1 62  ? -4.460  -14.025 -0.885  1.00 13.35 ? 1353 TYR A CZ  1 
ATOM   338  O  OH  . TYR A 1 62  ? -3.763  -12.848 -0.923  1.00 13.39 ? 1353 TYR A OH  1 
ATOM   339  N  N   . ARG A 1 63  ? -6.082  -19.065 2.172   1.00 17.08 ? 1354 ARG A N   1 
ATOM   340  C  CA  . ARG A 1 63  ? -5.788  -18.896 3.598   1.00 17.72 ? 1354 ARG A CA  1 
ATOM   341  C  C   . ARG A 1 63  ? -4.897  -19.997 4.158   1.00 16.85 ? 1354 ARG A C   1 
ATOM   342  O  O   . ARG A 1 63  ? -4.389  -19.834 5.259   1.00 20.35 ? 1354 ARG A O   1 
ATOM   343  C  CB  . ARG A 1 63  ? -7.053  -18.760 4.446   1.00 20.26 ? 1354 ARG A CB  1 
ATOM   344  C  CG  . ARG A 1 63  ? -7.858  -17.527 4.074   1.00 23.53 ? 1354 ARG A CG  1 
ATOM   345  C  CD  . ARG A 1 63  ? -7.117  -16.192 4.278   1.00 26.31 ? 1354 ARG A CD  1 
ATOM   346  N  NE  . ARG A 1 63  ? -6.600  -16.079 5.628   1.00 30.01 ? 1354 ARG A NE  1 
ATOM   347  C  CZ  . ARG A 1 63  ? -7.315  -15.688 6.686   1.00 34.01 ? 1354 ARG A CZ  1 
ATOM   348  N  NH1 . ARG A 1 63  ? -8.574  -15.303 6.546   1.00 36.77 ? 1354 ARG A NH1 1 
ATOM   349  N  NH2 . ARG A 1 63  ? -6.757  -15.659 7.879   1.00 37.44 ? 1354 ARG A NH2 1 
ATOM   350  N  N   . ASP A 1 64  ? -4.613  -21.056 3.384   1.00 16.96 ? 1355 ASP A N   1 
ATOM   351  C  CA  . ASP A 1 64  ? -3.574  -22.050 3.798   1.00 19.59 ? 1355 ASP A CA  1 
ATOM   352  C  C   . ASP A 1 64  ? -2.169  -21.472 3.604   1.00 18.37 ? 1355 ASP A C   1 
ATOM   353  O  O   . ASP A 1 64  ? -1.222  -21.918 4.260   1.00 23.73 ? 1355 ASP A O   1 
ATOM   354  C  CB  . ASP A 1 64  ? -3.657  -23.352 2.997   1.00 20.49 ? 1355 ASP A CB  1 
ATOM   355  C  CG  . ASP A 1 64  ? -5.016  -24.042 3.032   1.00 23.40 ? 1355 ASP A CG  1 
ATOM   356  O  OD1 . ASP A 1 64  ? -5.744  -23.863 4.039   1.00 26.09 ? 1355 ASP A OD1 1 
ATOM   357  O  OD2 . ASP A 1 64  ? -5.320  -24.757 2.060   1.00 26.70 ? 1355 ASP A OD2 1 
ATOM   358  N  N   . ILE A 1 65  ? -2.066  -20.509 2.676   1.00 16.80 ? 1356 ILE A N   1 
ATOM   359  C  CA  . ILE A 1 65  ? -0.791  -19.890 2.214   1.00 15.80 ? 1356 ILE A CA  1 
ATOM   360  C  C   . ILE A 1 65  ? -0.609  -18.510 2.863   1.00 15.84 ? 1356 ILE A C   1 
ATOM   361  O  O   . ILE A 1 65  ? 0.538   -18.227 3.296   1.00 17.64 ? 1356 ILE A O   1 
ATOM   362  C  CB  . ILE A 1 65  ? -0.760  -19.823 0.673   1.00 15.04 ? 1356 ILE A CB  1 
ATOM   363  C  CG1 . ILE A 1 65  ? -1.131  -21.159 0.018   1.00 15.11 ? 1356 ILE A CG1 1 
ATOM   364  C  CG2 . ILE A 1 65  ? 0.576   -19.295 0.181   1.00 15.14 ? 1356 ILE A CG2 1 
ATOM   365  C  CD1 . ILE A 1 65  ? -0.228  -22.316 0.376   1.00 16.23 ? 1356 ILE A CD1 1 
ATOM   366  N  N   . ILE A 1 66  ? -1.685  -17.717 2.944   1.00 15.69 ? 1357 ILE A N   1 
ATOM   367  C  CA  . ILE A 1 66  ? -1.657  -16.287 3.376   1.00 16.47 ? 1357 ILE A CA  1 
ATOM   368  C  C   . ILE A 1 66  ? -2.301  -16.149 4.762   1.00 16.93 ? 1357 ILE A C   1 
ATOM   369  O  O   . ILE A 1 66  ? -3.525  -16.323 4.860   1.00 19.04 ? 1357 ILE A O   1 
ATOM   370  C  CB  . ILE A 1 66  ? -2.356  -15.441 2.283   1.00 14.60 ? 1357 ILE A CB  1 
ATOM   371  C  CG1 . ILE A 1 66  ? -1.649  -15.552 0.920   1.00 15.38 ? 1357 ILE A CG1 1 
ATOM   372  C  CG2 . ILE A 1 66  ? -2.495  -13.991 2.727   1.00 16.16 ? 1357 ILE A CG2 1 
ATOM   373  C  CD1 . ILE A 1 66  ? -0.176  -15.261 0.954   1.00 16.03 ? 1357 ILE A CD1 1 
ATOM   374  N  N   . ASP A 1 67  ? -1.499  -15.750 5.739   1.00 19.95 ? 1358 ASP A N   1 
ATOM   375  C  CA  . ASP A 1 67  ? -1.993  -15.571 7.134   1.00 20.83 ? 1358 ASP A CA  1 
ATOM   376  C  C   . ASP A 1 67  ? -2.815  -14.282 7.262   1.00 19.32 ? 1358 ASP A C   1 
ATOM   377  O  O   . ASP A 1 67  ? -3.744  -14.229 8.054   1.00 20.93 ? 1358 ASP A O   1 
ATOM   378  C  CB  . ASP A 1 67  ? -0.848  -15.407 8.123   1.00 25.68 ? 1358 ASP A CB  1 
ATOM   379  C  CG  . ASP A 1 67  ? 0.027   -16.622 8.332   1.00 33.17 ? 1358 ASP A CG  1 
ATOM   380  O  OD1 . ASP A 1 67  ? -0.394  -17.726 7.947   1.00 32.96 ? 1358 ASP A OD1 1 
ATOM   381  O  OD2 . ASP A 1 67  ? 1.141   -16.443 8.840   1.00 41.65 ? 1358 ASP A OD2 1 
ATOM   382  N  N   . THR A 1 68  ? -2.445  -13.194 6.546   1.00 17.84 ? 1359 THR A N   1 
ATOM   383  C  CA  . THR A 1 68  ? -3.083  -11.864 6.736   1.00 17.31 ? 1359 THR A CA  1 
ATOM   384  C  C   . THR A 1 68  ? -3.451  -11.261 5.379   1.00 14.77 ? 1359 THR A C   1 
ATOM   385  O  O   . THR A 1 68  ? -2.594  -10.560 4.781   1.00 15.48 ? 1359 THR A O   1 
ATOM   386  C  CB  . THR A 1 68  ? -2.164  -10.890 7.467   1.00 18.16 ? 1359 THR A CB  1 
ATOM   387  O  OG1 . THR A 1 68  ? -1.719  -11.519 8.680   1.00 21.69 ? 1359 THR A OG1 1 
ATOM   388  C  CG2 . THR A 1 68  ? -2.883  -9.606  7.839   1.00 19.26 ? 1359 THR A CG2 1 
ATOM   389  N  N   . PRO A 1 69  ? -4.672  -11.484 4.865   1.00 14.32 ? 1360 PRO A N   1 
ATOM   390  C  CA  . PRO A 1 69  ? -5.111  -10.858 3.605   1.00 14.92 ? 1360 PRO A CA  1 
ATOM   391  C  C   . PRO A 1 69  ? -5.047  -9.320  3.731   1.00 12.90 ? 1360 PRO A C   1 
ATOM   392  O  O   . PRO A 1 69  ? -5.289  -8.718  4.782   1.00 14.77 ? 1360 PRO A O   1 
ATOM   393  C  CB  . PRO A 1 69  ? -6.539  -11.360 3.436   1.00 16.62 ? 1360 PRO A CB  1 
ATOM   394  C  CG  . PRO A 1 69  ? -6.533  -12.702 4.207   1.00 19.84 ? 1360 PRO A CG  1 
ATOM   395  C  CD  . PRO A 1 69  ? -5.696  -12.407 5.436   1.00 16.72 ? 1360 PRO A CD  1 
ATOM   396  N  N   . MET A 1 70  ? -4.750  -8.668  2.617   1.00 12.58 ? 1361 MET A N   1 
ATOM   397  C  CA  . MET A 1 70  ? -4.804  -7.181  2.568   1.00 12.28 ? 1361 MET A CA  1 
ATOM   398  C  C   . MET A 1 70  ? -5.136  -6.770  1.128   1.00 11.36 ? 1361 MET A C   1 
ATOM   399  O  O   . MET A 1 70  ? -4.781  -7.461  0.173   1.00 11.89 ? 1361 MET A O   1 
ATOM   400  C  CB  . MET A 1 70  ? -3.489  -6.570  3.055   1.00 12.38 ? 1361 MET A CB  1 
ATOM   401  C  CG  . MET A 1 70  ? -3.514  -5.074  3.223   1.00 11.58 ? 1361 MET A CG  1 
ATOM   402  S  SD  . MET A 1 70  ? -4.784  -4.383  4.253   1.00 12.69 ? 1361 MET A SD  1 
ATOM   403  C  CE  . MET A 1 70  ? -4.542  -5.211  5.828   1.00 14.43 ? 1361 MET A CE  1 
ATOM   404  N  N   . ASP A 1 71  ? -5.873  -5.665  0.989   1.00 11.65 ? 1362 ASP A N   1 
ATOM   405  C  CA  . ASP A 1 71  ? -6.239  -5.108  -0.341  1.00 12.64 ? 1362 ASP A CA  1 
ATOM   406  C  C   . ASP A 1 71  ? -6.340  -3.579  -0.248  1.00 11.23 ? 1362 ASP A C   1 
ATOM   407  O  O   . ASP A 1 71  ? -6.399  -3.028  0.874   1.00 11.01 ? 1362 ASP A O   1 
ATOM   408  C  CB  . ASP A 1 71  ? -7.505  -5.782  -0.882  1.00 15.10 ? 1362 ASP A CB  1 
ATOM   409  C  CG  . ASP A 1 71  ? -8.815  -5.366  -0.230  1.00 18.23 ? 1362 ASP A CG  1 
ATOM   410  O  OD1 . ASP A 1 71  ? -9.570  -6.280  0.172   1.00 22.89 ? 1362 ASP A OD1 1 
ATOM   411  O  OD2 . ASP A 1 71  ? -9.120  -4.167  -0.220  1.00 19.41 ? 1362 ASP A OD2 1 
ATOM   412  N  N   . PHE A 1 72  ? -6.398  -2.884  -1.386  1.00 11.00 ? 1363 PHE A N   1 
ATOM   413  C  CA  . PHE A 1 72  ? -6.377  -1.399  -1.374  1.00 10.66 ? 1363 PHE A CA  1 
ATOM   414  C  C   . PHE A 1 72  ? -7.667  -0.783  -0.821  1.00 11.27 ? 1363 PHE A C   1 
ATOM   415  O  O   . PHE A 1 72  ? -7.600  0.320   -0.297  1.00 11.79 ? 1363 PHE A O   1 
ATOM   416  C  CB  . PHE A 1 72  ? -6.034  -0.882  -2.773  1.00 10.35 ? 1363 PHE A CB  1 
ATOM   417  C  CG  . PHE A 1 72  ? -4.566  -1.011  -3.080  1.00 9.52  ? 1363 PHE A CG  1 
ATOM   418  C  CD1 . PHE A 1 72  ? -3.647  -0.170  -2.499  1.00 10.71 ? 1363 PHE A CD1 1 
ATOM   419  C  CD2 . PHE A 1 72  ? -4.118  -1.925  -4.012  1.00 10.80 ? 1363 PHE A CD2 1 
ATOM   420  C  CE1 . PHE A 1 72  ? -2.300  -0.287  -2.769  1.00 11.98 ? 1363 PHE A CE1 1 
ATOM   421  C  CE2 . PHE A 1 72  ? -2.780  -2.044  -4.293  1.00 10.98 ? 1363 PHE A CE2 1 
ATOM   422  C  CZ  . PHE A 1 72  ? -1.869  -1.236  -3.669  1.00 11.20 ? 1363 PHE A CZ  1 
ATOM   423  N  N   . ALA A 1 73  ? -8.788  -1.491  -0.926  1.00 11.04 ? 1364 ALA A N   1 
ATOM   424  C  CA  . ALA A 1 73  ? -10.024 -0.937  -0.341  1.00 12.04 ? 1364 ALA A CA  1 
ATOM   425  C  C   . ALA A 1 73  ? -9.927  -0.977  1.187   1.00 12.47 ? 1364 ALA A C   1 
ATOM   426  O  O   . ALA A 1 73  ? -10.290 0.030   1.840   1.00 12.58 ? 1364 ALA A O   1 
ATOM   427  C  CB  . ALA A 1 73  ? -11.259 -1.699  -0.800  1.00 12.73 ? 1364 ALA A CB  1 
ATOM   428  N  N   . THR A 1 74  ? -9.331  -2.009  1.762   1.00 11.74 ? 1365 THR A N   1 
ATOM   429  C  CA  . THR A 1 74  ? -9.111  -2.066  3.222   1.00 11.23 ? 1365 THR A CA  1 
ATOM   430  C  C   . THR A 1 74  ? -8.153  -0.945  3.630   1.00 10.75 ? 1365 THR A C   1 
ATOM   431  O  O   . THR A 1 74  ? -8.417  -0.235  4.621   1.00 11.14 ? 1365 THR A O   1 
ATOM   432  C  CB  . THR A 1 74  ? -8.607  -3.423  3.622   1.00 12.20 ? 1365 THR A CB  1 
ATOM   433  O  OG1 . THR A 1 74  ? -9.630  -4.390  3.299   1.00 14.37 ? 1365 THR A OG1 1 
ATOM   434  C  CG2 . THR A 1 74  ? -8.301  -3.506  5.103   1.00 12.62 ? 1365 THR A CG2 1 
ATOM   435  N  N   . VAL A 1 75  ? -7.074  -0.741  2.874   1.00 10.02 ? 1366 VAL A N   1 
ATOM   436  C  CA  . VAL A 1 75  ? -6.141  0.376   3.200   1.00 10.45 ? 1366 VAL A CA  1 
ATOM   437  C  C   . VAL A 1 75  ? -6.876  1.720   3.180   1.00 10.64 ? 1366 VAL A C   1 
ATOM   438  O  O   . VAL A 1 75  ? -6.736  2.546   4.117   1.00 10.18 ? 1366 VAL A O   1 
ATOM   439  C  CB  . VAL A 1 75  ? -4.891  0.351   2.291   1.00 10.79 ? 1366 VAL A CB  1 
ATOM   440  C  CG1 . VAL A 1 75  ? -4.040  1.566   2.587   1.00 11.35 ? 1366 VAL A CG1 1 
ATOM   441  C  CG2 . VAL A 1 75  ? -4.101  -0.914  2.464   1.00 11.59 ? 1366 VAL A CG2 1 
ATOM   442  N  N   . ARG A 1 76  ? -7.629  2.011   2.130   1.00 10.37 ? 1367 ARG A N   1 
ATOM   443  C  CA  . ARG A 1 76  ? -8.387  3.283   2.032   1.00 12.74 ? 1367 ARG A CA  1 
ATOM   444  C  C   . ARG A 1 76  ? -9.392  3.436   3.191   1.00 11.47 ? 1367 ARG A C   1 
ATOM   445  O  O   . ARG A 1 76  ? -9.473  4.529   3.769   1.00 11.96 ? 1367 ARG A O   1 
ATOM   446  C  CB  . ARG A 1 76  ? -9.112  3.297   0.688   1.00 14.20 ? 1367 ARG A CB  1 
ATOM   447  C  CG  . ARG A 1 76  ? -9.936  4.540   0.422   1.00 18.70 ? 1367 ARG A CG  1 
ATOM   448  C  CD  . ARG A 1 76  ? -10.479 4.333   -0.996  1.00 23.66 ? 1367 ARG A CD  1 
ATOM   449  N  NE  . ARG A 1 76  ? -9.760  5.007   -2.038  1.00 22.99 ? 1367 ARG A NE  1 
ATOM   450  C  CZ  . ARG A 1 76  ? -10.039 4.930   -3.353  1.00 24.52 ? 1367 ARG A CZ  1 
ATOM   451  N  NH1 . ARG A 1 76  ? -10.941 4.072   -3.805  1.00 22.21 ? 1367 ARG A NH1 1 
ATOM   452  N  NH2 . ARG A 1 76  ? -9.406  5.724   -4.190  1.00 28.12 ? 1367 ARG A NH2 1 
ATOM   453  N  N   . GLU A 1 77  ? -10.117 2.381   3.521   1.00 11.31 ? 1368 GLU A N   1 
ATOM   454  C  CA  . GLU A 1 77  ? -11.085 2.471   4.629   1.00 12.56 ? 1368 GLU A CA  1 
ATOM   455  C  C   . GLU A 1 77  ? -10.352 2.718   5.943   1.00 11.91 ? 1368 GLU A C   1 
ATOM   456  O  O   . GLU A 1 77  ? -10.872 3.451   6.811   1.00 12.34 ? 1368 GLU A O   1 
ATOM   457  C  CB  . GLU A 1 77  ? -11.853 1.164   4.624   1.00 14.95 ? 1368 GLU A CB  1 
ATOM   458  C  CG  . GLU A 1 77  ? -12.872 1.029   3.490   1.00 19.55 ? 1368 GLU A CG  1 
ATOM   459  C  CD  . GLU A 1 77  ? -13.347 -0.381  3.117   1.00 29.26 ? 1368 GLU A CD  1 
ATOM   460  O  OE1 . GLU A 1 77  ? -13.099 -1.353  3.899   1.00 34.39 ? 1368 GLU A OE1 1 
ATOM   461  O  OE2 . GLU A 1 77  ? -13.986 -0.509  2.013   1.00 35.92 ? 1368 GLU A OE2 1 
ATOM   462  N  N   . THR A 1 78  ? -9.235  2.067   6.190   1.00 11.35 ? 1369 THR A N   1 
ATOM   463  C  CA  . THR A 1 78  ? -8.480  2.225   7.472   1.00 10.43 ? 1369 THR A CA  1 
ATOM   464  C  C   . THR A 1 78  ? -7.969  3.663   7.557   1.00 11.32 ? 1369 THR A C   1 
ATOM   465  O  O   . THR A 1 78  ? -8.119  4.343   8.640   1.00 11.65 ? 1369 THR A O   1 
ATOM   466  C  CB  . THR A 1 78  ? -7.294  1.248   7.501   1.00 11.17 ? 1369 THR A CB  1 
ATOM   467  O  OG1 . THR A 1 78  ? -7.765  -0.092  7.396   1.00 12.43 ? 1369 THR A OG1 1 
ATOM   468  C  CG2 . THR A 1 78  ? -6.463  1.412   8.753   1.00 11.83 ? 1369 THR A CG2 1 
ATOM   469  N  N   . LEU A 1 79  ? -7.490  4.235   6.446   1.00 10.02 ? 1370 LEU A N   1 
ATOM   470  C  CA  . LEU A 1 79  ? -7.071  5.655   6.408   1.00 10.55 ? 1370 LEU A CA  1 
ATOM   471  C  C   . LEU A 1 79  ? -8.251  6.572   6.718   1.00 11.36 ? 1370 LEU A C   1 
ATOM   472  O  O   . LEU A 1 79  ? -8.147  7.514   7.585   1.00 11.76 ? 1370 LEU A O   1 
ATOM   473  C  CB  . LEU A 1 79  ? -6.433  5.927   5.035   1.00 10.69 ? 1370 LEU A CB  1 
ATOM   474  C  CG  . LEU A 1 79  ? -5.818  7.331   4.860   1.00 11.22 ? 1370 LEU A CG  1 
ATOM   475  C  CD1 . LEU A 1 79  ? -4.626  7.515   5.776   1.00 11.00 ? 1370 LEU A CD1 1 
ATOM   476  C  CD2 . LEU A 1 79  ? -5.399  7.520   3.398   1.00 12.45 ? 1370 LEU A CD2 1 
ATOM   477  N  N   . GLU A 1 80  ? -9.379  6.401   6.030   1.00 12.13 ? 1371 GLU A N   1 
ATOM   478  C  CA  . GLU A 1 80  ? -10.544 7.315   6.204   1.00 13.56 ? 1371 GLU A CA  1 
ATOM   479  C  C   . GLU A 1 80  ? -11.169 7.143   7.594   1.00 13.10 ? 1371 GLU A C   1 
ATOM   480  O  O   . GLU A 1 80  ? -11.686 8.132   8.142   1.00 13.85 ? 1371 GLU A O   1 
ATOM   481  C  CB  . GLU A 1 80  ? -11.518 7.128   5.045   1.00 15.14 ? 1371 GLU A CB  1 
ATOM   482  C  CG  . GLU A 1 80  ? -11.071 7.972   3.876   1.00 18.97 ? 1371 GLU A CG  1 
ATOM   483  C  CD  . GLU A 1 80  ? -10.375 9.239   4.368   1.00 20.27 ? 1371 GLU A CD  1 
ATOM   484  O  OE1 . GLU A 1 80  ? -11.093 10.085  4.964   1.00 21.90 ? 1371 GLU A OE1 1 
ATOM   485  O  OE2 . GLU A 1 80  ? -9.103  9.349   4.224   1.00 19.29 ? 1371 GLU A OE2 1 
ATOM   486  N  N   . ALA A 1 81  ? -11.079 5.969   8.192   1.00 12.62 ? 1372 ALA A N   1 
ATOM   487  C  CA  . ALA A 1 81  ? -11.561 5.777   9.591   1.00 13.28 ? 1372 ALA A CA  1 
ATOM   488  C  C   . ALA A 1 81  ? -10.705 6.529   10.610  1.00 14.66 ? 1372 ALA A C   1 
ATOM   489  O  O   . ALA A 1 81  ? -11.094 6.627   11.787  1.00 15.00 ? 1372 ALA A O   1 
ATOM   490  C  CB  . ALA A 1 81  ? -11.620 4.335   9.908   1.00 14.54 ? 1372 ALA A CB  1 
ATOM   491  N  N   . GLY A 1 82  ? -9.518  7.044   10.229  1.00 12.73 ? 1373 GLY A N   1 
ATOM   492  C  CA  . GLY A 1 82  ? -8.572  7.592   11.212  1.00 12.08 ? 1373 GLY A CA  1 
ATOM   493  C  C   . GLY A 1 82  ? -7.916  6.531   12.010  1.00 12.36 ? 1373 GLY A C   1 
ATOM   494  O  O   . GLY A 1 82  ? -7.611  6.702   13.201  1.00 12.77 ? 1373 GLY A O   1 
ATOM   495  N  N   . ASN A 1 83  ? -7.573  5.383   11.415  1.00 11.43 ? 1374 ASN A N   1 
ATOM   496  C  CA  . ASN A 1 83  ? -6.973  4.241   12.133  1.00 12.12 ? 1374 ASN A CA  1 
ATOM   497  C  C   . ASN A 1 83  ? -5.522  3.938   11.692  1.00 11.04 ? 1374 ASN A C   1 
ATOM   498  O  O   . ASN A 1 83  ? -4.946  2.924   12.078  1.00 12.45 ? 1374 ASN A O   1 
ATOM   499  C  CB  . ASN A 1 83  ? -7.854  3.003   11.999  1.00 13.08 ? 1374 ASN A CB  1 
ATOM   500  C  CG  . ASN A 1 83  ? -9.186  3.087   12.732  1.00 15.55 ? 1374 ASN A CG  1 
ATOM   501  O  OD1 . ASN A 1 83  ? -9.983  2.155   12.581  1.00 18.19 ? 1374 ASN A OD1 1 
ATOM   502  N  ND2 . ASN A 1 83  ? -9.456  4.084   13.565  1.00 14.76 ? 1374 ASN A ND2 1 
ATOM   503  N  N   . TYR A 1 84  ? -4.918  4.864   10.909  1.00 11.79 ? 1375 TYR A N   1 
ATOM   504  C  CA  . TYR A 1 84  ? -3.443  4.918   10.760  1.00 12.19 ? 1375 TYR A CA  1 
ATOM   505  C  C   . TYR A 1 84  ? -2.922  6.142   11.535  1.00 12.58 ? 1375 TYR A C   1 
ATOM   506  O  O   . TYR A 1 84  ? -3.483  7.211   11.401  1.00 13.12 ? 1375 TYR A O   1 
ATOM   507  C  CB  . TYR A 1 84  ? -3.010  5.044   9.284   1.00 11.80 ? 1375 TYR A CB  1 
ATOM   508  C  CG  . TYR A 1 84  ? -3.229  3.814   8.438   1.00 10.87 ? 1375 TYR A CG  1 
ATOM   509  C  CD1 . TYR A 1 84  ? -2.733  2.582   8.835   1.00 10.98 ? 1375 TYR A CD1 1 
ATOM   510  C  CD2 . TYR A 1 84  ? -3.936  3.887   7.251   1.00 11.00 ? 1375 TYR A CD2 1 
ATOM   511  C  CE1 . TYR A 1 84  ? -2.919  1.450   8.057   1.00 10.15 ? 1375 TYR A CE1 1 
ATOM   512  C  CE2 . TYR A 1 84  ? -4.131  2.769   6.472   1.00 10.68 ? 1375 TYR A CE2 1 
ATOM   513  C  CZ  . TYR A 1 84  ? -3.595  1.564   6.857   1.00 10.53 ? 1375 TYR A CZ  1 
ATOM   514  O  OH  . TYR A 1 84  ? -3.832  0.466   6.065   1.00 12.16 ? 1375 TYR A OH  1 
ATOM   515  N  N   . GLU A 1 85  ? -1.863  5.934   12.329  1.00 13.30 ? 1376 GLU A N   1 
ATOM   516  C  CA  . GLU A 1 85  ? -1.178  7.022   13.092  1.00 14.37 ? 1376 GLU A CA  1 
ATOM   517  C  C   . GLU A 1 85  ? -0.020  7.647   12.291  1.00 13.43 ? 1376 GLU A C   1 
ATOM   518  O  O   . GLU A 1 85  ? 0.513   8.646   12.729  1.00 13.76 ? 1376 GLU A O   1 
ATOM   519  C  CB  . GLU A 1 85  ? -0.604  6.520   14.417  1.00 16.93 ? 1376 GLU A CB  1 
ATOM   520  C  CG  . GLU A 1 85  ? 0.102   7.623   15.193  1.00 20.09 ? 1376 GLU A CG  1 
ATOM   521  C  CD  . GLU A 1 85  ? -0.128  7.558   16.689  1.00 21.98 ? 1376 GLU A CD  1 
ATOM   522  O  OE1 . GLU A 1 85  ? -0.234  6.414   17.204  1.00 26.08 ? 1376 GLU A OE1 1 
ATOM   523  O  OE2 . GLU A 1 85  ? -0.240  8.647   17.330  1.00 22.02 ? 1376 GLU A OE2 1 
ATOM   524  N  N   . SER A 1 86  ? 0.414   7.044   11.183  1.00 12.74 ? 1377 SER A N   1 
ATOM   525  C  CA  . SER A 1 86  ? 1.578   7.513   10.409  1.00 12.86 ? 1377 SER A CA  1 
ATOM   526  C  C   . SER A 1 86  ? 1.561   6.886   9.027   1.00 11.61 ? 1377 SER A C   1 
ATOM   527  O  O   . SER A 1 86  ? 0.922   5.853   8.818   1.00 11.44 ? 1377 SER A O   1 
ATOM   528  C  CB  . SER A 1 86  ? 2.861   7.135   11.077  1.00 13.29 ? 1377 SER A CB  1 
ATOM   529  O  OG  . SER A 1 86  ? 3.069   5.745   10.997  1.00 13.95 ? 1377 SER A OG  1 
ATOM   530  N  N   . PRO A 1 87  ? 2.249   7.507   8.048   1.00 11.49 ? 1378 PRO A N   1 
ATOM   531  C  CA  . PRO A 1 87  ? 2.300   6.905   6.727   1.00 11.01 ? 1378 PRO A CA  1 
ATOM   532  C  C   . PRO A 1 87  ? 3.143   5.617   6.747   1.00 11.65 ? 1378 PRO A C   1 
ATOM   533  O  O   . PRO A 1 87  ? 2.953   4.803   5.841   1.00 11.14 ? 1378 PRO A O   1 
ATOM   534  C  CB  . PRO A 1 87  ? 2.998   7.980   5.866   1.00 11.69 ? 1378 PRO A CB  1 
ATOM   535  C  CG  . PRO A 1 87  ? 3.775   8.844   6.850   1.00 11.50 ? 1378 PRO A CG  1 
ATOM   536  C  CD  . PRO A 1 87  ? 2.906   8.828   8.103   1.00 11.64 ? 1378 PRO A CD  1 
ATOM   537  N  N   . MET A 1 88  ? 4.008   5.413   7.739   1.00 10.18 ? 1379 MET A N   1 
ATOM   538  C  CA  . MET A 1 88  ? 4.756   4.146   7.855   1.00 10.91 ? 1379 MET A CA  1 
ATOM   539  C  C   . MET A 1 88  ? 3.786   2.967   8.052   1.00 10.69 ? 1379 MET A C   1 
ATOM   540  O  O   . MET A 1 88  ? 3.996   1.884   7.514   1.00 10.60 ? 1379 MET A O   1 
ATOM   541  C  CB  . MET A 1 88  ? 5.809   4.180   8.966   1.00 11.82 ? 1379 MET A CB  1 
ATOM   542  C  CG  . MET A 1 88  ? 6.894   5.213   8.735   1.00 12.36 ? 1379 MET A CG  1 
ATOM   543  S  SD  . MET A 1 88  ? 6.508   6.913   9.255   1.00 14.55 ? 1379 MET A SD  1 
ATOM   544  C  CE  . MET A 1 88  ? 6.798   6.752   11.014  1.00 16.19 ? 1379 MET A CE  1 
ATOM   545  N  N   . GLU A 1 89  ? 2.721   3.173   8.854   1.00 10.58 ? 1380 GLU A N   1 
ATOM   546  C  CA  . GLU A 1 89  ? 1.760   2.095   9.083   1.00 10.84 ? 1380 GLU A CA  1 
ATOM   547  C  C   . GLU A 1 89  ? 1.031   1.778   7.768   1.00 9.79  ? 1380 GLU A C   1 
ATOM   548  O  O   . GLU A 1 89  ? 0.760   0.580   7.460   1.00 11.09 ? 1380 GLU A O   1 
ATOM   549  C  CB  . GLU A 1 89  ? 0.758   2.499   10.164  1.00 12.56 ? 1380 GLU A CB  1 
ATOM   550  C  CG  . GLU A 1 89  ? 1.308   2.547   11.565  1.00 13.42 ? 1380 GLU A CG  1 
ATOM   551  C  CD  . GLU A 1 89  ? 0.283   3.006   12.584  1.00 14.62 ? 1380 GLU A CD  1 
ATOM   552  O  OE1 . GLU A 1 89  ? -0.778  3.436   12.210  1.00 14.98 ? 1380 GLU A OE1 1 
ATOM   553  O  OE2 . GLU A 1 89  ? 0.616   2.881   13.799  1.00 20.54 ? 1380 GLU A OE2 1 
ATOM   554  N  N   . LEU A 1 90  ? 0.602   2.790   7.020   1.00 10.36 ? 1381 LEU A N   1 
ATOM   555  C  CA  . LEU A 1 90  ? -0.074  2.586   5.720   1.00 10.64 ? 1381 LEU A CA  1 
ATOM   556  C  C   . LEU A 1 90  ? 0.871   1.822   4.798   1.00 10.83 ? 1381 LEU A C   1 
ATOM   557  O  O   . LEU A 1 90  ? 0.446   0.874   4.072   1.00 10.44 ? 1381 LEU A O   1 
ATOM   558  C  CB  . LEU A 1 90  ? -0.502  3.943   5.115   1.00 10.95 ? 1381 LEU A CB  1 
ATOM   559  C  CG  . LEU A 1 90  ? -1.163  3.880   3.736   1.00 11.42 ? 1381 LEU A CG  1 
ATOM   560  C  CD1 . LEU A 1 90  ? -2.289  4.883   3.630   1.00 11.39 ? 1381 LEU A CD1 1 
ATOM   561  C  CD2 . LEU A 1 90  ? -0.172  4.032   2.607   1.00 11.23 ? 1381 LEU A CD2 1 
ATOM   562  N  N   A CYS A 1 91  ? 2.135   2.239   4.763   0.35 10.69 ? 1382 CYS A N   1 
ATOM   563  N  N   B CYS A 1 91  ? 2.145   2.203   4.750   0.15 10.37 ? 1382 CYS A N   1 
ATOM   564  C  CA  A CYS A 1 91  ? 3.165   1.621   3.894   0.35 11.76 ? 1382 CYS A CA  1 
ATOM   565  C  CA  B CYS A 1 91  ? 3.128   1.503   3.885   0.15 10.59 ? 1382 CYS A CA  1 
ATOM   566  C  C   A CYS A 1 91  ? 3.307   0.119   4.242   0.35 11.22 ? 1382 CYS A C   1 
ATOM   567  C  C   B CYS A 1 91  ? 3.210   0.031   4.237   0.15 10.77 ? 1382 CYS A C   1 
ATOM   568  O  O   A CYS A 1 91  ? 3.456   -0.701  3.295   0.35 11.83 ? 1382 CYS A O   1 
ATOM   569  O  O   B CYS A 1 91  ? 3.297   -0.814  3.314   0.15 10.81 ? 1382 CYS A O   1 
ATOM   570  C  CB  A CYS A 1 91  ? 4.464   2.425   3.984   0.35 12.85 ? 1382 CYS A CB  1 
ATOM   571  C  CB  B CYS A 1 91  ? 4.535   2.032   4.058   0.15 10.49 ? 1382 CYS A CB  1 
ATOM   572  S  SG  A CYS A 1 91  ? 5.728   1.981   2.759   0.35 14.14 ? 1382 CYS A SG  1 
ATOM   573  S  SG  B CYS A 1 91  ? 4.702   3.587   3.171   0.15 10.09 ? 1382 CYS A SG  1 
ATOM   574  N  N   . LYS A 1 92  ? 3.277   -0.254  5.531   1.00 11.65 ? 1383 LYS A N   1 
ATOM   575  C  CA  . LYS A 1 92  ? 3.411   -1.647  5.932   1.00 12.16 ? 1383 LYS A CA  1 
ATOM   576  C  C   . LYS A 1 92  ? 2.240   -2.446  5.332   1.00 11.49 ? 1383 LYS A C   1 
ATOM   577  O  O   . LYS A 1 92  ? 2.440   -3.563  4.829   1.00 12.03 ? 1383 LYS A O   1 
ATOM   578  C  CB  . LYS A 1 92  ? 3.476   -1.711  7.464   1.00 14.47 ? 1383 LYS A CB  1 
ATOM   579  C  CG  . LYS A 1 92  ? 3.565   -3.103  8.014   1.00 16.57 ? 1383 LYS A CG  1 
ATOM   580  C  CD  . LYS A 1 92  ? 3.863   -3.109  9.504   1.00 21.13 ? 1383 LYS A CD  1 
ATOM   581  C  CE  . LYS A 1 92  ? 3.673   -4.477  10.131  1.00 28.07 ? 1383 LYS A CE  1 
ATOM   582  N  NZ  . LYS A 1 92  ? 3.706   -4.461  11.625  1.00 33.20 ? 1383 LYS A NZ  1 
ATOM   583  N  N   . ASP A 1 93  ? 1.020   -1.936  5.405   1.00 10.77 ? 1384 ASP A N   1 
ATOM   584  C  CA  . ASP A 1 93  ? -0.137  -2.669  4.842   1.00 10.66 ? 1384 ASP A CA  1 
ATOM   585  C  C   . ASP A 1 93  ? -0.069  -2.755  3.303   1.00 10.11 ? 1384 ASP A C   1 
ATOM   586  O  O   . ASP A 1 93  ? -0.376  -3.793  2.746   1.00 9.98  ? 1384 ASP A O   1 
ATOM   587  C  CB  . ASP A 1 93  ? -1.465  -2.055  5.285   1.00 10.92 ? 1384 ASP A CB  1 
ATOM   588  C  CG  . ASP A 1 93  ? -1.896  -2.394  6.707   1.00 14.47 ? 1384 ASP A CG  1 
ATOM   589  O  OD1 . ASP A 1 93  ? -1.203  -3.237  7.339   1.00 17.56 ? 1384 ASP A OD1 1 
ATOM   590  O  OD2 . ASP A 1 93  ? -2.876  -1.746  7.183   1.00 13.44 ? 1384 ASP A OD2 1 
ATOM   591  N  N   . VAL A 1 94  ? 0.350   -1.678  2.623   1.00 9.43  ? 1385 VAL A N   1 
ATOM   592  C  CA  . VAL A 1 94  ? 0.446   -1.766  1.140   1.00 9.34  ? 1385 VAL A CA  1 
ATOM   593  C  C   . VAL A 1 94  ? 1.529   -2.783  0.788   1.00 9.64  ? 1385 VAL A C   1 
ATOM   594  O  O   . VAL A 1 94  ? 1.326   -3.612  -0.107  1.00 9.97  ? 1385 VAL A O   1 
ATOM   595  C  CB  . VAL A 1 94  ? 0.752   -0.387  0.531   1.00 9.79  ? 1385 VAL A CB  1 
ATOM   596  C  CG1 . VAL A 1 94  ? 1.138   -0.532  -0.931  1.00 9.84  ? 1385 VAL A CG1 1 
ATOM   597  C  CG2 . VAL A 1 94  ? -0.447  0.541   0.708   1.00 10.01 ? 1385 VAL A CG2 1 
ATOM   598  N  N   . ARG A 1 95  ? 2.662   -2.793  1.503   1.00 9.59  ? 1386 ARG A N   1 
ATOM   599  C  CA  . ARG A 1 95  ? 3.719   -3.768  1.221   1.00 9.77  ? 1386 ARG A CA  1 
ATOM   600  C  C   . ARG A 1 95  ? 3.213   -5.199  1.451   1.00 9.80  ? 1386 ARG A C   1 
ATOM   601  O  O   . ARG A 1 95  ? 3.675   -6.132  0.764   1.00 10.90 ? 1386 ARG A O   1 
ATOM   602  C  CB  . ARG A 1 95  ? 4.998   -3.424  1.977   1.00 10.86 ? 1386 ARG A CB  1 
ATOM   603  C  CG  . ARG A 1 95  ? 5.679   -2.185  1.399   1.00 11.85 ? 1386 ARG A CG  1 
ATOM   604  C  CD  . ARG A 1 95  ? 6.752   -1.650  2.337   1.00 14.06 ? 1386 ARG A CD  1 
ATOM   605  N  NE  . ARG A 1 95  ? 7.431   -0.503  1.724   1.00 15.33 ? 1386 ARG A NE  1 
ATOM   606  C  CZ  . ARG A 1 95  ? 8.411   0.192   2.312   1.00 19.24 ? 1386 ARG A CZ  1 
ATOM   607  N  NH1 . ARG A 1 95  ? 8.761   -0.037  3.575   1.00 19.99 ? 1386 ARG A NH1 1 
ATOM   608  N  NH2 . ARG A 1 95  ? 9.030   1.154   1.635   1.00 21.27 ? 1386 ARG A NH2 1 
ATOM   609  N  N   . LEU A 1 96  ? 2.312   -5.409  2.398   1.00 9.70  ? 1387 LEU A N   1 
ATOM   610  C  CA  . LEU A 1 96  ? 1.702   -6.726  2.659   1.00 10.55 ? 1387 LEU A CA  1 
ATOM   611  C  C   . LEU A 1 96  ? 0.886   -7.184  1.446   1.00 10.19 ? 1387 LEU A C   1 
ATOM   612  O  O   . LEU A 1 96  ? 0.856   -8.389  1.114   1.00 10.23 ? 1387 LEU A O   1 
ATOM   613  C  CB  . LEU A 1 96  ? 0.832   -6.642  3.912   1.00 11.62 ? 1387 LEU A CB  1 
ATOM   614  C  CG  . LEU A 1 96  ? 0.113   -7.913  4.345   1.00 12.51 ? 1387 LEU A CG  1 
ATOM   615  C  CD1 . LEU A 1 96  ? 1.071   -9.016  4.608   1.00 13.40 ? 1387 LEU A CD1 1 
ATOM   616  C  CD2 . LEU A 1 96  ? -0.674  -7.618  5.609   1.00 13.13 ? 1387 LEU A CD2 1 
ATOM   617  N  N   . ILE A 1 97  ? 0.168   -6.269  0.765   1.00 10.32 ? 1388 ILE A N   1 
ATOM   618  C  CA  . ILE A 1 97  ? -0.535  -6.642  -0.494  1.00 9.97  ? 1388 ILE A CA  1 
ATOM   619  C  C   . ILE A 1 97  ? 0.471   -7.318  -1.434  1.00 9.73  ? 1388 ILE A C   1 
ATOM   620  O  O   . ILE A 1 97  ? 0.202   -8.349  -2.051  1.00 10.23 ? 1388 ILE A O   1 
ATOM   621  C  CB  . ILE A 1 97  ? -1.218  -5.420  -1.149  1.00 10.55 ? 1388 ILE A CB  1 
ATOM   622  C  CG1 . ILE A 1 97  ? -2.276  -4.803  -0.219  1.00 10.09 ? 1388 ILE A CG1 1 
ATOM   623  C  CG2 . ILE A 1 97  ? -1.812  -5.785  -2.500  1.00 10.99 ? 1388 ILE A CG2 1 
ATOM   624  C  CD1 . ILE A 1 97  ? -2.827  -3.451  -0.661  1.00 10.45 ? 1388 ILE A CD1 1 
ATOM   625  N  N   . PHE A 1 98  ? 1.626   -6.700  -1.583  1.00 9.43  ? 1389 PHE A N   1 
ATOM   626  C  CA  . PHE A 1 98  ? 2.619   -7.162  -2.585  1.00 10.09 ? 1389 PHE A CA  1 
ATOM   627  C  C   . PHE A 1 98  ? 3.304   -8.443  -2.107  1.00 10.02 ? 1389 PHE A C   1 
ATOM   628  O  O   . PHE A 1 98  ? 3.518   -9.358  -2.912  1.00 10.81 ? 1389 PHE A O   1 
ATOM   629  C  CB  . PHE A 1 98  ? 3.603   -6.038  -2.957  1.00 10.56 ? 1389 PHE A CB  1 
ATOM   630  C  CG  . PHE A 1 98  ? 2.932   -4.804  -3.486  1.00 11.31 ? 1389 PHE A CG  1 
ATOM   631  C  CD1 . PHE A 1 98  ? 2.001   -4.883  -4.498  1.00 13.52 ? 1389 PHE A CD1 1 
ATOM   632  C  CD2 . PHE A 1 98  ? 3.294   -3.546  -3.014  1.00 12.37 ? 1389 PHE A CD2 1 
ATOM   633  C  CE1 . PHE A 1 98  ? 1.392   -3.733  -5.006  1.00 14.95 ? 1389 PHE A CE1 1 
ATOM   634  C  CE2 . PHE A 1 98  ? 2.661   -2.408  -3.532  1.00 12.95 ? 1389 PHE A CE2 1 
ATOM   635  C  CZ  . PHE A 1 98  ? 1.768   -2.527  -4.545  1.00 14.87 ? 1389 PHE A CZ  1 
ATOM   636  N  N   . SER A 1 99  ? 3.632   -8.545  -0.820  1.00 10.41 ? 1390 SER A N   1 
ATOM   637  C  CA  . SER A 1 99  ? 4.276   -9.803  -0.328  1.00 10.18 ? 1390 SER A CA  1 
ATOM   638  C  C   . SER A 1 99  ? 3.265   -10.949 -0.391  1.00 10.35 ? 1390 SER A C   1 
ATOM   639  O  O   . SER A 1 99  ? 3.692   -12.102 -0.674  1.00 10.77 ? 1390 SER A O   1 
ATOM   640  C  CB  . SER A 1 99  ? 4.871   -9.619  1.058   1.00 11.12 ? 1390 SER A CB  1 
ATOM   641  O  OG  . SER A 1 99  ? 3.916   -9.279  2.007   1.00 13.03 ? 1390 SER A OG  1 
ATOM   642  N  N   . ASN A 1 100 ? 1.984   -10.713 -0.146  1.00 10.10 ? 1391 ASN A N   1 
ATOM   643  C  CA  . ASN A 1 100 ? 0.972   -11.782 -0.287  1.00 10.47 ? 1391 ASN A CA  1 
ATOM   644  C  C   . ASN A 1 100 ? 0.977   -12.249 -1.733  1.00 10.97 ? 1391 ASN A C   1 
ATOM   645  O  O   . ASN A 1 100 ? 0.880   -13.488 -1.992  1.00 11.62 ? 1391 ASN A O   1 
ATOM   646  C  CB  . ASN A 1 100 ? -0.407  -11.334 0.162   1.00 10.35 ? 1391 ASN A CB  1 
ATOM   647  C  CG  . ASN A 1 100 ? -0.570  -11.194 1.655   1.00 10.93 ? 1391 ASN A CG  1 
ATOM   648  O  OD1 . ASN A 1 100 ? 0.245   -11.658 2.445   1.00 12.05 ? 1391 ASN A OD1 1 
ATOM   649  N  ND2 . ASN A 1 100 ? -1.653  -10.595 2.032   1.00 11.94 ? 1391 ASN A ND2 1 
ATOM   650  N  N   . SER A 1 101 ? 0.991   -11.358 -2.728  1.00 10.50 ? 1392 SER A N   1 
ATOM   651  C  CA  . SER A 1 101 ? 0.985   -11.778 -4.149  1.00 10.71 ? 1392 SER A CA  1 
ATOM   652  C  C   . SER A 1 101 ? 2.218   -12.631 -4.437  1.00 10.52 ? 1392 SER A C   1 
ATOM   653  O  O   . SER A 1 101 ? 2.097   -13.669 -5.107  1.00 11.21 ? 1392 SER A O   1 
ATOM   654  C  CB  . SER A 1 101 ? 0.831   -10.566 -5.019  1.00 10.10 ? 1392 SER A CB  1 
ATOM   655  O  OG  . SER A 1 101 ? 0.780   -10.968 -6.394  1.00 12.11 ? 1392 SER A OG  1 
ATOM   656  N  N   . LYS A 1 102 ? 3.388   -12.238 -3.984  1.00 11.02 ? 1393 LYS A N   1 
ATOM   657  C  CA  . LYS A 1 102 ? 4.627   -13.015 -4.176  1.00 11.84 ? 1393 LYS A CA  1 
ATOM   658  C  C   . LYS A 1 102 ? 4.547   -14.384 -3.520  1.00 12.50 ? 1393 LYS A C   1 
ATOM   659  O  O   . LYS A 1 102 ? 5.027   -15.374 -4.107  1.00 13.25 ? 1393 LYS A O   1 
ATOM   660  C  CB  . LYS A 1 102 ? 5.798   -12.196 -3.640  1.00 12.11 ? 1393 LYS A CB  1 
ATOM   661  C  CG  . LYS A 1 102 ? 7.183   -12.786 -3.996  1.00 12.97 ? 1393 LYS A CG  1 
ATOM   662  C  CD  . LYS A 1 102 ? 8.285   -11.850 -3.670  1.00 14.64 ? 1393 LYS A CD  1 
ATOM   663  C  CE  . LYS A 1 102 ? 9.627   -12.347 -4.175  1.00 16.19 ? 1393 LYS A CE  1 
ATOM   664  N  NZ  . LYS A 1 102 ? 10.694  -11.353 -3.897  1.00 18.60 ? 1393 LYS A NZ  1 
ATOM   665  N  N   . ALA A 1 103 ? 3.940   -14.478 -2.345  1.00 12.07 ? 1394 ALA A N   1 
ATOM   666  C  CA  . ALA A 1 103 ? 3.792   -15.762 -1.620  1.00 12.63 ? 1394 ALA A CA  1 
ATOM   667  C  C   . ALA A 1 103 ? 2.757   -16.660 -2.301  1.00 13.09 ? 1394 ALA A C   1 
ATOM   668  O  O   . ALA A 1 103 ? 2.848   -17.901 -2.180  1.00 13.50 ? 1394 ALA A O   1 
ATOM   669  C  CB  . ALA A 1 103 ? 3.414   -15.490 -0.184  1.00 13.06 ? 1394 ALA A CB  1 
ATOM   670  N  N   . TYR A 1 104 ? 1.734   -16.103 -2.942  1.00 12.14 ? 1395 TYR A N   1 
ATOM   671  C  CA  . TYR A 1 104 ? 0.667   -16.942 -3.546  1.00 11.75 ? 1395 TYR A CA  1 
ATOM   672  C  C   . TYR A 1 104 ? 1.036   -17.366 -4.971  1.00 11.19 ? 1395 TYR A C   1 
ATOM   673  O  O   . TYR A 1 104 ? 0.511   -18.381 -5.432  1.00 10.80 ? 1395 TYR A O   1 
ATOM   674  C  CB  . TYR A 1 104 ? -0.696  -16.256 -3.535  1.00 12.24 ? 1395 TYR A CB  1 
ATOM   675  C  CG  . TYR A 1 104 ? -1.788  -17.220 -3.907  1.00 13.32 ? 1395 TYR A CG  1 
ATOM   676  C  CD1 . TYR A 1 104 ? -2.132  -18.285 -3.088  1.00 13.51 ? 1395 TYR A CD1 1 
ATOM   677  C  CD2 . TYR A 1 104 ? -2.451  -17.091 -5.112  1.00 15.12 ? 1395 TYR A CD2 1 
ATOM   678  C  CE1 . TYR A 1 104 ? -3.099  -19.206 -3.463  1.00 13.72 ? 1395 TYR A CE1 1 
ATOM   679  C  CE2 . TYR A 1 104 ? -3.429  -17.988 -5.496  1.00 15.40 ? 1395 TYR A CE2 1 
ATOM   680  C  CZ  . TYR A 1 104 ? -3.770  -19.034 -4.659  1.00 14.83 ? 1395 TYR A CZ  1 
ATOM   681  O  OH  . TYR A 1 104 ? -4.722  -19.912 -5.072  1.00 15.79 ? 1395 TYR A OH  1 
ATOM   682  N  N   . THR A 1 105 ? 1.911   -16.647 -5.675  1.00 11.73 ? 1396 THR A N   1 
ATOM   683  C  CA  . THR A 1 105 ? 2.118   -16.909 -7.111  1.00 12.05 ? 1396 THR A CA  1 
ATOM   684  C  C   . THR A 1 105 ? 2.754   -18.291 -7.298  1.00 13.40 ? 1396 THR A C   1 
ATOM   685  O  O   . THR A 1 105 ? 3.758   -18.659 -6.658  1.00 14.08 ? 1396 THR A O   1 
ATOM   686  C  CB  . THR A 1 105 ? 2.917   -15.787 -7.786  1.00 11.62 ? 1396 THR A CB  1 
ATOM   687  O  OG1 . THR A 1 105 ? 2.828   -15.939 -9.203  1.00 11.79 ? 1396 THR A OG1 1 
ATOM   688  C  CG2 . THR A 1 105 ? 4.381   -15.793 -7.415  1.00 11.92 ? 1396 THR A CG2 1 
ATOM   689  N  N   . PRO A 1 106 ? 2.191   -19.116 -8.201  1.00 14.84 ? 1397 PRO A N   1 
ATOM   690  C  CA  . PRO A 1 106 ? 2.828   -20.399 -8.500  1.00 15.48 ? 1397 PRO A CA  1 
ATOM   691  C  C   . PRO A 1 106 ? 4.067   -20.225 -9.371  1.00 16.88 ? 1397 PRO A C   1 
ATOM   692  O  O   . PRO A 1 106 ? 4.872   -21.158 -9.546  1.00 18.01 ? 1397 PRO A O   1 
ATOM   693  C  CB  . PRO A 1 106 ? 1.695   -21.141 -9.229  1.00 18.34 ? 1397 PRO A CB  1 
ATOM   694  C  CG  . PRO A 1 106 ? 0.886   -20.072 -9.938  1.00 18.88 ? 1397 PRO A CG  1 
ATOM   695  C  CD  . PRO A 1 106 ? 0.997   -18.870 -9.026  1.00 16.36 ? 1397 PRO A CD  1 
ATOM   696  N  N   . SER A 1 107 ? 4.272   -19.035 -9.951  1.00 15.98 ? 1398 SER A N   1 
ATOM   697  C  CA  . SER A 1 107 ? 5.377   -18.712 -10.863 1.00 15.90 ? 1398 SER A CA  1 
ATOM   698  C  C   . SER A 1 107 ? 5.739   -17.219 -10.794 1.00 15.33 ? 1398 SER A C   1 
ATOM   699  O  O   . SER A 1 107 ? 4.819   -16.351 -10.682 1.00 13.89 ? 1398 SER A O   1 
ATOM   700  C  CB  . SER A 1 107 ? 4.976   -19.077 -12.261 1.00 19.17 ? 1398 SER A CB  1 
ATOM   701  O  OG  . SER A 1 107 ? 5.900   -18.582 -13.188 1.00 20.07 ? 1398 SER A OG  1 
ATOM   702  N  N   . LYS A 1 108 ? 6.994   -16.887 -11.022 1.00 16.50 ? 1399 LYS A N   1 
ATOM   703  C  CA  . LYS A 1 108 ? 7.407   -15.469 -10.992 1.00 18.55 ? 1399 LYS A CA  1 
ATOM   704  C  C   . LYS A 1 108 ? 7.010   -14.843 -12.318 1.00 18.57 ? 1399 LYS A C   1 
ATOM   705  O  O   . LYS A 1 108 ? 7.159   -13.618 -12.441 1.00 19.64 ? 1399 LYS A O   1 
ATOM   706  C  CB  . LYS A 1 108 ? 8.872   -15.392 -10.561 1.00 22.91 ? 1399 LYS A CB  1 
ATOM   707  C  CG  . LYS A 1 108 ? 9.017   -15.652 -9.065  1.00 26.34 ? 1399 LYS A CG  1 
ATOM   708  C  CD  . LYS A 1 108 ? 10.397  -15.490 -8.482  1.00 30.26 ? 1399 LYS A CD  1 
ATOM   709  C  CE  . LYS A 1 108 ? 10.393  -15.379 -6.976  1.00 33.84 ? 1399 LYS A CE  1 
ATOM   710  N  NZ  . LYS A 1 108 ? 11.705  -14.879 -6.498  1.00 36.95 ? 1399 LYS A NZ  1 
ATOM   711  N  N   . ARG A 1 109 ? 6.475   -15.624 -13.261 1.00 17.11 ? 1400 ARG A N   1 
ATOM   712  C  CA  . ARG A 1 109 ? 6.007   -15.143 -14.593 1.00 20.40 ? 1400 ARG A CA  1 
ATOM   713  C  C   . ARG A 1 109 ? 4.475   -15.020 -14.695 1.00 19.06 ? 1400 ARG A C   1 
ATOM   714  O  O   . ARG A 1 109 ? 3.954   -14.761 -15.776 1.00 23.14 ? 1400 ARG A O   1 
ATOM   715  C  CB  . ARG A 1 109 ? 6.516   -16.093 -15.693 1.00 25.86 ? 1400 ARG A CB  1 
ATOM   716  C  CG  . ARG A 1 109 ? 8.032   -16.243 -15.716 1.00 31.09 ? 1400 ARG A CG  1 
ATOM   717  C  CD  . ARG A 1 109 ? 8.466   -17.153 -16.854 1.00 38.46 ? 1400 ARG A CD  1 
ATOM   718  N  NE  . ARG A 1 109 ? 7.848   -16.688 -18.088 1.00 43.75 ? 1400 ARG A NE  1 
ATOM   719  C  CZ  . ARG A 1 109 ? 7.660   -17.415 -19.180 1.00 48.45 ? 1400 ARG A CZ  1 
ATOM   720  N  NH1 . ARG A 1 109 ? 8.088   -18.666 -19.230 1.00 58.05 ? 1400 ARG A NH1 1 
ATOM   721  N  NH2 . ARG A 1 109 ? 7.050   -16.884 -20.231 1.00 48.44 ? 1400 ARG A NH2 1 
ATOM   722  N  N   . SER A 1 110 ? 3.765   -15.196 -13.589 1.00 17.17 ? 1401 SER A N   1 
ATOM   723  C  CA  . SER A 1 110 ? 2.287   -15.147 -13.582 1.00 15.61 ? 1401 SER A CA  1 
ATOM   724  C  C   . SER A 1 110 ? 1.786   -13.733 -13.906 1.00 13.87 ? 1401 SER A C   1 
ATOM   725  O  O   . SER A 1 110 ? 2.486   -12.717 -13.654 1.00 13.37 ? 1401 SER A O   1 
ATOM   726  C  CB  . SER A 1 110 ? 1.746   -15.641 -12.284 1.00 16.29 ? 1401 SER A CB  1 
ATOM   727  O  OG  . SER A 1 110 ? 1.495   -14.571 -11.389 1.00 18.82 ? 1401 SER A OG  1 
ATOM   728  N  N   . ARG A 1 111 ? 0.584   -13.663 -14.472 1.00 13.63 ? 1402 ARG A N   1 
ATOM   729  C  CA  . ARG A 1 111 ? -0.024  -12.369 -14.822 1.00 13.25 ? 1402 ARG A CA  1 
ATOM   730  C  C   . ARG A 1 111 ? -0.209  -11.492 -13.580 1.00 12.12 ? 1402 ARG A C   1 
ATOM   731  O  O   . ARG A 1 111 ? 0.227   -10.350 -13.562 1.00 12.42 ? 1402 ARG A O   1 
ATOM   732  C  CB  . ARG A 1 111 ? -1.395  -12.586 -15.495 1.00 13.64 ? 1402 ARG A CB  1 
ATOM   733  C  CG  . ARG A 1 111 ? -2.095  -11.286 -15.859 1.00 15.04 ? 1402 ARG A CG  1 
ATOM   734  C  CD  . ARG A 1 111 ? -1.446  -10.702 -17.111 1.00 17.78 ? 1402 ARG A CD  1 
ATOM   735  N  NE  . ARG A 1 111 ? -1.727  -9.298  -17.364 1.00 21.89 ? 1402 ARG A NE  1 
ATOM   736  C  CZ  . ARG A 1 111 ? -2.855  -8.808  -17.896 1.00 24.07 ? 1402 ARG A CZ  1 
ATOM   737  N  NH1 . ARG A 1 111 ? -3.804  -9.574  -18.397 1.00 21.08 ? 1402 ARG A NH1 1 
ATOM   738  N  NH2 . ARG A 1 111 ? -3.014  -7.494  -18.003 1.00 31.96 ? 1402 ARG A NH2 1 
ATOM   739  N  N   . ILE A 1 112 ? -0.864  -12.019 -12.572 1.00 11.05 ? 1403 ILE A N   1 
ATOM   740  C  CA  . ILE A 1 112 ? -1.243  -11.183 -11.392 1.00 12.00 ? 1403 ILE A CA  1 
ATOM   741  C  C   . ILE A 1 112 ? 0.014   -10.798 -10.596 1.00 11.44 ? 1403 ILE A C   1 
ATOM   742  O  O   . ILE A 1 112 ? 0.141   -9.624  -10.225 1.00 11.09 ? 1403 ILE A O   1 
ATOM   743  C  CB  . ILE A 1 112 ? -2.367  -11.857 -10.579 1.00 12.38 ? 1403 ILE A CB  1 
ATOM   744  C  CG1 . ILE A 1 112 ? -3.655  -11.909 -11.407 1.00 13.34 ? 1403 ILE A CG1 1 
ATOM   745  C  CG2 . ILE A 1 112 ? -2.607  -11.143 -9.245  1.00 12.86 ? 1403 ILE A CG2 1 
ATOM   746  C  CD1 . ILE A 1 112 ? -4.737  -12.806 -10.851 1.00 14.38 ? 1403 ILE A CD1 1 
ATOM   747  N  N   . TYR A 1 113 ? 1.007   -11.680 -10.439 1.00 11.35 ? 1404 TYR A N   1 
ATOM   748  C  CA  . TYR A 1 113 ? 2.263   -11.305 -9.774  1.00 11.52 ? 1404 TYR A CA  1 
ATOM   749  C  C   . TYR A 1 113 ? 2.989   -10.241 -10.580 1.00 11.55 ? 1404 TYR A C   1 
ATOM   750  O  O   . TYR A 1 113 ? 3.548   -9.302  -10.016 1.00 11.95 ? 1404 TYR A O   1 
ATOM   751  C  CB  . TYR A 1 113 ? 3.142   -12.535 -9.569  1.00 13.16 ? 1404 TYR A CB  1 
ATOM   752  C  CG  . TYR A 1 113 ? 4.490   -12.228 -8.972  1.00 12.06 ? 1404 TYR A CG  1 
ATOM   753  C  CD1 . TYR A 1 113 ? 4.596   -11.658 -7.702  1.00 13.03 ? 1404 TYR A CD1 1 
ATOM   754  C  CD2 . TYR A 1 113 ? 5.664   -12.472 -9.681  1.00 12.94 ? 1404 TYR A CD2 1 
ATOM   755  C  CE1 . TYR A 1 113 ? 5.853   -11.355 -7.174  1.00 14.29 ? 1404 TYR A CE1 1 
ATOM   756  C  CE2 . TYR A 1 113 ? 6.912   -12.202 -9.143  1.00 15.12 ? 1404 TYR A CE2 1 
ATOM   757  C  CZ  . TYR A 1 113 ? 7.004   -11.672 -7.866  1.00 14.93 ? 1404 TYR A CZ  1 
ATOM   758  O  OH  . TYR A 1 113 ? 8.250   -11.397 -7.330  1.00 17.03 ? 1404 TYR A OH  1 
ATOM   759  N  N   A SER A 1 114 ? 3.016   -10.368 -11.912 0.32 11.77 ? 1405 SER A N   1 
ATOM   760  N  N   B SER A 1 114 ? 3.001   -10.372 -11.906 0.32 11.66 ? 1405 SER A N   1 
ATOM   761  C  CA  A SER A 1 114 ? 3.698   -9.368  -12.781 0.32 12.74 ? 1405 SER A CA  1 
ATOM   762  C  CA  B SER A 1 114 ? 3.689   -9.390  -12.781 0.32 12.55 ? 1405 SER A CA  1 
ATOM   763  C  C   A SER A 1 114 ? 3.051   -7.983  -12.599 0.32 12.12 ? 1405 SER A C   1 
ATOM   764  C  C   B SER A 1 114 ? 3.046   -7.997  -12.632 0.32 12.07 ? 1405 SER A C   1 
ATOM   765  O  O   A SER A 1 114 ? 3.778   -6.959  -12.609 0.32 11.89 ? 1405 SER A O   1 
ATOM   766  O  O   B SER A 1 114 ? 3.778   -6.977  -12.667 0.32 11.76 ? 1405 SER A O   1 
ATOM   767  C  CB  A SER A 1 114 ? 3.725   -9.768  -14.248 0.32 13.52 ? 1405 SER A CB  1 
ATOM   768  C  CB  B SER A 1 114 ? 3.726   -9.859  -14.218 0.32 13.32 ? 1405 SER A CB  1 
ATOM   769  O  OG  A SER A 1 114 ? 2.449   -9.621  -14.846 0.32 14.70 ? 1405 SER A OG  1 
ATOM   770  O  OG  B SER A 1 114 ? 4.517   -11.040 -14.307 0.32 13.91 ? 1405 SER A OG  1 
ATOM   771  N  N   . MET A 1 115 ? 1.721   -7.924  -12.547 1.00 11.94 ? 1406 MET A N   1 
ATOM   772  C  CA  . MET A 1 115 ? 0.949   -6.681  -12.261 1.00 11.63 ? 1406 MET A CA  1 
ATOM   773  C  C   . MET A 1 115 ? 1.429   -6.125  -10.903 1.00 10.89 ? 1406 MET A C   1 
ATOM   774  O  O   . MET A 1 115 ? 1.733   -4.897  -10.812 1.00 11.17 ? 1406 MET A O   1 
ATOM   775  C  CB  . MET A 1 115 ? -0.557  -6.962  -12.246 1.00 12.35 ? 1406 MET A CB  1 
ATOM   776  C  CG  . MET A 1 115 ? -1.157  -7.185  -13.636 1.00 13.28 ? 1406 MET A CG  1 
ATOM   777  S  SD  . MET A 1 115 ? -2.826  -7.893  -13.628 1.00 15.16 ? 1406 MET A SD  1 
ATOM   778  C  CE  . MET A 1 115 ? -3.850  -6.432  -13.666 1.00 17.56 ? 1406 MET A CE  1 
ATOM   779  N  N   . SER A 1 116 ? 1.582   -6.991  -9.890  1.00 10.86 ? 1407 SER A N   1 
ATOM   780  C  CA  . SER A 1 116 ? 1.979   -6.574  -8.522  1.00 11.07 ? 1407 SER A CA  1 
ATOM   781  C  C   . SER A 1 116 ? 3.356   -5.896  -8.568  1.00 10.65 ? 1407 SER A C   1 
ATOM   782  O  O   . SER A 1 116 ? 3.579   -4.920  -7.841  1.00 11.22 ? 1407 SER A O   1 
ATOM   783  C  CB  . SER A 1 116 ? 1.978   -7.720  -7.510  1.00 11.87 ? 1407 SER A CB  1 
ATOM   784  O  OG  . SER A 1 116 ? 3.145   -8.497  -7.526  1.00 11.58 ? 1407 SER A OG  1 
ATOM   785  N  N   . LEU A 1 117 ? 4.295   -6.396  -9.377  1.00 11.54 ? 1408 LEU A N   1 
ATOM   786  C  CA  . LEU A 1 117 ? 5.644   -5.829  -9.362  1.00 11.93 ? 1408 LEU A CA  1 
ATOM   787  C  C   . LEU A 1 117 ? 5.630   -4.433  -9.958  1.00 11.48 ? 1408 LEU A C   1 
ATOM   788  O  O   . LEU A 1 117 ? 6.335   -3.537  -9.480  1.00 11.77 ? 1408 LEU A O   1 
ATOM   789  C  CB  . LEU A 1 117 ? 6.628   -6.727  -10.106 1.00 13.19 ? 1408 LEU A CB  1 
ATOM   790  C  CG  . LEU A 1 117 ? 6.894   -8.093  -9.509  1.00 13.74 ? 1408 LEU A CG  1 
ATOM   791  C  CD1 . LEU A 1 117 ? 7.869   -8.844  -10.403 1.00 16.43 ? 1408 LEU A CD1 1 
ATOM   792  C  CD2 . LEU A 1 117 ? 7.409   -7.960  -8.084  1.00 16.25 ? 1408 LEU A CD2 1 
ATOM   793  N  N   . ARG A 1 118 ? 4.859   -4.221  -11.033 1.00 10.98 ? 1409 ARG A N   1 
ATOM   794  C  CA  . ARG A 1 118 ? 4.810   -2.868  -11.640 1.00 11.24 ? 1409 ARG A CA  1 
ATOM   795  C  C   . ARG A 1 118 ? 4.118   -1.910  -10.667 1.00 10.74 ? 1409 ARG A C   1 
ATOM   796  O  O   . ARG A 1 118 ? 4.573   -0.759  -10.451 1.00 11.21 ? 1409 ARG A O   1 
ATOM   797  C  CB  . ARG A 1 118 ? 4.056   -2.864  -12.969 1.00 10.96 ? 1409 ARG A CB  1 
ATOM   798  C  CG  . ARG A 1 118 ? 4.781   -3.572  -14.118 1.00 11.83 ? 1409 ARG A CG  1 
ATOM   799  C  CD  . ARG A 1 118 ? 4.087   -3.376  -15.457 1.00 13.11 ? 1409 ARG A CD  1 
ATOM   800  N  NE  . ARG A 1 118 ? 2.767   -3.952  -15.523 1.00 12.90 ? 1409 ARG A NE  1 
ATOM   801  C  CZ  . ARG A 1 118 ? 2.424   -5.125  -16.028 1.00 14.42 ? 1409 ARG A CZ  1 
ATOM   802  N  NH1 . ARG A 1 118 ? 3.329   -5.902  -16.560 1.00 16.05 ? 1409 ARG A NH1 1 
ATOM   803  N  NH2 . ARG A 1 118 ? 1.144   -5.487  -15.988 1.00 16.77 ? 1409 ARG A NH2 1 
ATOM   804  N  N   . LEU A 1 119 ? 3.045   -2.351  -10.043 1.00 10.91 ? 1410 LEU A N   1 
ATOM   805  C  CA  . LEU A 1 119 ? 2.314   -1.482  -9.111  1.00 10.83 ? 1410 LEU A CA  1 
ATOM   806  C  C   . LEU A 1 119 ? 3.172   -1.149  -7.893  1.00 10.69 ? 1410 LEU A C   1 
ATOM   807  O  O   . LEU A 1 119 ? 3.137   0.006   -7.402  1.00 11.11 ? 1410 LEU A O   1 
ATOM   808  C  CB  . LEU A 1 119 ? 0.986   -2.121  -8.737  1.00 11.67 ? 1410 LEU A CB  1 
ATOM   809  C  CG  . LEU A 1 119 ? -0.028  -1.182  -8.058  1.00 12.50 ? 1410 LEU A CG  1 
ATOM   810  C  CD1 . LEU A 1 119 ? -0.522  -0.132  -9.075  1.00 14.64 ? 1410 LEU A CD1 1 
ATOM   811  C  CD2 . LEU A 1 119 ? -1.213  -1.968  -7.526  1.00 12.60 ? 1410 LEU A CD2 1 
ATOM   812  N  N   . SER A 1 120 ? 3.967   -2.103  -7.424  1.00 10.28 ? 1411 SER A N   1 
ATOM   813  C  CA  . SER A 1 120 ? 4.865   -1.886  -6.278  1.00 11.21 ? 1411 SER A CA  1 
ATOM   814  C  C   . SER A 1 120 ? 5.881   -0.808  -6.666  1.00 11.31 ? 1411 SER A C   1 
ATOM   815  O  O   . SER A 1 120 ? 6.200   0.080   -5.831  1.00 10.74 ? 1411 SER A O   1 
ATOM   816  C  CB  . SER A 1 120 ? 5.524   -3.197  -5.902  1.00 11.25 ? 1411 SER A CB  1 
ATOM   817  O  OG  . SER A 1 120 ? 6.550   -2.987  -4.898  1.00 12.68 ? 1411 SER A OG  1 
ATOM   818  N  N   . ALA A 1 121 ? 6.479   -0.897  -7.851  1.00 10.32 ? 1412 ALA A N   1 
ATOM   819  C  CA  . ALA A 1 121 ? 7.487   0.106   -8.276  1.00 10.66 ? 1412 ALA A CA  1 
ATOM   820  C  C   . ALA A 1 121 ? 6.845   1.489   -8.287  1.00 10.01 ? 1412 ALA A C   1 
ATOM   821  O  O   . ALA A 1 121 ? 7.459   2.469   -7.871  1.00 11.12 ? 1412 ALA A O   1 
ATOM   822  C  CB  . ALA A 1 121 ? 8.035   -0.235  -9.662  1.00 11.17 ? 1412 ALA A CB  1 
ATOM   823  N  N   . PHE A 1 122 ? 5.622   1.585   -8.818  1.00 10.70 ? 1413 PHE A N   1 
ATOM   824  C  CA  . PHE A 1 122 ? 4.892   2.879   -8.859  1.00 10.31 ? 1413 PHE A CA  1 
ATOM   825  C  C   . PHE A 1 122 ? 4.669   3.398   -7.438  1.00 10.15 ? 1413 PHE A C   1 
ATOM   826  O  O   . PHE A 1 122 ? 4.906   4.590   -7.123  1.00 11.03 ? 1413 PHE A O   1 
ATOM   827  C  CB  . PHE A 1 122 ? 3.596   2.709   -9.633  1.00 11.56 ? 1413 PHE A CB  1 
ATOM   828  C  CG  . PHE A 1 122 ? 2.734   3.926   -9.648  1.00 12.06 ? 1413 PHE A CG  1 
ATOM   829  C  CD1 . PHE A 1 122 ? 2.958   4.959   -10.563 1.00 15.22 ? 1413 PHE A CD1 1 
ATOM   830  C  CD2 . PHE A 1 122 ? 1.708   4.083   -8.747  1.00 13.38 ? 1413 PHE A CD2 1 
ATOM   831  C  CE1 . PHE A 1 122 ? 2.155   6.097   -10.558 1.00 17.10 ? 1413 PHE A CE1 1 
ATOM   832  C  CE2 . PHE A 1 122 ? 0.882   5.201   -8.781  1.00 15.30 ? 1413 PHE A CE2 1 
ATOM   833  C  CZ  . PHE A 1 122 ? 1.113   6.207   -9.694  1.00 16.58 ? 1413 PHE A CZ  1 
ATOM   834  N  N   . PHE A 1 123 ? 4.163   2.524   -6.559  1.00 10.25 ? 1414 PHE A N   1 
ATOM   835  C  CA  . PHE A 1 123 ? 3.910   2.912   -5.163  1.00 10.62 ? 1414 PHE A CA  1 
ATOM   836  C  C   . PHE A 1 123 ? 5.184   3.384   -4.467  1.00 10.13 ? 1414 PHE A C   1 
ATOM   837  O  O   . PHE A 1 123 ? 5.195   4.466   -3.829  1.00 10.76 ? 1414 PHE A O   1 
ATOM   838  C  CB  . PHE A 1 123 ? 3.266   1.754   -4.374  1.00 10.71 ? 1414 PHE A CB  1 
ATOM   839  C  CG  . PHE A 1 123 ? 3.123   2.046   -2.892  1.00 10.67 ? 1414 PHE A CG  1 
ATOM   840  C  CD1 . PHE A 1 123 ? 2.098   2.867   -2.455  1.00 11.33 ? 1414 PHE A CD1 1 
ATOM   841  C  CD2 . PHE A 1 123 ? 4.031   1.500   -1.983  1.00 11.48 ? 1414 PHE A CD2 1 
ATOM   842  C  CE1 . PHE A 1 123 ? 1.999   3.153   -1.091  1.00 11.15 ? 1414 PHE A CE1 1 
ATOM   843  C  CE2 . PHE A 1 123 ? 3.900   1.806   -0.627  1.00 12.21 ? 1414 PHE A CE2 1 
ATOM   844  C  CZ  . PHE A 1 123 ? 2.906   2.616   -0.212  1.00 11.54 ? 1414 PHE A CZ  1 
ATOM   845  N  N   . GLU A 1 124 ? 6.272   2.651   -4.582  1.00 10.32 ? 1415 GLU A N   1 
ATOM   846  C  CA  . GLU A 1 124 ? 7.512   3.029   -3.890  1.00 11.82 ? 1415 GLU A CA  1 
ATOM   847  C  C   . GLU A 1 124 ? 8.035   4.361   -4.432  1.00 11.54 ? 1415 GLU A C   1 
ATOM   848  O  O   . GLU A 1 124 ? 8.559   5.182   -3.654  1.00 13.28 ? 1415 GLU A O   1 
ATOM   849  C  CB  . GLU A 1 124 ? 8.569   1.934   -4.025  1.00 12.07 ? 1415 GLU A CB  1 
ATOM   850  C  CG  . GLU A 1 124 ? 8.203   0.633   -3.252  1.00 13.56 ? 1415 GLU A CG  1 
ATOM   851  C  CD  . GLU A 1 124 ? 8.090   0.735   -1.737  1.00 14.40 ? 1415 GLU A CD  1 
ATOM   852  O  OE1 . GLU A 1 124 ? 8.744   1.633   -1.155  1.00 16.68 ? 1415 GLU A OE1 1 
ATOM   853  O  OE2 . GLU A 1 124 ? 7.313   -0.038  -1.141  1.00 14.28 ? 1415 GLU A OE2 1 
ATOM   854  N  N   . GLU A 1 125 ? 7.918   4.592   -5.751  1.00 11.03 ? 1416 GLU A N   1 
ATOM   855  C  CA  . GLU A 1 125 ? 8.404   5.859   -6.342  1.00 12.50 ? 1416 GLU A CA  1 
ATOM   856  C  C   . GLU A 1 125 ? 7.670   7.039   -5.726  1.00 12.28 ? 1416 GLU A C   1 
ATOM   857  O  O   . GLU A 1 125 ? 8.286   8.101   -5.475  1.00 13.38 ? 1416 GLU A O   1 
ATOM   858  C  CB  . GLU A 1 125 ? 8.077   5.768   -7.827  1.00 12.52 ? 1416 GLU A CB  1 
ATOM   859  C  CG  . GLU A 1 125 ? 8.418   7.012   -8.657  1.00 13.66 ? 1416 GLU A CG  1 
ATOM   860  C  CD  . GLU A 1 125 ? 8.114   6.722   -10.115 1.00 13.88 ? 1416 GLU A CD  1 
ATOM   861  O  OE1 . GLU A 1 125 ? 8.868   5.860   -10.704 1.00 15.55 ? 1416 GLU A OE1 1 
ATOM   862  O  OE2 . GLU A 1 125 ? 7.104   7.222   -10.660 1.00 15.35 ? 1416 GLU A OE2 1 
ATOM   863  N  N   . HIS A 1 126 ? 6.393   6.904   -5.446  1.00 11.62 ? 1417 HIS A N   1 
ATOM   864  C  CA  . HIS A 1 126 ? 5.524   7.998   -4.965  1.00 13.22 ? 1417 HIS A CA  1 
ATOM   865  C  C   . HIS A 1 126 ? 5.496   8.112   -3.434  1.00 12.73 ? 1417 HIS A C   1 
ATOM   866  O  O   . HIS A 1 126 ? 5.366   9.239   -2.910  1.00 15.03 ? 1417 HIS A O   1 
ATOM   867  C  CB  . HIS A 1 126 ? 4.106   7.849   -5.533  1.00 14.57 ? 1417 HIS A CB  1 
ATOM   868  C  CG  . HIS A 1 126 ? 4.009   8.238   -6.968  1.00 17.28 ? 1417 HIS A CG  1 
ATOM   869  N  ND1 . HIS A 1 126 ? 4.517   7.498   -8.006  1.00 18.60 ? 1417 HIS A ND1 1 
ATOM   870  C  CD2 . HIS A 1 126 ? 3.345   9.281   -7.506  1.00 23.37 ? 1417 HIS A CD2 1 
ATOM   871  C  CE1 . HIS A 1 126 ? 4.338   8.213   -9.128  1.00 19.01 ? 1417 HIS A CE1 1 
ATOM   872  N  NE2 . HIS A 1 126 ? 3.507   9.197   -8.865  1.00 26.77 ? 1417 HIS A NE2 1 
ATOM   873  N  N   . ILE A 1 127 ? 5.633   7.016   -2.680  1.00 12.26 ? 1418 ILE A N   1 
ATOM   874  C  CA  . ILE A 1 127 ? 5.560   7.096   -1.203  1.00 12.10 ? 1418 ILE A CA  1 
ATOM   875  C  C   . ILE A 1 127 ? 6.845   7.657   -0.577  1.00 12.01 ? 1418 ILE A C   1 
ATOM   876  O  O   . ILE A 1 127 ? 6.798   8.165   0.567   1.00 11.63 ? 1418 ILE A O   1 
ATOM   877  C  CB  . ILE A 1 127 ? 5.179   5.720   -0.624  1.00 11.59 ? 1418 ILE A CB  1 
ATOM   878  C  CG1 . ILE A 1 127 ? 4.528   5.837   0.769   1.00 12.33 ? 1418 ILE A CG1 1 
ATOM   879  C  CG2 . ILE A 1 127 ? 6.374   4.791   -0.565  1.00 12.73 ? 1418 ILE A CG2 1 
ATOM   880  C  CD1 . ILE A 1 127 ? 3.250   6.560   0.801   1.00 13.53 ? 1418 ILE A CD1 1 
ATOM   881  N  N   A SER A 1 128 ? 7.967   7.564   -1.296  0.26 11.97 ? 1419 SER A N   1 
ATOM   882  N  N   B SER A 1 128 ? 7.983   7.574   -1.279  0.25 12.23 ? 1419 SER A N   1 
ATOM   883  C  CA  A SER A 1 128 ? 9.297   8.019   -0.828  0.26 12.78 ? 1419 SER A CA  1 
ATOM   884  C  CA  B SER A 1 128 ? 9.297   8.019   -0.748  0.25 13.19 ? 1419 SER A CA  1 
ATOM   885  C  C   A SER A 1 128 ? 9.229   9.430   -0.208  0.26 12.63 ? 1419 SER A C   1 
ATOM   886  C  C   B SER A 1 128 ? 9.215   9.446   -0.174  0.25 12.80 ? 1419 SER A C   1 
ATOM   887  O  O   A SER A 1 128 ? 9.660   9.606   0.944   0.26 12.81 ? 1419 SER A O   1 
ATOM   888  O  O   B SER A 1 128 ? 9.648   9.661   0.973   0.25 12.72 ? 1419 SER A O   1 
ATOM   889  C  CB  A SER A 1 128 ? 10.296  7.930   -1.966  0.26 13.74 ? 1419 SER A CB  1 
ATOM   890  C  CB  B SER A 1 128 ? 10.383  7.916   -1.793  0.25 14.63 ? 1419 SER A CB  1 
ATOM   891  O  OG  A SER A 1 128 ? 9.832   8.597   -3.129  0.26 15.53 ? 1419 SER A OG  1 
ATOM   892  O  OG  B SER A 1 128 ? 11.640  8.298   -1.228  0.25 16.43 ? 1419 SER A OG  1 
ATOM   893  N  N   . SER A 1 129 ? 8.677   10.396  -0.927  1.00 12.10 ? 1420 SER A N   1 
ATOM   894  C  CA  . SER A 1 129 ? 8.644   11.814  -0.481  1.00 13.65 ? 1420 SER A CA  1 
ATOM   895  C  C   . SER A 1 129 ? 7.630   11.964  0.661   1.00 12.75 ? 1420 SER A C   1 
ATOM   896  O  O   . SER A 1 129 ? 7.867   12.796  1.559   1.00 12.71 ? 1420 SER A O   1 
ATOM   897  C  CB  . SER A 1 129 ? 8.344   12.744  -1.619  1.00 15.41 ? 1420 SER A CB  1 
ATOM   898  O  OG  . SER A 1 129 ? 7.055   12.575  -2.148  1.00 21.47 ? 1420 SER A OG  1 
ATOM   899  N  N   . VAL A 1 130 ? 6.544   11.186  0.628   1.00 10.93 ? 1421 VAL A N   1 
ATOM   900  C  CA  . VAL A 1 130 ? 5.543   11.270  1.724   1.00 11.44 ? 1421 VAL A CA  1 
ATOM   901  C  C   . VAL A 1 130 ? 6.188   10.861  3.039   1.00 11.21 ? 1421 VAL A C   1 
ATOM   902  O  O   . VAL A 1 130 ? 6.037   11.562  4.086   1.00 11.53 ? 1421 VAL A O   1 
ATOM   903  C  CB  . VAL A 1 130 ? 4.348   10.372  1.413   1.00 10.57 ? 1421 VAL A CB  1 
ATOM   904  C  CG1 . VAL A 1 130 ? 3.361   10.390  2.595   1.00 11.10 ? 1421 VAL A CG1 1 
ATOM   905  C  CG2 . VAL A 1 130 ? 3.668   10.775  0.117   1.00 11.29 ? 1421 VAL A CG2 1 
ATOM   906  N  N   . LEU A 1 131 ? 6.974   9.789   3.047   1.00 11.51 ? 1422 LEU A N   1 
ATOM   907  C  CA  . LEU A 1 131 ? 7.665   9.323   4.268   1.00 11.22 ? 1422 LEU A CA  1 
ATOM   908  C  C   . LEU A 1 131 ? 8.735   10.317  4.709   1.00 11.39 ? 1422 LEU A C   1 
ATOM   909  O  O   . LEU A 1 131 ? 8.849   10.645  5.914   1.00 12.08 ? 1422 LEU A O   1 
ATOM   910  C  CB  . LEU A 1 131 ? 8.311   7.947   4.022   1.00 12.02 ? 1422 LEU A CB  1 
ATOM   911  C  CG  . LEU A 1 131 ? 7.338   6.801   3.779   1.00 12.69 ? 1422 LEU A CG  1 
ATOM   912  C  CD1 . LEU A 1 131 ? 8.076   5.569   3.267   1.00 14.05 ? 1422 LEU A CD1 1 
ATOM   913  C  CD2 . LEU A 1 131 ? 6.533   6.494   5.017   1.00 15.18 ? 1422 LEU A CD2 1 
ATOM   914  N  N   A SER A 1 132 ? 9.557   10.764  3.771   0.26 11.01 ? 1423 SER A N   1 
ATOM   915  N  N   B SER A 1 132 ? 9.518   10.803  3.760   0.25 12.86 ? 1423 SER A N   1 
ATOM   916  C  CA  A SER A 1 132 ? 10.634  11.736  4.090   0.26 10.85 ? 1423 SER A CA  1 
ATOM   917  C  CA  B SER A 1 132 ? 10.623  11.755  4.038   0.25 13.91 ? 1423 SER A CA  1 
ATOM   918  C  C   A SER A 1 132 ? 10.021  12.989  4.724   0.26 11.10 ? 1423 SER A C   1 
ATOM   919  C  C   B SER A 1 132 ? 10.085  13.065  4.637   0.25 12.72 ? 1423 SER A C   1 
ATOM   920  O  O   A SER A 1 132 ? 10.515  13.388  5.812   0.26 10.64 ? 1423 SER A O   1 
ATOM   921  O  O   B SER A 1 132 ? 10.685  13.624  5.584   0.25 11.55 ? 1423 SER A O   1 
ATOM   922  C  CB  A SER A 1 132 ? 11.460  12.096  2.881   0.26 10.72 ? 1423 SER A CB  1 
ATOM   923  C  CB  B SER A 1 132 ? 11.390  12.009  2.779   0.25 16.20 ? 1423 SER A CB  1 
ATOM   924  O  OG  A SER A 1 132 ? 12.171  10.972  2.398   0.26 9.87  ? 1423 SER A OG  1 
ATOM   925  O  OG  B SER A 1 132 ? 12.658  12.528  3.094   0.25 21.45 ? 1423 SER A OG  1 
ATOM   926  N  N   . ASP A 1 133 ? 8.987   13.570  4.094   1.00 11.91 ? 1424 ASP A N   1 
ATOM   927  C  CA  . ASP A 1 133 ? 8.397   14.832  4.602   1.00 11.85 ? 1424 ASP A CA  1 
ATOM   928  C  C   . ASP A 1 133 ? 7.818   14.615  5.993   1.00 10.81 ? 1424 ASP A C   1 
ATOM   929  O  O   . ASP A 1 133 ? 7.999   15.472  6.894   1.00 11.59 ? 1424 ASP A O   1 
ATOM   930  C  CB  . ASP A 1 133 ? 7.365   15.418  3.661   1.00 13.25 ? 1424 ASP A CB  1 
ATOM   931  C  CG  . ASP A 1 133 ? 7.870   15.964  2.343   1.00 17.92 ? 1424 ASP A CG  1 
ATOM   932  O  OD1 . ASP A 1 133 ? 9.099   15.989  2.102   1.00 18.65 ? 1424 ASP A OD1 1 
ATOM   933  O  OD2 . ASP A 1 133 ? 7.013   16.432  1.573   1.00 24.55 ? 1424 ASP A OD2 1 
ATOM   934  N  N   . TYR A 1 134 ? 7.135   13.503  6.235   1.00 10.37 ? 1425 TYR A N   1 
ATOM   935  C  CA  . TYR A 1 134 ? 6.555   13.221  7.552   1.00 10.29 ? 1425 TYR A CA  1 
ATOM   936  C  C   . TYR A 1 134 ? 7.658   13.144  8.592   1.00 11.34 ? 1425 TYR A C   1 
ATOM   937  O  O   . TYR A 1 134 ? 7.569   13.747  9.683   1.00 11.66 ? 1425 TYR A O   1 
ATOM   938  C  CB  . TYR A 1 134 ? 5.700   11.937  7.542   1.00 10.56 ? 1425 TYR A CB  1 
ATOM   939  C  CG  . TYR A 1 134 ? 5.178   11.560  8.886   1.00 11.65 ? 1425 TYR A CG  1 
ATOM   940  C  CD1 . TYR A 1 134 ? 4.096   12.229  9.443   1.00 12.67 ? 1425 TYR A CD1 1 
ATOM   941  C  CD2 . TYR A 1 134 ? 5.807   10.586  9.623   1.00 13.64 ? 1425 TYR A CD2 1 
ATOM   942  C  CE1 . TYR A 1 134 ? 3.607   11.892  10.682  1.00 14.38 ? 1425 TYR A CE1 1 
ATOM   943  C  CE2 . TYR A 1 134 ? 5.329   10.219  10.851  1.00 14.42 ? 1425 TYR A CE2 1 
ATOM   944  C  CZ  . TYR A 1 134 ? 4.239   10.875  11.368  1.00 14.35 ? 1425 TYR A CZ  1 
ATOM   945  O  OH  . TYR A 1 134 ? 3.726   10.533  12.601  1.00 17.99 ? 1425 TYR A OH  1 
ATOM   946  N  N   . LYS A 1 135 ? 8.716   12.366  8.327   1.00 11.54 ? 1426 LYS A N   1 
ATOM   947  C  CA  . LYS A 1 135 ? 9.753   12.151  9.362   1.00 11.04 ? 1426 LYS A CA  1 
ATOM   948  C  C   . LYS A 1 135 ? 10.482  13.480  9.639   1.00 10.84 ? 1426 LYS A C   1 
ATOM   949  O  O   . LYS A 1 135 ? 10.833  13.768  10.757  1.00 11.25 ? 1426 LYS A O   1 
ATOM   950  C  CB  . LYS A 1 135 ? 10.702  11.027  8.918   1.00 12.84 ? 1426 LYS A CB  1 
ATOM   951  C  CG  . LYS A 1 135 ? 10.003  9.654   8.843   1.00 13.83 ? 1426 LYS A CG  1 
ATOM   952  C  CD  . LYS A 1 135 ? 10.906  8.557   8.293   1.00 14.87 ? 1426 LYS A CD  1 
ATOM   953  C  CE  . LYS A 1 135 ? 10.243  7.192   8.292   1.00 18.60 ? 1426 LYS A CE  1 
ATOM   954  N  NZ  . LYS A 1 135 ? 11.245  6.111   8.125   1.00 23.49 ? 1426 LYS A NZ  1 
ATOM   955  N  N   A SER A 1 136 ? 10.693  14.267  8.592   0.26 10.47 ? 1427 SER A N   1 
ATOM   956  N  N   B SER A 1 136 ? 10.665  14.298  8.611   0.25 11.59 ? 1427 SER A N   1 
ATOM   957  C  CA  A SER A 1 136 ? 11.280  15.631  8.717   0.26 10.80 ? 1427 SER A CA  1 
ATOM   958  C  CA  B SER A 1 136 ? 11.337  15.615  8.786   0.25 12.63 ? 1427 SER A CA  1 
ATOM   959  C  C   A SER A 1 136 ? 10.404  16.495  9.638   0.26 11.20 ? 1427 SER A C   1 
ATOM   960  C  C   B SER A 1 136 ? 10.417  16.595  9.545   0.25 12.27 ? 1427 SER A C   1 
ATOM   961  O  O   A SER A 1 136 ? 10.929  17.148  10.571  0.26 10.25 ? 1427 SER A O   1 
ATOM   962  O  O   B SER A 1 136 ? 10.938  17.405  10.343  0.25 11.24 ? 1427 SER A O   1 
ATOM   963  C  CB  A SER A 1 136 ? 11.412  16.259  7.383   0.26 10.64 ? 1427 SER A CB  1 
ATOM   964  C  CB  B SER A 1 136 ? 11.848  16.139  7.481   0.25 14.22 ? 1427 SER A CB  1 
ATOM   965  O  OG  A SER A 1 136 ? 11.750  17.632  7.500   0.26 12.16 ? 1427 SER A OG  1 
ATOM   966  O  OG  B SER A 1 136 ? 10.822  16.657  6.664   0.25 18.33 ? 1427 SER A OG  1 
ATOM   967  N  N   . ALA A 1 137 ? 9.090   16.483  9.402   1.00 12.40 ? 1428 ALA A N   1 
ATOM   968  C  CA  . ALA A 1 137 ? 8.122   17.295  10.166  1.00 12.72 ? 1428 ALA A CA  1 
ATOM   969  C  C   . ALA A 1 137 ? 8.171   16.865  11.588  1.00 12.47 ? 1428 ALA A C   1 
ATOM   970  O  O   . ALA A 1 137 ? 8.149   17.744  12.491  1.00 13.88 ? 1428 ALA A O   1 
ATOM   971  C  CB  . ALA A 1 137 ? 6.718   17.126  9.652   1.00 12.92 ? 1428 ALA A CB  1 
ATOM   972  N  N   . LEU A 1 138 ? 8.275   15.572  11.926  1.00 12.20 ? 1429 LEU A N   1 
ATOM   973  C  CA  . LEU A 1 138 ? 8.328   15.143  13.327  1.00 14.34 ? 1429 LEU A CA  1 
ATOM   974  C  C   . LEU A 1 138 ? 9.626   15.616  13.949  1.00 12.58 ? 1429 LEU A C   1 
ATOM   975  O  O   . LEU A 1 138 ? 9.630   16.000  15.149  1.00 13.95 ? 1429 LEU A O   1 
ATOM   976  C  CB  . LEU A 1 138 ? 8.188   13.619  13.447  1.00 18.89 ? 1429 LEU A CB  1 
ATOM   977  C  CG  . LEU A 1 138 ? 7.062   13.061  14.288  1.00 26.39 ? 1429 LEU A CG  1 
ATOM   978  C  CD1 . LEU A 1 138 ? 5.727   13.760  14.131  1.00 25.67 ? 1429 LEU A CD1 1 
ATOM   979  C  CD2 . LEU A 1 138 ? 6.973   11.590  13.985  1.00 25.28 ? 1429 LEU A CD2 1 
ATOM   980  N  N   . ARG A 1 139 ? 10.733  15.495  13.199  1.00 11.67 ? 1430 ARG A N   1 
ATOM   981  C  CA  . ARG A 1 139 ? 12.014  15.944  13.775  1.00 12.06 ? 1430 ARG A CA  1 
ATOM   982  C  C   . ARG A 1 139 ? 11.937  17.455  14.075  1.00 10.93 ? 1430 ARG A C   1 
ATOM   983  O  O   . ARG A 1 139 ? 12.412  17.877  15.154  1.00 13.16 ? 1430 ARG A O   1 
ATOM   984  C  CB  . ARG A 1 139 ? 13.208  15.626  12.884  1.00 12.73 ? 1430 ARG A CB  1 
ATOM   985  C  CG  . ARG A 1 139 ? 13.520  14.142  12.733  1.00 12.45 ? 1430 ARG A CG  1 
ATOM   986  C  CD  . ARG A 1 139 ? 14.795  13.920  11.937  1.00 12.21 ? 1430 ARG A CD  1 
ATOM   987  N  NE  . ARG A 1 139 ? 14.768  14.292  10.547  1.00 12.41 ? 1430 ARG A NE  1 
ATOM   988  C  CZ  . ARG A 1 139 ? 14.456  13.522  9.497   1.00 11.38 ? 1430 ARG A CZ  1 
ATOM   989  N  NH1 . ARG A 1 139 ? 14.035  12.274  9.681   1.00 13.10 ? 1430 ARG A NH1 1 
ATOM   990  N  NH2 . ARG A 1 139 ? 14.591  14.020  8.273   1.00 13.30 ? 1430 ARG A NH2 1 
ATOM   991  N  N   . PHE A 1 140 ? 11.334  18.252  13.197  1.00 10.59 ? 1431 PHE A N   1 
ATOM   992  C  CA  . PHE A 1 140 ? 11.238  19.707  13.426  1.00 11.90 ? 1431 PHE A CA  1 
ATOM   993  C  C   . PHE A 1 140 ? 10.390  19.977  14.673  1.00 12.21 ? 1431 PHE A C   1 
ATOM   994  O  O   . PHE A 1 140 ? 10.726  20.809  15.504  1.00 12.92 ? 1431 PHE A O   1 
ATOM   995  C  CB  . PHE A 1 140 ? 10.660  20.392  12.196  1.00 11.41 ? 1431 PHE A CB  1 
ATOM   996  C  CG  . PHE A 1 140 ? 10.681  21.902  12.285  1.00 13.30 ? 1431 PHE A CG  1 
ATOM   997  C  CD1 . PHE A 1 140 ? 11.853  22.631  12.060  1.00 15.84 ? 1431 PHE A CD1 1 
ATOM   998  C  CD2 . PHE A 1 140 ? 9.553   22.616  12.620  1.00 14.79 ? 1431 PHE A CD2 1 
ATOM   999  C  CE1 . PHE A 1 140 ? 11.867  24.032  12.163  1.00 15.38 ? 1431 PHE A CE1 1 
ATOM   1000 C  CE2 . PHE A 1 140 ? 9.568   24.004  12.707  1.00 17.01 ? 1431 PHE A CE2 1 
ATOM   1001 C  CZ  . PHE A 1 140 ? 10.719  24.701  12.469  1.00 16.80 ? 1431 PHE A CZ  1 
ATOM   1002 N  N   . HIS A 1 141 ? 9.319   19.193  14.861  1.00 12.98 ? 1432 HIS A N   1 
ATOM   1003 C  CA  . HIS A 1 141 ? 8.451   19.331  16.069  1.00 14.81 ? 1432 HIS A CA  1 
ATOM   1004 C  C   . HIS A 1 141 ? 9.238   19.133  17.364  1.00 18.34 ? 1432 HIS A C   1 
ATOM   1005 O  O   . HIS A 1 141 ? 8.915   19.815  18.370  1.00 18.78 ? 1432 HIS A O   1 
ATOM   1006 C  CB  . HIS A 1 141 ? 7.263   18.383  15.929  1.00 15.79 ? 1432 HIS A CB  1 
ATOM   1007 C  CG  . HIS A 1 141 ? 6.214   18.671  16.959  1.00 14.92 ? 1432 HIS A CG  1 
ATOM   1008 N  ND1 . HIS A 1 141 ? 5.390   19.780  16.852  1.00 14.55 ? 1432 HIS A ND1 1 
ATOM   1009 C  CD2 . HIS A 1 141 ? 5.886   18.025  18.095  1.00 16.52 ? 1432 HIS A CD2 1 
ATOM   1010 C  CE1 . HIS A 1 141 ? 4.509   19.756  17.859  1.00 14.88 ? 1432 HIS A CE1 1 
ATOM   1011 N  NE2 . HIS A 1 141 ? 4.816   18.707  18.637  1.00 15.84 ? 1432 HIS A NE2 1 
ATOM   1012 N  N   . LYS A 1 142 ? 10.228  18.235  17.365  1.00 19.17 ? 1433 LYS A N   1 
ATOM   1013 C  CA  . LYS A 1 142 ? 11.063  17.897  18.554  1.00 21.38 ? 1433 LYS A CA  1 
ATOM   1014 C  C   . LYS A 1 142 ? 12.438  18.582  18.474  1.00 22.33 ? 1433 LYS A C   1 
ATOM   1015 O  O   . LYS A 1 142 ? 13.389  18.110  19.153  1.00 25.15 ? 1433 LYS A O   1 
ATOM   1016 C  CB  . LYS A 1 142 ? 11.155  16.369  18.634  1.00 23.70 ? 1433 LYS A CB  1 
ATOM   1017 C  CG  . LYS A 1 142 ? 9.806   15.672  18.489  1.00 23.92 ? 1433 LYS A CG  1 
ATOM   1018 C  CD  . LYS A 1 142 ? 9.870   14.199  18.153  1.00 24.71 ? 1433 LYS A CD  1 
ATOM   1019 C  CE  . LYS A 1 142 ? 8.854   13.800  17.106  1.00 24.40 ? 1433 LYS A CE  1 
ATOM   1020 N  NZ  . LYS A 1 142 ? 7.747   14.777  17.023  1.00 22.33 ? 1433 LYS A NZ  1 
ATOM   1021 N  N   . ARG A 1 143 ? 12.566  19.667  17.708  1.00 22.19 ? 1434 ARG A N   1 
ATOM   1022 C  CA  . ARG A 1 143 ? 13.874  20.356  17.511  1.00 24.66 ? 1434 ARG A CA  1 
ATOM   1023 C  C   . ARG A 1 143 ? 14.437  21.015  18.787  1.00 33.95 ? 1434 ARG A C   1 
ATOM   1024 O  O   . ARG A 1 143 ? 15.666  21.206  18.848  1.00 36.21 ? 1434 ARG A O   1 
ATOM   1025 C  CB  . ARG A 1 143 ? 13.815  21.351  16.361  1.00 22.31 ? 1434 ARG A CB  1 
ATOM   1026 C  CG  . ARG A 1 143 ? 12.981  22.572  16.702  1.00 19.82 ? 1434 ARG A CG  1 
ATOM   1027 C  CD  . ARG A 1 143 ? 12.739  23.372  15.471  1.00 21.09 ? 1434 ARG A CD  1 
ATOM   1028 N  NE  . ARG A 1 143 ? 12.004  24.588  15.759  1.00 20.18 ? 1434 ARG A NE  1 
ATOM   1029 C  CZ  . ARG A 1 143 ? 10.720  24.688  15.978  1.00 22.03 ? 1434 ARG A CZ  1 
ATOM   1030 N  NH1 . ARG A 1 143 ? 9.963   23.608  16.006  1.00 18.04 ? 1434 ARG A NH1 1 
ATOM   1031 N  NH2 . ARG A 1 143 ? 10.147  25.876  16.151  1.00 24.43 ? 1434 ARG A NH2 1 
ATOM   1032 N  N   . ASN A 1 144 ? 13.565  21.465  19.692  1.00 30.20 ? 1435 ASN A N   1 
ATOM   1033 C  CA  . ASN A 1 144 ? 13.936  22.186  20.943  1.00 32.21 ? 1435 ASN A CA  1 
ATOM   1034 C  C   . ASN A 1 144 ? 13.548  21.323  22.148  1.00 33.86 ? 1435 ASN A C   1 
ATOM   1035 O  O   . ASN A 1 144 ? 12.341  21.323  22.479  1.00 36.81 ? 1435 ASN A O   1 
ATOM   1036 C  CB  . ASN A 1 144 ? 13.263  23.560  21.040  1.00 31.41 ? 1435 ASN A CB  1 
ATOM   1037 C  CG  . ASN A 1 144 ? 13.639  24.493  19.908  1.00 30.79 ? 1435 ASN A CG  1 
ATOM   1038 O  OD1 . ASN A 1 144 ? 14.813  24.640  19.577  1.00 30.25 ? 1435 ASN A OD1 1 
ATOM   1039 N  ND2 . ASN A 1 144 ? 12.648  25.133  19.313  1.00 27.37 ? 1435 ASN A ND2 1 
HETATM 1040 N  N1  . ZIM B 2 .   ? -8.236  -10.682 -6.841  0.64 21.91 ? 1901 ZIM A N1  1 
HETATM 1041 N  N3  . ZIM B 2 .   ? -3.884  -13.005 -5.949  0.64 18.59 ? 1901 ZIM A N3  1 
HETATM 1042 C  C4  . ZIM B 2 .   ? -11.748 -9.582  -6.529  0.64 25.80 ? 1901 ZIM A C4  1 
HETATM 1043 C  C5  . ZIM B 2 .   ? -10.471 -9.999  -6.196  0.64 24.55 ? 1901 ZIM A C5  1 
HETATM 1044 C  C6  . ZIM B 2 .   ? -9.537  -10.253 -7.192  0.64 22.94 ? 1901 ZIM A C6  1 
HETATM 1045 C  C7  . ZIM B 2 .   ? -7.817  -11.985 -6.913  0.64 21.48 ? 1901 ZIM A C7  1 
HETATM 1046 C  C8  . ZIM B 2 .   ? -5.492  -11.235 -6.295  0.64 17.52 ? 1901 ZIM A C8  1 
HETATM 1047 C  C10 . ZIM B 2 .   ? -4.898  -14.042 -6.166  0.64 18.54 ? 1901 ZIM A C10 1 
HETATM 1048 C  C13 . ZIM B 2 .   ? -2.013  -13.973 -7.207  0.64 17.41 ? 1901 ZIM A C13 1 
HETATM 1049 C  C15 . ZIM B 2 .   ? -0.709  -15.196 -8.529  0.64 16.82 ? 1901 ZIM A C15 1 
HETATM 1050 CL CL1 . ZIM B 2 .   ? -8.772  -10.400 -9.807  0.64 21.89 ? 1901 ZIM A CL1 1 
HETATM 1051 C  C1  . ZIM B 2 .   ? -9.911  -10.090 -8.527  0.64 23.25 ? 1901 ZIM A C1  1 
HETATM 1052 C  C2  . ZIM B 2 .   ? -11.198 -9.673  -8.852  0.64 24.44 ? 1901 ZIM A C2  1 
HETATM 1053 C  C3  . ZIM B 2 .   ? -12.103 -9.411  -7.848  0.64 25.26 ? 1901 ZIM A C3  1 
HETATM 1054 O  O1  . ZIM B 2 .   ? -8.610  -12.891 -7.198  0.64 22.26 ? 1901 ZIM A O1  1 
HETATM 1055 N  N2  . ZIM B 2 .   ? -6.495  -12.226 -6.716  0.64 19.13 ? 1901 ZIM A N2  1 
HETATM 1056 C  C9  . ZIM B 2 .   ? -4.486  -11.825 -5.331  0.64 18.73 ? 1901 ZIM A C9  1 
HETATM 1057 C  C11 . ZIM B 2 .   ? -5.956  -13.528 -7.125  0.64 19.02 ? 1901 ZIM A C11 1 
HETATM 1058 C  C12 . ZIM B 2 .   ? -2.584  -13.032 -6.281  0.64 17.14 ? 1901 ZIM A C12 1 
HETATM 1059 O  O2  . ZIM B 2 .   ? -1.838  -12.150 -5.874  0.64 17.48 ? 1901 ZIM A O2  1 
HETATM 1060 C  C14 . ZIM B 2 .   ? -0.715  -14.222 -7.503  0.64 17.43 ? 1901 ZIM A C14 1 
HETATM 1061 C  C16 . ZIM B 2 .   ? -2.022  -15.481 -8.796  0.64 18.04 ? 1901 ZIM A C16 1 
HETATM 1062 O  O3  . ZIM B 2 .   ? -2.836  -14.733 -7.998  0.64 17.09 ? 1901 ZIM A O3  1 
HETATM 1063 O  O   . HOH C 3 .   ? -0.248  14.660  -3.288  0.52 29.48 ? 2001 HOH A O   1 
HETATM 1064 O  O   . HOH C 3 .   ? 16.398  24.219  17.844  1.00 45.13 ? 2002 HOH A O   1 
HETATM 1065 O  O   . HOH C 3 .   ? -10.672 -13.361 -6.040  0.64 33.26 ? 2003 HOH A O   1 
HETATM 1066 O  O   . HOH C 3 .   ? -7.895  -22.747 3.894   1.00 40.02 ? 2004 HOH A O   1 
HETATM 1067 O  O   . HOH C 3 .   ? 8.382   10.415  -3.905  1.00 19.19 ? 2005 HOH A O   1 
HETATM 1068 O  O   . HOH C 3 .   ? 11.766  6.057   5.725   1.00 42.32 ? 2006 HOH A O   1 
HETATM 1069 O  O   . HOH C 3 .   ? -0.043  10.161  14.607  1.00 31.67 ? 2007 HOH A O   1 
HETATM 1070 O  O   . HOH C 3 .   ? -3.703  -24.215 -5.338  0.64 23.37 ? 2008 HOH A O   1 
HETATM 1071 O  O   . HOH C 3 .   ? 11.952  -12.395 -6.741  1.00 36.34 ? 2009 HOH A O   1 
HETATM 1072 O  O   . HOH C 3 .   ? 1.738   11.698  13.603  1.00 35.41 ? 2010 HOH A O   1 
HETATM 1073 O  O   . HOH C 3 .   ? -13.958 -4.423  -0.183  0.64 29.98 ? 2011 HOH A O   1 
HETATM 1074 O  O   . HOH C 3 .   ? 7.152   21.314  19.382  1.00 36.20 ? 2012 HOH A O   1 
HETATM 1075 O  O   . HOH C 3 .   ? 10.248  24.436  19.785  1.00 40.51 ? 2013 HOH A O   1 
HETATM 1076 O  O   . HOH C 3 .   ? 0.795   -8.475  -16.402 1.00 30.38 ? 2014 HOH A O   1 
HETATM 1077 O  O   . HOH C 3 .   ? -13.784 -9.816  -2.777  0.64 31.82 ? 2015 HOH A O   1 
HETATM 1078 O  O   . HOH C 3 .   ? 4.389   -19.276 -0.661  1.00 20.47 ? 2016 HOH A O   1 
HETATM 1079 O  O   . HOH C 3 .   ? -10.740 10.324  9.092   1.00 16.59 ? 2017 HOH A O   1 
HETATM 1080 O  O   . HOH C 3 .   ? -2.226  -12.284 -2.924  1.00 14.30 ? 2018 HOH A O   1 
HETATM 1081 O  O   . HOH C 3 .   ? 14.083  18.729  7.708   1.00 23.28 ? 2019 HOH A O   1 
HETATM 1082 O  O   . HOH C 3 .   ? -3.541  -1.694  9.710   1.00 36.29 ? 2020 HOH A O   1 
HETATM 1083 O  O   . HOH C 3 .   ? -2.325  -24.938 -1.759  1.00 27.70 ? 2021 HOH A O   1 
HETATM 1084 O  O   . HOH C 3 .   ? -9.880  -6.744  -6.797  0.64 15.69 ? 2022 HOH A O   1 
HETATM 1085 O  O   . HOH C 3 .   ? 13.583  25.451  7.408   0.64 24.09 ? 2023 HOH A O   1 
HETATM 1086 O  O   . HOH C 3 .   ? 11.344  5.411   -9.916  1.00 21.28 ? 2024 HOH A O   1 
HETATM 1087 O  O   . HOH C 3 .   ? 4.429   4.965   13.119  1.00 31.03 ? 2025 HOH A O   1 
HETATM 1088 O  O   . HOH C 3 .   ? 4.574   11.589  -3.815  1.00 29.16 ? 2026 HOH A O   1 
HETATM 1089 O  O   . HOH C 3 .   ? 6.146   -2.139  -2.259  1.00 17.05 ? 2027 HOH A O   1 
HETATM 1090 O  O   . HOH C 3 .   ? -6.498  -8.882  7.136   1.00 26.69 ? 2028 HOH A O   1 
HETATM 1091 O  O   . HOH C 3 .   ? 1.059   8.712   19.641  1.00 35.67 ? 2029 HOH A O   1 
HETATM 1092 O  O   . HOH C 3 .   ? 8.647   -11.523 -13.133 0.60 20.42 ? 2030 HOH A O   1 
HETATM 1093 O  O   . HOH C 3 .   ? -8.141  13.726  5.099   1.00 26.60 ? 2031 HOH A O   1 
HETATM 1094 O  O   . HOH C 3 .   ? -4.648  -8.411  -2.322  1.00 18.40 ? 2032 HOH A O   1 
HETATM 1095 O  O   . HOH C 3 .   ? 11.753  15.538  2.301   1.00 33.91 ? 2033 HOH A O   1 
HETATM 1096 O  O   . HOH C 3 .   ? -4.485  -10.471 0.136   0.64 14.14 ? 2034 HOH A O   1 
HETATM 1097 O  O   . HOH C 3 .   ? -13.705 6.296   12.409  1.00 27.36 ? 2035 HOH A O   1 
HETATM 1098 O  O   . HOH C 3 .   ? 10.458  -11.350 -8.895  1.00 28.80 ? 2036 HOH A O   1 
HETATM 1099 O  O   . HOH C 3 .   ? 5.410   -18.402 -4.515  1.00 17.82 ? 2037 HOH A O   1 
HETATM 1100 O  O   . HOH C 3 .   ? 4.844   8.623   14.180  1.00 26.68 ? 2038 HOH A O   1 
HETATM 1101 O  O   . HOH C 3 .   ? -2.354  -4.881  -16.577 1.00 33.22 ? 2039 HOH A O   1 
HETATM 1102 O  O   . HOH C 3 .   ? 11.566  -15.770 -3.927  0.64 26.18 ? 2040 HOH A O   1 
HETATM 1103 O  O   . HOH C 3 .   ? 14.247  8.114   -2.014  1.00 41.88 ? 2041 HOH A O   1 
HETATM 1104 O  O   . HOH C 3 .   ? 5.854   21.447  14.737  1.00 14.53 ? 2042 HOH A O   1 
HETATM 1105 O  O   . HOH C 3 .   ? -3.413  -26.187 0.716   1.00 25.83 ? 2043 HOH A O   1 
HETATM 1106 O  O   . HOH C 3 .   ? 7.547   9.919   -10.807 1.00 25.44 ? 2044 HOH A O   1 
HETATM 1107 O  O   . HOH C 3 .   ? -4.091  0.385   11.521  1.00 22.55 ? 2045 HOH A O   1 
HETATM 1108 O  O   . HOH C 3 .   ? 5.587   -19.501 -15.748 0.64 26.91 ? 2046 HOH A O   1 
HETATM 1109 O  O   . HOH C 3 .   ? 2.952   -11.699 2.895   1.00 16.35 ? 2047 HOH A O   1 
HETATM 1110 O  O   . HOH C 3 .   ? 14.734  16.941  16.281  1.00 24.67 ? 2048 HOH A O   1 
HETATM 1111 O  O   . HOH C 3 .   ? 9.886   4.117   -1.410  1.00 17.29 ? 2049 HOH A O   1 
HETATM 1112 O  O   . HOH C 3 .   ? 6.742   20.105  12.494  1.00 14.91 ? 2050 HOH A O   1 
HETATM 1113 O  O   . HOH C 3 .   ? -14.328 8.351   8.886   1.00 41.92 ? 2051 HOH A O   1 
HETATM 1114 O  O   . HOH C 3 .   ? 5.084   -7.613  3.864   1.00 14.73 ? 2052 HOH A O   1 
HETATM 1115 O  O   . HOH C 3 .   ? 1.637   -0.676  -16.195 0.64 15.76 ? 2053 HOH A O   1 
HETATM 1116 O  O   . HOH C 3 .   ? 7.948   -5.293  -4.317  1.00 24.61 ? 2054 HOH A O   1 
HETATM 1117 O  O   . HOH C 3 .   ? -3.594  15.651  5.224   1.00 13.31 ? 2055 HOH A O   1 
HETATM 1118 O  O   . HOH C 3 .   ? 5.747   -11.968 -16.604 1.00 41.52 ? 2056 HOH A O   1 
HETATM 1119 O  O   . HOH C 3 .   ? 0.635   -5.168  8.088   1.00 29.37 ? 2057 HOH A O   1 
HETATM 1120 O  O   . HOH C 3 .   ? -1.357  17.182  2.248   1.00 21.63 ? 2058 HOH A O   1 
HETATM 1121 O  O   . HOH C 3 .   ? 4.768   -8.611  -5.285  1.00 14.45 ? 2059 HOH A O   1 
HETATM 1122 O  O   . HOH C 3 .   ? 8.752   -3.865  -8.162  1.00 23.81 ? 2060 HOH A O   1 
HETATM 1123 O  O   . HOH C 3 .   ? 11.581  7.893   1.983   1.00 19.82 ? 2061 HOH A O   1 
HETATM 1124 O  O   . HOH C 3 .   ? -10.266 -6.075  5.412   1.00 33.18 ? 2062 HOH A O   1 
HETATM 1125 O  O   . HOH C 3 .   ? 6.034   5.393   -12.462 1.00 14.02 ? 2063 HOH A O   1 
HETATM 1126 O  O   . HOH C 3 .   ? 0.277   12.072  -3.280  1.00 24.20 ? 2064 HOH A O   1 
HETATM 1127 O  O   . HOH C 3 .   ? 6.345   -6.279  -0.006  1.00 13.45 ? 2065 HOH A O   1 
HETATM 1128 O  O   . HOH C 3 .   ? 4.383   -5.472  5.404   1.00 14.73 ? 2066 HOH A O   1 
HETATM 1129 O  O   . HOH C 3 .   ? 12.547  11.311  -0.343  1.00 21.57 ? 2067 HOH A O   1 
HETATM 1130 O  O   . HOH C 3 .   ? 0.230   21.300  4.073   1.00 36.27 ? 2068 HOH A O   1 
HETATM 1131 O  O   . HOH C 3 .   ? -12.643 2.210   13.421  1.00 32.20 ? 2069 HOH A O   1 
HETATM 1132 O  O   . HOH C 3 .   ? -10.404 0.758   10.203  1.00 35.45 ? 2070 HOH A O   1 
HETATM 1133 O  O   . HOH C 3 .   ? 6.617   0.948   7.156   1.00 19.84 ? 2071 HOH A O   1 
HETATM 1134 O  O   . HOH C 3 .   ? -6.862  -8.860  -3.638  0.64 17.49 ? 2072 HOH A O   1 
HETATM 1135 O  O   . HOH C 3 .   ? -12.729 -2.337  -10.100 1.00 36.02 ? 2073 HOH A O   1 
HETATM 1136 O  O   . HOH C 3 .   ? 15.597  16.971  10.386  1.00 16.45 ? 2074 HOH A O   1 
HETATM 1137 O  O   . HOH C 3 .   ? 6.318   -6.960  -13.871 1.00 16.17 ? 2075 HOH A O   1 
HETATM 1138 O  O   . HOH C 3 .   ? -10.825 1.740   -10.022 0.64 20.67 ? 2076 HOH A O   1 
HETATM 1139 O  O   . HOH C 3 .   ? -4.025  -15.217 10.679  1.00 39.58 ? 2077 HOH A O   1 
HETATM 1140 O  O   . HOH C 3 .   ? -2.222  -9.620  -2.736  1.00 17.66 ? 2078 HOH A O   1 
HETATM 1141 O  O   . HOH C 3 .   ? 0.089   -1.285  9.470   1.00 20.78 ? 2079 HOH A O   1 
HETATM 1142 O  O   . HOH C 3 .   ? 4.200   13.808  4.398   1.00 11.44 ? 2080 HOH A O   1 
HETATM 1143 O  O   . HOH C 3 .   ? -13.798 -13.822 -0.527  1.00 34.65 ? 2081 HOH A O   1 
HETATM 1144 O  O   . HOH C 3 .   ? -8.043  13.767  -1.058  1.00 36.37 ? 2082 HOH A O   1 
HETATM 1145 O  O   . HOH C 3 .   ? 11.531  6.884   -4.624  1.00 34.62 ? 2083 HOH A O   1 
HETATM 1146 O  O   . HOH C 3 .   ? -6.790  -2.339  8.836   1.00 30.05 ? 2084 HOH A O   1 
HETATM 1147 O  O   . HOH C 3 .   ? -1.651  16.925  -0.586  0.52 28.40 ? 2085 HOH A O   1 
HETATM 1148 O  O   . HOH C 3 .   ? 11.077  8.335   -6.015  1.00 25.52 ? 2086 HOH A O   1 
HETATM 1149 O  O   . HOH C 3 .   ? 7.118   23.654  15.794  1.00 20.48 ? 2087 HOH A O   1 
HETATM 1150 O  O   . HOH C 3 .   ? 10.159  2.142   4.776   1.00 35.15 ? 2088 HOH A O   1 
HETATM 1151 O  O   . HOH C 3 .   ? -9.273  6.833   -8.760  1.00 24.18 ? 2089 HOH A O   1 
HETATM 1152 O  O   . HOH C 3 .   ? -8.396  -8.467  1.582   0.64 23.45 ? 2090 HOH A O   1 
HETATM 1153 O  O   . HOH C 3 .   ? 6.347   -12.925 -0.010  1.00 21.63 ? 2091 HOH A O   1 
HETATM 1154 O  O   . HOH C 3 .   ? -12.361 -3.830  2.667   1.00 38.81 ? 2092 HOH A O   1 
HETATM 1155 O  O   . HOH C 3 .   ? 4.767   0.899   -12.775 1.00 17.02 ? 2093 HOH A O   1 
HETATM 1156 O  O   . HOH C 3 .   ? 10.883  11.508  12.511  1.00 17.20 ? 2094 HOH A O   1 
HETATM 1157 O  O   . HOH C 3 .   ? -7.042  -14.716 -12.600 0.64 29.95 ? 2095 HOH A O   1 
HETATM 1158 O  O   . HOH C 3 .   ? -9.382  0.721   -18.153 1.00 23.94 ? 2096 HOH A O   1 
HETATM 1159 O  O   . HOH C 3 .   ? -8.510  13.797  9.050   1.00 17.24 ? 2097 HOH A O   1 
HETATM 1160 O  O   . HOH C 3 .   ? 0.051   -12.829 5.061   1.00 17.25 ? 2098 HOH A O   1 
HETATM 1161 O  O   . HOH C 3 .   ? 10.308  2.225   -7.587  1.00 21.70 ? 2099 HOH A O   1 
HETATM 1162 O  O   . HOH C 3 .   ? 11.436  10.985  -3.142  1.00 28.88 ? 2100 HOH A O   1 
HETATM 1163 O  O   . HOH C 3 .   ? 13.517  18.677  10.444  1.00 13.90 ? 2101 HOH A O   1 
HETATM 1164 O  O   . HOH C 3 .   ? -6.606  -5.063  -15.087 1.00 28.82 ? 2102 HOH A O   1 
HETATM 1165 O  O   . HOH C 3 .   ? 6.208   -5.999  -16.515 1.00 15.03 ? 2103 HOH A O   1 
HETATM 1166 O  O   . HOH C 3 .   ? -8.247  7.562   -1.884  1.00 29.98 ? 2104 HOH A O   1 
HETATM 1167 O  O   . HOH C 3 .   ? -8.650  -13.660 -10.222 0.64 24.38 ? 2105 HOH A O   1 
HETATM 1168 O  O   . HOH C 3 .   ? -4.639  -18.266 7.689   1.00 36.88 ? 2106 HOH A O   1 
HETATM 1169 O  O   . HOH C 3 .   ? -3.764  2.125   -16.286 1.00 31.08 ? 2107 HOH A O   1 
HETATM 1170 O  O   . HOH C 3 .   ? -0.895  14.459  14.195  1.00 23.07 ? 2108 HOH A O   1 
HETATM 1171 O  O   . HOH C 3 .   ? 9.083   -18.626 -12.055 0.64 25.47 ? 2109 HOH A O   1 
HETATM 1172 O  O   . HOH C 3 .   ? -5.814  7.286   9.307   1.00 12.28 ? 2110 HOH A O   1 
HETATM 1173 O  O   . HOH C 3 .   ? 9.991   3.537   8.651   1.00 29.03 ? 2111 HOH A O   1 
HETATM 1174 O  O   . HOH C 3 .   ? 9.136   -2.152  -5.945  1.00 20.15 ? 2112 HOH A O   1 
HETATM 1175 O  O   . HOH C 3 .   ? 10.588  21.939  19.464  1.00 37.27 ? 2113 HOH A O   1 
HETATM 1176 O  O   . HOH C 3 .   ? -9.039  7.076   2.395   0.52 18.35 ? 2114 HOH A O   1 
HETATM 1177 O  O   . HOH C 3 .   ? -2.230  18.531  6.600   1.00 17.73 ? 2115 HOH A O   1 
HETATM 1178 O  O   . HOH C 3 .   ? -11.618 -23.069 1.048   1.00 32.77 ? 2116 HOH A O   1 
HETATM 1179 O  O   . HOH C 3 .   ? 9.588   -9.071  -5.360  1.00 27.06 ? 2117 HOH A O   1 
HETATM 1180 O  O   . HOH C 3 .   ? -5.032  11.560  -7.262  1.00 29.30 ? 2118 HOH A O   1 
HETATM 1181 O  O   . HOH C 3 .   ? 13.478  10.665  12.081  1.00 18.21 ? 2119 HOH A O   1 
HETATM 1182 O  O   . HOH C 3 .   ? -11.475 -0.747  -13.616 0.64 29.82 ? 2120 HOH A O   1 
HETATM 1183 O  O   . HOH C 3 .   ? 4.589   17.390  2.952   1.00 19.45 ? 2121 HOH A O   1 
HETATM 1184 O  O   . HOH C 3 .   ? -8.226  2.368   -15.670 1.00 24.90 ? 2122 HOH A O   1 
HETATM 1185 O  O   . HOH C 3 .   ? -12.591 3.865   -6.249  1.00 33.27 ? 2123 HOH A O   1 
HETATM 1186 O  O   . HOH C 3 .   ? 11.016  3.067   2.704   1.00 27.95 ? 2124 HOH A O   1 
HETATM 1187 O  O   . HOH C 3 .   ? -2.663  6.421   -12.278 1.00 31.91 ? 2125 HOH A O   1 
HETATM 1188 O  O   . HOH C 3 .   ? 7.185   15.018  19.927  1.00 44.72 ? 2126 HOH A O   1 
HETATM 1189 O  O   . HOH C 3 .   ? 1.698   -0.007  -12.376 1.00 22.87 ? 2127 HOH A O   1 
HETATM 1190 O  O   . HOH C 3 .   ? -8.396  -20.933 2.119   1.00 34.01 ? 2128 HOH A O   1 
HETATM 1191 O  O   . HOH C 3 .   ? -1.973  -14.779 -12.656 1.00 16.98 ? 2129 HOH A O   1 
HETATM 1192 O  O   . HOH C 3 .   ? 3.153   14.716  6.875   1.00 12.26 ? 2130 HOH A O   1 
HETATM 1193 O  O   . HOH C 3 .   ? -12.267 4.969   14.017  0.52 19.38 ? 2131 HOH A O   1 
HETATM 1194 O  O   . HOH C 3 .   ? 13.621  6.251   -0.313  1.00 42.48 ? 2132 HOH A O   1 
HETATM 1195 O  O   . HOH C 3 .   ? -9.102  0.497   -14.042 1.00 33.84 ? 2133 HOH A O   1 
HETATM 1196 O  O   . HOH C 3 .   ? -1.589  0.193   -14.731 0.64 19.38 ? 2134 HOH A O   1 
HETATM 1197 O  O   . HOH C 3 .   ? -1.567  12.984  11.399  1.00 19.05 ? 2135 HOH A O   1 
HETATM 1198 O  O   . HOH C 3 .   ? -3.273  13.667  9.258   1.00 15.20 ? 2136 HOH A O   1 
HETATM 1199 O  O   . HOH C 3 .   ? -10.827 5.909   -6.843  1.00 31.67 ? 2137 HOH A O   1 
HETATM 1200 O  O   . HOH C 3 .   ? -2.416  -5.474  8.956   1.00 40.81 ? 2138 HOH A O   1 
HETATM 1201 O  O   . HOH C 3 .   ? 1.374   -15.266 4.965   1.00 26.65 ? 2139 HOH A O   1 
HETATM 1202 O  O   . HOH C 3 .   ? -12.482 1.603   0.399   1.00 30.45 ? 2140 HOH A O   1 
HETATM 1203 O  O   . HOH C 3 .   ? 5.272   14.391  0.110   1.00 29.77 ? 2141 HOH A O   1 
HETATM 1204 O  O   . HOH C 3 .   ? 2.546   4.665   15.373  1.00 29.62 ? 2142 HOH A O   1 
HETATM 1205 O  O   . HOH C 3 .   ? 1.439   17.556  -1.133  0.52 25.93 ? 2143 HOH A O   1 
HETATM 1206 O  O   . HOH C 3 .   ? 3.368   -18.570 2.153   0.64 25.76 ? 2144 HOH A O   1 
HETATM 1207 O  O   . HOH C 3 .   ? 7.112   -1.425  5.764   1.00 16.51 ? 2145 HOH A O   1 
HETATM 1208 O  O   . HOH C 3 .   ? 7.499   -15.703 -5.959  0.64 24.02 ? 2146 HOH A O   1 
HETATM 1209 O  O   . HOH C 3 .   ? -12.435 1.706   -2.421  1.00 34.20 ? 2147 HOH A O   1 
HETATM 1210 O  O   . HOH C 3 .   ? -13.056 -2.995  -7.488  0.64 29.25 ? 2148 HOH A O   1 
HETATM 1211 O  O   . HOH C 3 .   ? -6.336  -8.174  -19.687 0.64 24.72 ? 2149 HOH A O   1 
HETATM 1212 O  O   . HOH C 3 .   ? -8.745  -12.849 0.883   0.64 21.23 ? 2150 HOH A O   1 
HETATM 1213 O  O   . HOH C 3 .   ? 12.817  15.661  4.080   1.00 42.13 ? 2151 HOH A O   1 
HETATM 1214 O  O   . HOH C 3 .   ? 10.548  19.514  2.397   1.00 42.89 ? 2152 HOH A O   1 
HETATM 1215 O  O   . HOH C 3 .   ? -5.713  -5.552  -17.332 1.00 35.65 ? 2153 HOH A O   1 
HETATM 1216 O  O   . HOH C 3 .   ? -7.034  -10.352 0.131   0.64 16.23 ? 2154 HOH A O   1 
HETATM 1217 O  O   . HOH C 3 .   ? -11.509 1.481   -12.633 1.00 24.61 ? 2155 HOH A O   1 
HETATM 1218 O  O   . HOH C 3 .   ? 4.859   0.968   10.827  1.00 30.14 ? 2156 HOH A O   1 
HETATM 1219 O  O   . HOH C 3 .   ? 11.433  4.073   -5.614  1.00 38.41 ? 2157 HOH A O   1 
HETATM 1220 O  O   . HOH C 3 .   ? 7.126   -8.435  -1.611  1.00 15.17 ? 2158 HOH A O   1 
HETATM 1221 O  O   . HOH C 3 .   ? -9.769  17.007  -3.169  1.00 45.56 ? 2159 HOH A O   1 
HETATM 1222 O  O   . HOH C 3 .   ? 14.455  20.020  12.827  1.00 15.36 ? 2160 HOH A O   1 
HETATM 1223 O  O   . HOH C 3 .   ? 4.948   -13.448 2.437   0.64 21.24 ? 2161 HOH A O   1 
HETATM 1224 O  O   . HOH C 3 .   ? 1.692   -11.600 7.262   1.00 36.29 ? 2162 HOH A O   1 
HETATM 1225 O  O   . HOH C 3 .   ? 7.742   -9.226  -14.231 1.00 23.89 ? 2163 HOH A O   1 
HETATM 1226 O  O   . HOH C 3 .   ? -6.918  9.707   -10.168 1.00 47.33 ? 2164 HOH A O   1 
HETATM 1227 O  O   . HOH C 3 .   ? -13.613 -0.320  -12.365 1.00 28.53 ? 2165 HOH A O   1 
HETATM 1228 O  O   . HOH C 3 .   ? 11.065  5.243   0.872   1.00 19.16 ? 2166 HOH A O   1 
HETATM 1229 O  O   . HOH C 3 .   ? 8.618   -2.747  -12.351 1.00 24.46 ? 2167 HOH A O   1 
HETATM 1230 O  O   . HOH C 3 .   ? -1.195  -17.245 -11.520 0.64 35.89 ? 2168 HOH A O   1 
HETATM 1231 O  O   . HOH C 3 .   ? 11.016  12.245  15.188  1.00 32.61 ? 2169 HOH A O   1 
HETATM 1232 O  O   . HOH C 3 .   ? 16.107  18.694  14.621  1.00 38.29 ? 2170 HOH A O   1 
HETATM 1233 O  O   . HOH C 3 .   ? 0.462   19.430  1.855   1.00 44.25 ? 2171 HOH A O   1 
HETATM 1234 O  O   . HOH C 3 .   ? 10.245  -3.415  2.344   1.00 32.11 ? 2172 HOH A O   1 
HETATM 1235 O  O   . HOH C 3 .   ? 7.504   -15.337 -1.029  1.00 25.65 ? 2173 HOH A O   1 
HETATM 1236 O  O   . HOH C 3 .   ? 10.544  7.260   11.786  1.00 43.04 ? 2174 HOH A O   1 
HETATM 1237 O  O   . HOH C 3 .   ? -1.097  -0.509  -17.119 1.00 38.36 ? 2175 HOH A O   1 
HETATM 1238 O  O   . HOH C 3 .   ? 7.615   -4.196  -1.310  1.00 20.64 ? 2176 HOH A O   1 
HETATM 1239 O  O   . HOH C 3 .   ? 12.820  14.528  -0.325  1.00 27.28 ? 2177 HOH A O   1 
HETATM 1240 O  O   . HOH C 3 .   ? 8.624   14.359  -5.418  1.00 44.25 ? 2178 HOH A O   1 
HETATM 1241 O  O   . HOH C 3 .   ? 8.142   3.002   6.204   1.00 26.64 ? 2179 HOH A O   1 
HETATM 1242 O  O   . HOH C 3 .   ? -2.293  12.970  -7.441  1.00 36.75 ? 2180 HOH A O   1 
HETATM 1243 O  O   . HOH C 3 .   ? -10.278 11.439  -8.220  1.00 31.98 ? 2181 HOH A O   1 
HETATM 1244 O  O   . HOH C 3 .   ? 2.141   10.724  -5.022  1.00 33.12 ? 2182 HOH A O   1 
HETATM 1245 O  O   . HOH C 3 .   ? -8.798  14.129  -6.754  1.00 40.59 ? 2183 HOH A O   1 
HETATM 1246 O  O   . HOH C 3 .   ? -13.150 -19.212 -10.256 0.64 40.26 ? 2184 HOH A O   1 
HETATM 1247 O  O   . HOH C 3 .   ? 7.384   -6.701  2.543   1.00 18.08 ? 2185 HOH A O   1 
HETATM 1248 O  O   . HOH C 3 .   ? -12.402 1.119   -8.369  0.64 34.77 ? 2186 HOH A O   1 
HETATM 1249 O  O   . HOH C 3 .   ? 5.357   -7.590  9.377   1.00 30.73 ? 2187 HOH A O   1 
HETATM 1250 O  O   . HOH C 3 .   ? -8.865  6.635   -14.138 1.00 31.28 ? 2188 HOH A O   1 
HETATM 1251 O  O   . HOH C 3 .   ? -3.248  18.137  3.903   1.00 23.90 ? 2189 HOH A O   1 
HETATM 1252 O  O   . HOH C 3 .   ? -13.505 1.440   -5.919  0.64 28.26 ? 2190 HOH A O   1 
HETATM 1253 O  O   . HOH C 3 .   ? 7.233   -7.916  -4.365  1.00 13.91 ? 2191 HOH A O   1 
HETATM 1254 O  O   . HOH C 3 .   ? 10.609  -11.376 -11.336 1.00 34.50 ? 2192 HOH A O   1 
HETATM 1255 O  O   . HOH C 3 .   ? -6.198  15.340  6.139   1.00 19.86 ? 2193 HOH A O   1 
HETATM 1256 O  O   . HOH C 3 .   ? 5.889   2.738   12.256  1.00 40.58 ? 2194 HOH A O   1 
HETATM 1257 O  O   . HOH C 3 .   ? 3.278   -6.806  7.553   1.00 24.51 ? 2195 HOH A O   1 
HETATM 1258 O  O   . HOH C 3 .   ? 8.584   -5.427  -12.865 1.00 32.08 ? 2196 HOH A O   1 
HETATM 1259 O  O   . HOH C 3 .   ? 11.144  -8.106  -7.185  1.00 34.16 ? 2197 HOH A O   1 
HETATM 1260 O  O   . HOH C 3 .   ? 11.868  4.170   -7.697  1.00 27.99 ? 2198 HOH A O   1 
HETATM 1261 O  O   . HOH C 3 .   ? 2.586   13.301  -2.354  0.52 21.55 ? 2199 HOH A O   1 
HETATM 1262 O  O   . HOH C 3 .   ? -9.694  -9.348  3.924   1.00 36.56 ? 2200 HOH A O   1 
HETATM 1263 O  O   . HOH C 3 .   ? 13.319  13.352  16.290  1.00 39.98 ? 2201 HOH A O   1 
HETATM 1264 O  O   . HOH C 3 .   ? 12.158  1.709   7.090   1.00 52.12 ? 2202 HOH A O   1 
HETATM 1265 O  O   . HOH C 3 .   ? -13.109 -20.633 2.597   1.00 60.30 ? 2203 HOH A O   1 
HETATM 1266 O  O   . HOH C 3 .   ? -10.221 -12.126 3.137   0.64 28.95 ? 2204 HOH A O   1 
HETATM 1267 O  O   . HOH C 3 .   ? -5.704  15.469  9.447   0.50 11.33 ? 2205 HOH A O   1 
HETATM 1268 O  O   . HOH C 3 .   ? -9.950  19.512  -3.665  1.00 26.29 ? 2206 HOH A O   1 
HETATM 1269 O  O   . HOH C 3 .   ? 6.723   15.712  -5.615  1.00 46.50 ? 2207 HOH A O   1 
HETATM 1270 O  O   . HOH C 3 .   ? 10.896  -0.212  -5.985  1.00 29.62 ? 2208 HOH A O   1 
HETATM 1271 O  O   . HOH C 3 .   ? -10.443 6.756   -11.903 1.00 32.26 ? 2209 HOH A O   1 
HETATM 1272 O  O   . HOH C 3 .   ? -7.083  -4.670  8.463   1.00 36.92 ? 2210 HOH A O   1 
HETATM 1273 O  O   . HOH C 3 .   ? 15.222  10.919  14.097  1.00 32.54 ? 2211 HOH A O   1 
HETATM 1274 O  O   . HOH C 3 .   ? 11.229  13.610  -4.407  1.00 40.61 ? 2212 HOH A O   1 
HETATM 1275 O  O   . HOH C 3 .   ? 10.678  -5.837  -8.524  1.00 37.82 ? 2213 HOH A O   1 
HETATM 1276 O  O   . HOH C 3 .   ? 9.135   9.162   12.298  1.00 26.25 ? 2214 HOH A O   1 
# 
